data_4W81
# 
_entry.id   4W81 
# 
_audit_conform.dict_name       mmcif_pdbx.dic 
_audit_conform.dict_version    5.379 
_audit_conform.dict_location   http://mmcif.pdb.org/dictionaries/ascii/mmcif_pdbx.dic 
# 
loop_
_database_2.database_id 
_database_2.database_code 
_database_2.pdbx_database_accession 
_database_2.pdbx_DOI 
PDB   4W81         pdb_00004w81 10.2210/pdb4w81/pdb 
WWPDB D_1000203362 ?            ?                   
# 
loop_
_pdbx_database_related.db_name 
_pdbx_database_related.details 
_pdbx_database_related.db_id 
_pdbx_database_related.content_type 
PDB 'The same protein produced in the cytoplasm crystallized at pH 8.0 (homodimeric)' 4W68 unspecified 
PDB 'The same protein at pH 7.0 produced in the periplasm (monomeric)'                4W70 unspecified 
# 
_pdbx_database_status.status_code                     REL 
_pdbx_database_status.status_code_sf                  REL 
_pdbx_database_status.status_code_mr                  ? 
_pdbx_database_status.entry_id                        4W81 
_pdbx_database_status.recvd_initial_deposition_date   2014-08-22 
_pdbx_database_status.SG_entry                        N 
_pdbx_database_status.deposit_site                    RCSB 
_pdbx_database_status.process_site                    RCSB 
_pdbx_database_status.status_code_cs                  ? 
_pdbx_database_status.methods_development_category    ? 
_pdbx_database_status.pdb_format_compatible           Y 
_pdbx_database_status.status_code_nmr_data            ? 
# 
loop_
_audit_author.name 
_audit_author.pdbx_ordinal 
'George, J.'   1 
'Legler, P.M.' 2 
# 
_citation.abstract                  ? 
_citation.abstract_id_CAS           ? 
_citation.book_id_ISBN              ? 
_citation.book_publisher            ? 
_citation.book_publisher_city       ? 
_citation.book_title                ? 
_citation.coordinate_linkage        ? 
_citation.country                   US 
_citation.database_id_Medline       ? 
_citation.details                   ? 
_citation.id                        primary 
_citation.journal_abbrev            Proteins 
_citation.journal_id_ASTM           PSFGEY 
_citation.journal_id_CSD            0867 
_citation.journal_id_ISSN           1097-0134 
_citation.journal_full              ? 
_citation.journal_issue             ? 
_citation.journal_volume            82 
_citation.language                  ? 
_citation.page_first                3101 
_citation.page_last                 3116 
_citation.title                     
;Structural and mutational analysis of a monomeric and dimeric form of a single domain antibody with implications for protein misfolding.
;
_citation.year                      2014 
_citation.database_id_CSD           ? 
_citation.pdbx_database_id_DOI      10.1002/prot.24671 
_citation.pdbx_database_id_PubMed   25136772 
_citation.unpublished_flag          ? 
# 
loop_
_citation_author.citation_id 
_citation_author.name 
_citation_author.ordinal 
_citation_author.identifier_ORCID 
primary 'George, J.'    1 ? 
primary 'Compton, J.R.' 2 ? 
primary 'Leary, D.H.'   3 ? 
primary 'Olson, M.A.'   4 ? 
primary 'Legler, P.M.'  5 ? 
# 
_cell.entry_id           4W81 
_cell.length_a           87.499 
_cell.length_b           87.499 
_cell.length_c           46.787 
_cell.angle_alpha        90.00 
_cell.angle_beta         90.00 
_cell.angle_gamma        120.00 
_cell.Z_PDB              9 
_cell.pdbx_unique_axis   ? 
# 
_symmetry.entry_id                         4W81 
_symmetry.cell_setting                     ? 
_symmetry.Int_Tables_number                146 
_symmetry.space_group_name_Hall            ? 
_symmetry.space_group_name_H-M             'H 3' 
_symmetry.pdbx_full_space_group_name_H-M   ? 
# 
loop_
_entity.id 
_entity.type 
_entity.src_method 
_entity.pdbx_description 
_entity.formula_weight 
_entity.pdbx_number_of_molecules 
_entity.pdbx_ec 
_entity.pdbx_mutation 
_entity.pdbx_fragment 
_entity.details 
1 polymer     man 'Single Domain Antibody' 15424.171 1  ? ? ? ? 
2 non-polymer syn 'SULFATE ION'            96.063    1  ? ? ? ? 
3 water       nat water                    18.015    52 ? ? ? ? 
# 
_entity_poly.entity_id                      1 
_entity_poly.type                           'polypeptide(L)' 
_entity_poly.nstd_linkage                   no 
_entity_poly.nstd_monomer                   no 
_entity_poly.pdbx_seq_one_letter_code       
;MAEVQLVESGGGLVQAGDSLRLSATASGRTFSRAVMGWFRQAPGKEREFVAAISAAPGTAYYAFYADSVRGRFSISADSA
KNTVYLQMNSLKPEDTAVYYVAADLKMQVAAYMNQRSVDYWGQGTQVTVSSAAALEHHHHHH
;
_entity_poly.pdbx_seq_one_letter_code_can   
;MAEVQLVESGGGLVQAGDSLRLSATASGRTFSRAVMGWFRQAPGKEREFVAAISAAPGTAYYAFYADSVRGRFSISADSA
KNTVYLQMNSLKPEDTAVYYVAADLKMQVAAYMNQRSVDYWGQGTQVTVSSAAALEHHHHHH
;
_entity_poly.pdbx_strand_id                 A 
_entity_poly.pdbx_target_identifier         ? 
# 
loop_
_entity_poly_seq.entity_id 
_entity_poly_seq.num 
_entity_poly_seq.mon_id 
_entity_poly_seq.hetero 
1 1   MET n 
1 2   ALA n 
1 3   GLU n 
1 4   VAL n 
1 5   GLN n 
1 6   LEU n 
1 7   VAL n 
1 8   GLU n 
1 9   SER n 
1 10  GLY n 
1 11  GLY n 
1 12  GLY n 
1 13  LEU n 
1 14  VAL n 
1 15  GLN n 
1 16  ALA n 
1 17  GLY n 
1 18  ASP n 
1 19  SER n 
1 20  LEU n 
1 21  ARG n 
1 22  LEU n 
1 23  SER n 
1 24  ALA n 
1 25  THR n 
1 26  ALA n 
1 27  SER n 
1 28  GLY n 
1 29  ARG n 
1 30  THR n 
1 31  PHE n 
1 32  SER n 
1 33  ARG n 
1 34  ALA n 
1 35  VAL n 
1 36  MET n 
1 37  GLY n 
1 38  TRP n 
1 39  PHE n 
1 40  ARG n 
1 41  GLN n 
1 42  ALA n 
1 43  PRO n 
1 44  GLY n 
1 45  LYS n 
1 46  GLU n 
1 47  ARG n 
1 48  GLU n 
1 49  PHE n 
1 50  VAL n 
1 51  ALA n 
1 52  ALA n 
1 53  ILE n 
1 54  SER n 
1 55  ALA n 
1 56  ALA n 
1 57  PRO n 
1 58  GLY n 
1 59  THR n 
1 60  ALA n 
1 61  TYR n 
1 62  TYR n 
1 63  ALA n 
1 64  PHE n 
1 65  TYR n 
1 66  ALA n 
1 67  ASP n 
1 68  SER n 
1 69  VAL n 
1 70  ARG n 
1 71  GLY n 
1 72  ARG n 
1 73  PHE n 
1 74  SER n 
1 75  ILE n 
1 76  SER n 
1 77  ALA n 
1 78  ASP n 
1 79  SER n 
1 80  ALA n 
1 81  LYS n 
1 82  ASN n 
1 83  THR n 
1 84  VAL n 
1 85  TYR n 
1 86  LEU n 
1 87  GLN n 
1 88  MET n 
1 89  ASN n 
1 90  SER n 
1 91  LEU n 
1 92  LYS n 
1 93  PRO n 
1 94  GLU n 
1 95  ASP n 
1 96  THR n 
1 97  ALA n 
1 98  VAL n 
1 99  TYR n 
1 100 TYR n 
1 101 VAL n 
1 102 ALA n 
1 103 ALA n 
1 104 ASP n 
1 105 LEU n 
1 106 LYS n 
1 107 MET n 
1 108 GLN n 
1 109 VAL n 
1 110 ALA n 
1 111 ALA n 
1 112 TYR n 
1 113 MET n 
1 114 ASN n 
1 115 GLN n 
1 116 ARG n 
1 117 SER n 
1 118 VAL n 
1 119 ASP n 
1 120 TYR n 
1 121 TRP n 
1 122 GLY n 
1 123 GLN n 
1 124 GLY n 
1 125 THR n 
1 126 GLN n 
1 127 VAL n 
1 128 THR n 
1 129 VAL n 
1 130 SER n 
1 131 SER n 
1 132 ALA n 
1 133 ALA n 
1 134 ALA n 
1 135 LEU n 
1 136 GLU n 
1 137 HIS n 
1 138 HIS n 
1 139 HIS n 
1 140 HIS n 
1 141 HIS n 
1 142 HIS n 
# 
_entity_src_gen.entity_id                          1 
_entity_src_gen.pdbx_src_id                        1 
_entity_src_gen.pdbx_alt_source_flag               sample 
_entity_src_gen.pdbx_seq_type                      'Biological sequence' 
_entity_src_gen.pdbx_beg_seq_num                   1 
_entity_src_gen.pdbx_end_seq_num                   142 
_entity_src_gen.gene_src_common_name               ? 
_entity_src_gen.gene_src_genus                     ? 
_entity_src_gen.pdbx_gene_src_gene                 ? 
_entity_src_gen.gene_src_species                   ? 
_entity_src_gen.gene_src_strain                    ? 
_entity_src_gen.gene_src_tissue                    ? 
_entity_src_gen.gene_src_tissue_fraction           ? 
_entity_src_gen.gene_src_details                   ? 
_entity_src_gen.pdbx_gene_src_fragment             ? 
_entity_src_gen.pdbx_gene_src_scientific_name      'Lama glama' 
_entity_src_gen.pdbx_gene_src_ncbi_taxonomy_id     9844 
_entity_src_gen.pdbx_gene_src_variant              ? 
_entity_src_gen.pdbx_gene_src_cell_line            ? 
_entity_src_gen.pdbx_gene_src_atcc                 ? 
_entity_src_gen.pdbx_gene_src_organ                ? 
_entity_src_gen.pdbx_gene_src_organelle            ? 
_entity_src_gen.pdbx_gene_src_cell                 ? 
_entity_src_gen.pdbx_gene_src_cellular_location    ? 
_entity_src_gen.host_org_common_name               ? 
_entity_src_gen.pdbx_host_org_scientific_name      'Escherichia coli' 
_entity_src_gen.pdbx_host_org_ncbi_taxonomy_id     562 
_entity_src_gen.host_org_genus                     ? 
_entity_src_gen.pdbx_host_org_gene                 ? 
_entity_src_gen.pdbx_host_org_organ                ? 
_entity_src_gen.host_org_species                   ? 
_entity_src_gen.pdbx_host_org_tissue               ? 
_entity_src_gen.pdbx_host_org_tissue_fraction      ? 
_entity_src_gen.pdbx_host_org_strain               ? 
_entity_src_gen.pdbx_host_org_variant              ? 
_entity_src_gen.pdbx_host_org_cell_line            ? 
_entity_src_gen.pdbx_host_org_atcc                 ? 
_entity_src_gen.pdbx_host_org_culture_collection   ? 
_entity_src_gen.pdbx_host_org_cell                 ? 
_entity_src_gen.pdbx_host_org_organelle            ? 
_entity_src_gen.pdbx_host_org_cellular_location    ? 
_entity_src_gen.pdbx_host_org_vector_type          plasmid 
_entity_src_gen.pdbx_host_org_vector               ? 
_entity_src_gen.host_org_details                   Periplasmic 
_entity_src_gen.expression_system_id               ? 
_entity_src_gen.plasmid_name                       pet22 
_entity_src_gen.plasmid_details                    ? 
_entity_src_gen.pdbx_description                   ? 
# 
_struct_ref.id                         1 
_struct_ref.db_name                    PDB 
_struct_ref.db_code                    4W81 
_struct_ref.pdbx_db_accession          4W81 
_struct_ref.pdbx_db_isoform            ? 
_struct_ref.entity_id                  1 
_struct_ref.pdbx_seq_one_letter_code   ? 
_struct_ref.pdbx_align_begin           1 
# 
_struct_ref_seq.align_id                      1 
_struct_ref_seq.ref_id                        1 
_struct_ref_seq.pdbx_PDB_id_code              4W81 
_struct_ref_seq.pdbx_strand_id                A 
_struct_ref_seq.seq_align_beg                 1 
_struct_ref_seq.pdbx_seq_align_beg_ins_code   ? 
_struct_ref_seq.seq_align_end                 142 
_struct_ref_seq.pdbx_seq_align_end_ins_code   ? 
_struct_ref_seq.pdbx_db_accession             4W81 
_struct_ref_seq.db_align_beg                  -1 
_struct_ref_seq.pdbx_db_align_beg_ins_code    ? 
_struct_ref_seq.db_align_end                  140 
_struct_ref_seq.pdbx_db_align_end_ins_code    ? 
_struct_ref_seq.pdbx_auth_seq_align_beg       -1 
_struct_ref_seq.pdbx_auth_seq_align_end       140 
# 
loop_
_chem_comp.id 
_chem_comp.type 
_chem_comp.mon_nstd_flag 
_chem_comp.name 
_chem_comp.pdbx_synonyms 
_chem_comp.formula 
_chem_comp.formula_weight 
ALA 'L-peptide linking' y ALANINE         ? 'C3 H7 N O2'     89.093  
ARG 'L-peptide linking' y ARGININE        ? 'C6 H15 N4 O2 1' 175.209 
ASN 'L-peptide linking' y ASPARAGINE      ? 'C4 H8 N2 O3'    132.118 
ASP 'L-peptide linking' y 'ASPARTIC ACID' ? 'C4 H7 N O4'     133.103 
GLN 'L-peptide linking' y GLUTAMINE       ? 'C5 H10 N2 O3'   146.144 
GLU 'L-peptide linking' y 'GLUTAMIC ACID' ? 'C5 H9 N O4'     147.129 
GLY 'peptide linking'   y GLYCINE         ? 'C2 H5 N O2'     75.067  
HIS 'L-peptide linking' y HISTIDINE       ? 'C6 H10 N3 O2 1' 156.162 
HOH non-polymer         . WATER           ? 'H2 O'           18.015  
ILE 'L-peptide linking' y ISOLEUCINE      ? 'C6 H13 N O2'    131.173 
LEU 'L-peptide linking' y LEUCINE         ? 'C6 H13 N O2'    131.173 
LYS 'L-peptide linking' y LYSINE          ? 'C6 H15 N2 O2 1' 147.195 
MET 'L-peptide linking' y METHIONINE      ? 'C5 H11 N O2 S'  149.211 
PHE 'L-peptide linking' y PHENYLALANINE   ? 'C9 H11 N O2'    165.189 
PRO 'L-peptide linking' y PROLINE         ? 'C5 H9 N O2'     115.130 
SER 'L-peptide linking' y SERINE          ? 'C3 H7 N O3'     105.093 
SO4 non-polymer         . 'SULFATE ION'   ? 'O4 S -2'        96.063  
THR 'L-peptide linking' y THREONINE       ? 'C4 H9 N O3'     119.119 
TRP 'L-peptide linking' y TRYPTOPHAN      ? 'C11 H12 N2 O2'  204.225 
TYR 'L-peptide linking' y TYROSINE        ? 'C9 H11 N O3'    181.189 
VAL 'L-peptide linking' y VALINE          ? 'C5 H11 N O2'    117.146 
# 
_exptl.absorpt_coefficient_mu     ? 
_exptl.absorpt_correction_T_max   ? 
_exptl.absorpt_correction_T_min   ? 
_exptl.absorpt_correction_type    ? 
_exptl.absorpt_process_details    ? 
_exptl.entry_id                   4W81 
_exptl.crystals_number            ? 
_exptl.details                    ? 
_exptl.method                     'X-RAY DIFFRACTION' 
_exptl.method_details             ? 
# 
_exptl_crystal.colour                      ? 
_exptl_crystal.density_diffrn              ? 
_exptl_crystal.density_Matthews            2.4 
_exptl_crystal.density_method              ? 
_exptl_crystal.density_percent_sol         48.74 
_exptl_crystal.description                 'Three-sided pyramid' 
_exptl_crystal.F_000                       ? 
_exptl_crystal.id                          1 
_exptl_crystal.preparation                 ? 
_exptl_crystal.size_max                    ? 
_exptl_crystal.size_mid                    ? 
_exptl_crystal.size_min                    ? 
_exptl_crystal.size_rad                    ? 
_exptl_crystal.colour_lustre               ? 
_exptl_crystal.colour_modifier             ? 
_exptl_crystal.colour_primary              ? 
_exptl_crystal.density_meas                ? 
_exptl_crystal.density_meas_esd            ? 
_exptl_crystal.density_meas_gt             ? 
_exptl_crystal.density_meas_lt             ? 
_exptl_crystal.density_meas_temp           ? 
_exptl_crystal.density_meas_temp_esd       ? 
_exptl_crystal.density_meas_temp_gt        ? 
_exptl_crystal.density_meas_temp_lt        ? 
_exptl_crystal.pdbx_crystal_image_url      ? 
_exptl_crystal.pdbx_crystal_image_format   ? 
_exptl_crystal.pdbx_mosaicity              ? 
_exptl_crystal.pdbx_mosaicity_esd          ? 
# 
_exptl_crystal_grow.apparatus       ? 
_exptl_crystal_grow.atmosphere      ? 
_exptl_crystal_grow.crystal_id      1 
_exptl_crystal_grow.details         ? 
_exptl_crystal_grow.method          'VAPOR DIFFUSION, HANGING DROP' 
_exptl_crystal_grow.method_ref      ? 
_exptl_crystal_grow.pH              8.0 
_exptl_crystal_grow.pressure        ? 
_exptl_crystal_grow.pressure_esd    ? 
_exptl_crystal_grow.seeding         ? 
_exptl_crystal_grow.seeding_ref     ? 
_exptl_crystal_grow.temp            290 
_exptl_crystal_grow.temp_details    ? 
_exptl_crystal_grow.temp_esd        ? 
_exptl_crystal_grow.time            ? 
_exptl_crystal_grow.pdbx_details    
;Hampton Ammonium Sulfate Grid Screen condition B5 
0.1 M Tris pH 8.0, 1.6 M Ammonium Sulfate
;
_exptl_crystal_grow.pdbx_pH_range   ? 
# 
_diffrn.ambient_environment    ? 
_diffrn.ambient_temp           150 
_diffrn.ambient_temp_details   ? 
_diffrn.ambient_temp_esd       ? 
_diffrn.crystal_id             1 
_diffrn.crystal_support        ? 
_diffrn.crystal_treatment      ? 
_diffrn.details                ? 
_diffrn.id                     1 
_diffrn.ambient_pressure       ? 
_diffrn.ambient_pressure_esd   ? 
_diffrn.ambient_pressure_gt    ? 
_diffrn.ambient_pressure_lt    ? 
_diffrn.ambient_temp_gt        ? 
_diffrn.ambient_temp_lt        ? 
# 
_diffrn_detector.details                      ? 
_diffrn_detector.detector                     CCD 
_diffrn_detector.diffrn_id                    1 
_diffrn_detector.type                         'BRUKER SMART 6000' 
_diffrn_detector.area_resol_mean              ? 
_diffrn_detector.dtime                        ? 
_diffrn_detector.pdbx_frames_total            ? 
_diffrn_detector.pdbx_collection_time_total   ? 
_diffrn_detector.pdbx_collection_date         2013-08-08 
# 
_diffrn_radiation.collimation                      ? 
_diffrn_radiation.diffrn_id                        1 
_diffrn_radiation.filter_edge                      ? 
_diffrn_radiation.inhomogeneity                    ? 
_diffrn_radiation.monochromator                    ? 
_diffrn_radiation.polarisn_norm                    ? 
_diffrn_radiation.polarisn_ratio                   ? 
_diffrn_radiation.probe                            ? 
_diffrn_radiation.type                             ? 
_diffrn_radiation.xray_symbol                      ? 
_diffrn_radiation.wavelength_id                    1 
_diffrn_radiation.pdbx_monochromatic_or_laue_m_l   M 
_diffrn_radiation.pdbx_wavelength_list             ? 
_diffrn_radiation.pdbx_wavelength                  ? 
_diffrn_radiation.pdbx_diffrn_protocol             'SINGLE WAVELENGTH' 
_diffrn_radiation.pdbx_analyzer                    ? 
_diffrn_radiation.pdbx_scattering_type             x-ray 
# 
_diffrn_radiation_wavelength.id           1 
_diffrn_radiation_wavelength.wavelength   1.54 
_diffrn_radiation_wavelength.wt           1.0 
# 
_diffrn_source.current                     ? 
_diffrn_source.details                     ? 
_diffrn_source.diffrn_id                   1 
_diffrn_source.power                       ? 
_diffrn_source.size                        ? 
_diffrn_source.source                      'ROTATING ANODE' 
_diffrn_source.target                      ? 
_diffrn_source.type                        'BRUKER AXS MICROSTAR-H' 
_diffrn_source.voltage                     ? 
_diffrn_source.take-off_angle              ? 
_diffrn_source.pdbx_wavelength_list        1.54 
_diffrn_source.pdbx_wavelength             ? 
_diffrn_source.pdbx_synchrotron_beamline   ? 
_diffrn_source.pdbx_synchrotron_site       ? 
# 
_reflns.B_iso_Wilson_estimate            16.4 
_reflns.entry_id                         4W81 
_reflns.data_reduction_details           ? 
_reflns.data_reduction_method            ? 
_reflns.d_resolution_high                2.25 
_reflns.d_resolution_low                 43.75 
_reflns.details                          ? 
_reflns.limit_h_max                      ? 
_reflns.limit_h_min                      ? 
_reflns.limit_k_max                      ? 
_reflns.limit_k_min                      ? 
_reflns.limit_l_max                      ? 
_reflns.limit_l_min                      ? 
_reflns.number_all                       ? 
_reflns.number_obs                       6314 
_reflns.observed_criterion               ? 
_reflns.observed_criterion_F_max         ? 
_reflns.observed_criterion_F_min         ? 
_reflns.observed_criterion_I_max         ? 
_reflns.observed_criterion_I_min         ? 
_reflns.observed_criterion_sigma_F       ? 
_reflns.observed_criterion_sigma_I       ? 
_reflns.percent_possible_obs             99.5 
_reflns.R_free_details                   ? 
_reflns.Rmerge_F_all                     ? 
_reflns.Rmerge_F_obs                     ? 
_reflns.Friedel_coverage                 ? 
_reflns.number_gt                        ? 
_reflns.threshold_expression             ? 
_reflns.pdbx_redundancy                  5.37 
_reflns.pdbx_Rmerge_I_obs                0.1301 
_reflns.pdbx_Rmerge_I_all                ? 
_reflns.pdbx_Rsym_value                  0.100 
_reflns.pdbx_netI_over_av_sigmaI         ? 
_reflns.pdbx_netI_over_sigmaI            10.60 
_reflns.pdbx_res_netI_over_av_sigmaI_2   ? 
_reflns.pdbx_res_netI_over_sigmaI_2      ? 
_reflns.pdbx_chi_squared                 ? 
_reflns.pdbx_scaling_rejects             ? 
_reflns.pdbx_d_res_high_opt              ? 
_reflns.pdbx_d_res_low_opt               ? 
_reflns.pdbx_d_res_opt_method            ? 
_reflns.phase_calculation_details        ? 
_reflns.pdbx_Rrim_I_all                  ? 
_reflns.pdbx_Rpim_I_all                  ? 
_reflns.pdbx_d_opt                       ? 
_reflns.pdbx_number_measured_all         ? 
_reflns.pdbx_diffrn_id                   1 
_reflns.pdbx_ordinal                     1 
_reflns.pdbx_CC_half                     ? 
_reflns.pdbx_R_split                     ? 
# 
_reflns_shell.d_res_high                  2.25 
_reflns_shell.d_res_low                   2.35 
_reflns_shell.meanI_over_sigI_all         ? 
_reflns_shell.meanI_over_sigI_obs         3.19 
_reflns_shell.number_measured_all         ? 
_reflns_shell.number_measured_obs         ? 
_reflns_shell.number_possible             ? 
_reflns_shell.number_unique_all           ? 
_reflns_shell.number_unique_obs           ? 
_reflns_shell.percent_possible_all        95.9 
_reflns_shell.percent_possible_obs        ? 
_reflns_shell.Rmerge_F_all                ? 
_reflns_shell.Rmerge_F_obs                ? 
_reflns_shell.Rmerge_I_all                ? 
_reflns_shell.Rmerge_I_obs                0.4212 
_reflns_shell.meanI_over_sigI_gt          ? 
_reflns_shell.meanI_over_uI_all           ? 
_reflns_shell.meanI_over_uI_gt            ? 
_reflns_shell.number_measured_gt          ? 
_reflns_shell.number_unique_gt            ? 
_reflns_shell.percent_possible_gt         ? 
_reflns_shell.Rmerge_F_gt                 ? 
_reflns_shell.Rmerge_I_gt                 ? 
_reflns_shell.pdbx_redundancy             3.46 
_reflns_shell.pdbx_Rsym_value             ? 
_reflns_shell.pdbx_chi_squared            ? 
_reflns_shell.pdbx_netI_over_sigmaI_all   ? 
_reflns_shell.pdbx_netI_over_sigmaI_obs   ? 
_reflns_shell.pdbx_Rrim_I_all             ? 
_reflns_shell.pdbx_Rpim_I_all             ? 
_reflns_shell.pdbx_rejects                ? 
_reflns_shell.pdbx_ordinal                1 
_reflns_shell.pdbx_diffrn_id              1 
_reflns_shell.pdbx_CC_half                ? 
_reflns_shell.pdbx_R_split                ? 
# 
_refine.aniso_B[1][1]                            -0.84 
_refine.aniso_B[1][2]                            -0.42 
_refine.aniso_B[1][3]                            0.00 
_refine.aniso_B[2][2]                            -0.84 
_refine.aniso_B[2][3]                            -0.00 
_refine.aniso_B[3][3]                            1.25 
_refine.B_iso_max                                ? 
_refine.B_iso_mean                               15.521 
_refine.B_iso_min                                ? 
_refine.correlation_coeff_Fo_to_Fc               0.927 
_refine.correlation_coeff_Fo_to_Fc_free          0.878 
_refine.details                                  'HYDROGENS HAVE BEEN USED IF PRESENT IN THE INPUT' 
_refine.diff_density_max                         ? 
_refine.diff_density_max_esd                     ? 
_refine.diff_density_min                         ? 
_refine.diff_density_min_esd                     ? 
_refine.diff_density_rms                         ? 
_refine.diff_density_rms_esd                     ? 
_refine.entry_id                                 4W81 
_refine.pdbx_refine_id                           'X-RAY DIFFRACTION' 
_refine.ls_abs_structure_details                 ? 
_refine.ls_abs_structure_Flack                   ? 
_refine.ls_abs_structure_Flack_esd               ? 
_refine.ls_abs_structure_Rogers                  ? 
_refine.ls_abs_structure_Rogers_esd              ? 
_refine.ls_d_res_high                            2.25 
_refine.ls_d_res_low                             43.75 
_refine.ls_extinction_coef                       ? 
_refine.ls_extinction_coef_esd                   ? 
_refine.ls_extinction_expression                 ? 
_refine.ls_extinction_method                     ? 
_refine.ls_goodness_of_fit_all                   ? 
_refine.ls_goodness_of_fit_all_esd               ? 
_refine.ls_goodness_of_fit_obs                   ? 
_refine.ls_goodness_of_fit_obs_esd               ? 
_refine.ls_hydrogen_treatment                    ? 
_refine.ls_matrix_type                           ? 
_refine.ls_number_constraints                    ? 
_refine.ls_number_parameters                     ? 
_refine.ls_number_reflns_all                     ? 
_refine.ls_number_reflns_obs                     6017 
_refine.ls_number_reflns_R_free                  295 
_refine.ls_number_reflns_R_work                  ? 
_refine.ls_number_restraints                     ? 
_refine.ls_percent_reflns_obs                    99.51 
_refine.ls_percent_reflns_R_free                 4.7 
_refine.ls_R_factor_all                          ? 
_refine.ls_R_factor_obs                          0.19477 
_refine.ls_R_factor_R_free                       0.23263 
_refine.ls_R_factor_R_free_error                 ? 
_refine.ls_R_factor_R_free_error_details         ? 
_refine.ls_R_factor_R_work                       0.19292 
_refine.ls_R_Fsqd_factor_obs                     ? 
_refine.ls_R_I_factor_obs                        ? 
_refine.ls_redundancy_reflns_all                 ? 
_refine.ls_redundancy_reflns_obs                 ? 
_refine.ls_restrained_S_all                      ? 
_refine.ls_restrained_S_obs                      ? 
_refine.ls_shift_over_esd_max                    ? 
_refine.ls_shift_over_esd_mean                   ? 
_refine.ls_structure_factor_coef                 ? 
_refine.ls_weighting_details                     ? 
_refine.ls_weighting_scheme                      ? 
_refine.ls_wR_factor_all                         ? 
_refine.ls_wR_factor_obs                         ? 
_refine.ls_wR_factor_R_free                      ? 
_refine.ls_wR_factor_R_work                      ? 
_refine.occupancy_max                            ? 
_refine.occupancy_min                            ? 
_refine.solvent_model_details                    MASK 
_refine.solvent_model_param_bsol                 ? 
_refine.solvent_model_param_ksol                 ? 
_refine.ls_R_factor_gt                           ? 
_refine.ls_goodness_of_fit_gt                    ? 
_refine.ls_goodness_of_fit_ref                   ? 
_refine.ls_shift_over_su_max                     ? 
_refine.ls_shift_over_su_max_lt                  ? 
_refine.ls_shift_over_su_mean                    ? 
_refine.ls_shift_over_su_mean_lt                 ? 
_refine.pdbx_ls_sigma_I                          ? 
_refine.pdbx_ls_sigma_F                          ? 
_refine.pdbx_ls_sigma_Fsqd                       ? 
_refine.pdbx_data_cutoff_high_absF               ? 
_refine.pdbx_data_cutoff_high_rms_absF           ? 
_refine.pdbx_data_cutoff_low_absF                ? 
_refine.pdbx_isotropic_thermal_model             ? 
_refine.pdbx_ls_cross_valid_method               THROUGHOUT 
_refine.pdbx_method_to_determine_struct          'MOLECULAR REPLACEMENT' 
_refine.pdbx_starting_model                      4W70 
_refine.pdbx_stereochemistry_target_values       'MAXIMUM LIKELIHOOD' 
_refine.pdbx_R_Free_selection_details            RANDOM 
_refine.pdbx_stereochem_target_val_spec_case     ? 
_refine.pdbx_overall_ESU_R                       0.336 
_refine.pdbx_overall_ESU_R_Free                  0.223 
_refine.pdbx_solvent_vdw_probe_radii             1.20 
_refine.pdbx_solvent_ion_probe_radii             0.80 
_refine.pdbx_solvent_shrinkage_radii             0.80 
_refine.pdbx_real_space_R                        ? 
_refine.pdbx_density_correlation                 ? 
_refine.pdbx_pd_number_of_powder_patterns        ? 
_refine.pdbx_pd_number_of_points                 ? 
_refine.pdbx_pd_meas_number_of_points            ? 
_refine.pdbx_pd_proc_ls_prof_R_factor            ? 
_refine.pdbx_pd_proc_ls_prof_wR_factor           ? 
_refine.pdbx_pd_Marquardt_correlation_coeff      ? 
_refine.pdbx_pd_Fsqrd_R_factor                   ? 
_refine.pdbx_pd_ls_matrix_band_width             ? 
_refine.pdbx_overall_phase_error                 ? 
_refine.pdbx_overall_SU_R_free_Cruickshank_DPI   ? 
_refine.pdbx_overall_SU_R_free_Blow_DPI          ? 
_refine.pdbx_overall_SU_R_Blow_DPI               ? 
_refine.pdbx_TLS_residual_ADP_flag               ? 
_refine.pdbx_diffrn_id                           1 
_refine.overall_SU_B                             5.149 
_refine.overall_SU_ML                            0.131 
_refine.overall_SU_R_Cruickshank_DPI             ? 
_refine.overall_SU_R_free                        ? 
_refine.overall_FOM_free_R_set                   ? 
_refine.overall_FOM_work_R_set                   ? 
# 
_refine_hist.pdbx_refine_id                   'X-RAY DIFFRACTION' 
_refine_hist.cycle_id                         1 
_refine_hist.pdbx_number_atoms_protein        993 
_refine_hist.pdbx_number_atoms_nucleic_acid   0 
_refine_hist.pdbx_number_atoms_ligand         5 
_refine_hist.number_atoms_solvent             52 
_refine_hist.number_atoms_total               1050 
_refine_hist.d_res_high                       2.25 
_refine_hist.d_res_low                        43.75 
# 
loop_
_refine_ls_restr.pdbx_refine_id 
_refine_ls_restr.criterion 
_refine_ls_restr.dev_ideal 
_refine_ls_restr.dev_ideal_target 
_refine_ls_restr.number 
_refine_ls_restr.rejects 
_refine_ls_restr.type 
_refine_ls_restr.weight 
_refine_ls_restr.pdbx_restraint_function 
'X-RAY DIFFRACTION' ? 0.005  0.019  1017 ? r_bond_refined_d             ? ? 
'X-RAY DIFFRACTION' ? ?      ?      ?    ? r_bond_other_d               ? ? 
'X-RAY DIFFRACTION' ? 0.983  1.940  1378 ? r_angle_refined_deg          ? ? 
'X-RAY DIFFRACTION' ? ?      ?      ?    ? r_angle_other_deg            ? ? 
'X-RAY DIFFRACTION' ? 4.406  5.000  130  ? r_dihedral_angle_1_deg       ? ? 
'X-RAY DIFFRACTION' ? 36.676 23.111 45   ? r_dihedral_angle_2_deg       ? ? 
'X-RAY DIFFRACTION' ? 12.305 15.000 157  ? r_dihedral_angle_3_deg       ? ? 
'X-RAY DIFFRACTION' ? 19.618 15.000 8    ? r_dihedral_angle_4_deg       ? ? 
'X-RAY DIFFRACTION' ? 0.064  0.200  150  ? r_chiral_restr               ? ? 
'X-RAY DIFFRACTION' ? 0.005  0.020  783  ? r_gen_planes_refined         ? ? 
'X-RAY DIFFRACTION' ? ?      ?      ?    ? r_gen_planes_other           ? ? 
'X-RAY DIFFRACTION' ? ?      ?      ?    ? r_nbd_refined                ? ? 
'X-RAY DIFFRACTION' ? ?      ?      ?    ? r_nbd_other                  ? ? 
'X-RAY DIFFRACTION' ? ?      ?      ?    ? r_nbtor_refined              ? ? 
'X-RAY DIFFRACTION' ? ?      ?      ?    ? r_nbtor_other                ? ? 
'X-RAY DIFFRACTION' ? ?      ?      ?    ? r_xyhbond_nbd_refined        ? ? 
'X-RAY DIFFRACTION' ? ?      ?      ?    ? r_xyhbond_nbd_other          ? ? 
'X-RAY DIFFRACTION' ? ?      ?      ?    ? r_metal_ion_refined          ? ? 
'X-RAY DIFFRACTION' ? ?      ?      ?    ? r_metal_ion_other            ? ? 
'X-RAY DIFFRACTION' ? ?      ?      ?    ? r_symmetry_vdw_refined       ? ? 
'X-RAY DIFFRACTION' ? ?      ?      ?    ? r_symmetry_vdw_other         ? ? 
'X-RAY DIFFRACTION' ? ?      ?      ?    ? r_symmetry_hbond_refined     ? ? 
'X-RAY DIFFRACTION' ? ?      ?      ?    ? r_symmetry_hbond_other       ? ? 
'X-RAY DIFFRACTION' ? ?      ?      ?    ? r_symmetry_metal_ion_refined ? ? 
'X-RAY DIFFRACTION' ? ?      ?      ?    ? r_symmetry_metal_ion_other   ? ? 
'X-RAY DIFFRACTION' ? ?      ?      ?    ? r_mcbond_it                  ? ? 
'X-RAY DIFFRACTION' ? ?      ?      ?    ? r_mcbond_other               ? ? 
'X-RAY DIFFRACTION' ? ?      ?      ?    ? r_mcangle_it                 ? ? 
'X-RAY DIFFRACTION' ? ?      ?      ?    ? r_mcangle_other              ? ? 
'X-RAY DIFFRACTION' ? ?      ?      ?    ? r_scbond_it                  ? ? 
'X-RAY DIFFRACTION' ? ?      ?      ?    ? r_scbond_other               ? ? 
'X-RAY DIFFRACTION' ? ?      ?      ?    ? r_scangle_it                 ? ? 
'X-RAY DIFFRACTION' ? ?      ?      ?    ? r_scangle_other              ? ? 
'X-RAY DIFFRACTION' ? ?      ?      ?    ? r_long_range_B_refined       ? ? 
'X-RAY DIFFRACTION' ? ?      ?      ?    ? r_long_range_B_other         ? ? 
'X-RAY DIFFRACTION' ? ?      ?      ?    ? r_rigid_bond_restr           ? ? 
'X-RAY DIFFRACTION' ? ?      ?      ?    ? r_sphericity_free            ? ? 
'X-RAY DIFFRACTION' ? ?      ?      ?    ? r_sphericity_bonded          ? ? 
# 
_refine_ls_shell.pdbx_refine_id                   'X-RAY DIFFRACTION' 
_refine_ls_shell.d_res_high                       2.251 
_refine_ls_shell.d_res_low                        2.309 
_refine_ls_shell.number_reflns_all                ? 
_refine_ls_shell.number_reflns_obs                ? 
_refine_ls_shell.number_reflns_R_free             28 
_refine_ls_shell.number_reflns_R_work             426 
_refine_ls_shell.percent_reflns_obs               93.80 
_refine_ls_shell.percent_reflns_R_free            ? 
_refine_ls_shell.R_factor_all                     ? 
_refine_ls_shell.R_factor_obs                     ? 
_refine_ls_shell.R_factor_R_free                  0.317 
_refine_ls_shell.R_factor_R_free_error            ? 
_refine_ls_shell.R_factor_R_work                  0.230 
_refine_ls_shell.redundancy_reflns_all            ? 
_refine_ls_shell.redundancy_reflns_obs            ? 
_refine_ls_shell.wR_factor_all                    ? 
_refine_ls_shell.wR_factor_obs                    ? 
_refine_ls_shell.wR_factor_R_free                 ? 
_refine_ls_shell.wR_factor_R_work                 ? 
_refine_ls_shell.pdbx_total_number_of_bins_used   20 
_refine_ls_shell.pdbx_phase_error                 ? 
# 
_struct.entry_id                     4W81 
_struct.title                        
;Periplasmically Produced Monomeric Single Domain Antibody (sdAb) C22A/C99V variant against Staphylococcal enterotoxin B (SEB) at pH 8.0
;
_struct.pdbx_model_details           ? 
_struct.pdbx_formula_weight          ? 
_struct.pdbx_formula_weight_method   ? 
_struct.pdbx_model_type_details      ? 
_struct.pdbx_CASP_flag               ? 
# 
_struct_keywords.entry_id        4W81 
_struct_keywords.text            'single domain antibody, v-set domain, IMMUNE SYSTEM' 
_struct_keywords.pdbx_keywords   'IMMUNE SYSTEM' 
# 
loop_
_struct_asym.id 
_struct_asym.pdbx_blank_PDB_chainid_flag 
_struct_asym.pdbx_modified 
_struct_asym.entity_id 
_struct_asym.details 
A N N 1 ? 
B N N 2 ? 
C N N 3 ? 
# 
loop_
_struct_conf.conf_type_id 
_struct_conf.id 
_struct_conf.pdbx_PDB_helix_id 
_struct_conf.beg_label_comp_id 
_struct_conf.beg_label_asym_id 
_struct_conf.beg_label_seq_id 
_struct_conf.pdbx_beg_PDB_ins_code 
_struct_conf.end_label_comp_id 
_struct_conf.end_label_asym_id 
_struct_conf.end_label_seq_id 
_struct_conf.pdbx_end_PDB_ins_code 
_struct_conf.beg_auth_comp_id 
_struct_conf.beg_auth_asym_id 
_struct_conf.beg_auth_seq_id 
_struct_conf.end_auth_comp_id 
_struct_conf.end_auth_asym_id 
_struct_conf.end_auth_seq_id 
_struct_conf.pdbx_PDB_helix_class 
_struct_conf.details 
_struct_conf.pdbx_PDB_helix_length 
HELX_P HELX_P1 AA1 LYS A 92  ? THR A 96  ? LYS A 90  THR A 94  5 ? 5 
HELX_P HELX_P2 AA2 ASN A 114 ? VAL A 118 ? ASN A 112 VAL A 116 5 ? 5 
# 
_struct_conf_type.id          HELX_P 
_struct_conf_type.criteria    ? 
_struct_conf_type.reference   ? 
# 
loop_
_struct_sheet.id 
_struct_sheet.type 
_struct_sheet.number_strands 
_struct_sheet.details 
AA1 ? 4 ? 
AA2 ? 6 ? 
AA3 ? 4 ? 
# 
loop_
_struct_sheet_order.sheet_id 
_struct_sheet_order.range_id_1 
_struct_sheet_order.range_id_2 
_struct_sheet_order.offset 
_struct_sheet_order.sense 
AA1 1 2 ? anti-parallel 
AA1 2 3 ? anti-parallel 
AA1 3 4 ? anti-parallel 
AA2 1 2 ? parallel      
AA2 2 3 ? anti-parallel 
AA2 3 4 ? anti-parallel 
AA2 4 5 ? anti-parallel 
AA2 5 6 ? anti-parallel 
AA3 1 2 ? parallel      
AA3 2 3 ? anti-parallel 
AA3 3 4 ? anti-parallel 
# 
loop_
_struct_sheet_range.sheet_id 
_struct_sheet_range.id 
_struct_sheet_range.beg_label_comp_id 
_struct_sheet_range.beg_label_asym_id 
_struct_sheet_range.beg_label_seq_id 
_struct_sheet_range.pdbx_beg_PDB_ins_code 
_struct_sheet_range.end_label_comp_id 
_struct_sheet_range.end_label_asym_id 
_struct_sheet_range.end_label_seq_id 
_struct_sheet_range.pdbx_end_PDB_ins_code 
_struct_sheet_range.beg_auth_comp_id 
_struct_sheet_range.beg_auth_asym_id 
_struct_sheet_range.beg_auth_seq_id 
_struct_sheet_range.end_auth_comp_id 
_struct_sheet_range.end_auth_asym_id 
_struct_sheet_range.end_auth_seq_id 
AA1 1 LEU A 6   ? SER A 9   ? LEU A 4   SER A 7   
AA1 2 LEU A 20  ? ALA A 26  ? LEU A 18  ALA A 24  
AA1 3 THR A 83  ? MET A 88  ? THR A 81  MET A 86  
AA1 4 PHE A 73  ? ASP A 78  ? PHE A 71  ASP A 76  
AA2 1 GLY A 12  ? GLN A 15  ? GLY A 10  GLN A 13  
AA2 2 THR A 125 ? SER A 130 ? THR A 123 SER A 128 
AA2 3 ALA A 97  ? ASP A 104 ? ALA A 95  ASP A 102 
AA2 4 VAL A 35  ? GLN A 41  ? VAL A 33  GLN A 39  
AA2 5 GLU A 48  ? ALA A 55  ? GLU A 46  ALA A 53  
AA2 6 TYR A 61  ? TYR A 65  ? TYR A 59  TYR A 63  
AA3 1 GLY A 12  ? GLN A 15  ? GLY A 10  GLN A 13  
AA3 2 THR A 125 ? SER A 130 ? THR A 123 SER A 128 
AA3 3 ALA A 97  ? ASP A 104 ? ALA A 95  ASP A 102 
AA3 4 TYR A 120 ? TRP A 121 ? TYR A 118 TRP A 119 
# 
loop_
_pdbx_struct_sheet_hbond.sheet_id 
_pdbx_struct_sheet_hbond.range_id_1 
_pdbx_struct_sheet_hbond.range_id_2 
_pdbx_struct_sheet_hbond.range_1_label_atom_id 
_pdbx_struct_sheet_hbond.range_1_label_comp_id 
_pdbx_struct_sheet_hbond.range_1_label_asym_id 
_pdbx_struct_sheet_hbond.range_1_label_seq_id 
_pdbx_struct_sheet_hbond.range_1_PDB_ins_code 
_pdbx_struct_sheet_hbond.range_1_auth_atom_id 
_pdbx_struct_sheet_hbond.range_1_auth_comp_id 
_pdbx_struct_sheet_hbond.range_1_auth_asym_id 
_pdbx_struct_sheet_hbond.range_1_auth_seq_id 
_pdbx_struct_sheet_hbond.range_2_label_atom_id 
_pdbx_struct_sheet_hbond.range_2_label_comp_id 
_pdbx_struct_sheet_hbond.range_2_label_asym_id 
_pdbx_struct_sheet_hbond.range_2_label_seq_id 
_pdbx_struct_sheet_hbond.range_2_PDB_ins_code 
_pdbx_struct_sheet_hbond.range_2_auth_atom_id 
_pdbx_struct_sheet_hbond.range_2_auth_comp_id 
_pdbx_struct_sheet_hbond.range_2_auth_asym_id 
_pdbx_struct_sheet_hbond.range_2_auth_seq_id 
AA1 1 2 N VAL A 7   ? N VAL A 5   O THR A 25  ? O THR A 23  
AA1 2 3 N LEU A 20  ? N LEU A 18  O MET A 88  ? O MET A 86  
AA1 3 4 O TYR A 85  ? O TYR A 83  N SER A 76  ? N SER A 74  
AA2 1 2 N VAL A 14  ? N VAL A 12  O THR A 128 ? O THR A 126 
AA2 2 3 O VAL A 127 ? O VAL A 125 N ALA A 97  ? N ALA A 95  
AA2 3 4 O ALA A 102 ? O ALA A 100 N GLY A 37  ? N GLY A 35  
AA2 4 5 N MET A 36  ? N MET A 34  O ILE A 53  ? O ILE A 51  
AA2 5 6 N SER A 54  ? N SER A 52  O TYR A 62  ? O TYR A 60  
AA3 1 2 N VAL A 14  ? N VAL A 12  O THR A 128 ? O THR A 126 
AA3 2 3 O VAL A 127 ? O VAL A 125 N ALA A 97  ? N ALA A 95  
AA3 3 4 O ALA A 103 ? O ALA A 101 N TYR A 120 ? N TYR A 118 
# 
_struct_site.id                   AC1 
_struct_site.pdbx_evidence_code   Software 
_struct_site.pdbx_auth_asym_id    A 
_struct_site.pdbx_auth_comp_id    SO4 
_struct_site.pdbx_auth_seq_id     201 
_struct_site.pdbx_auth_ins_code   ? 
_struct_site.pdbx_num_residues    4 
_struct_site.details              'binding site for residue SO4 A 201' 
# 
loop_
_struct_site_gen.id 
_struct_site_gen.site_id 
_struct_site_gen.pdbx_num_res 
_struct_site_gen.label_comp_id 
_struct_site_gen.label_asym_id 
_struct_site_gen.label_seq_id 
_struct_site_gen.pdbx_auth_ins_code 
_struct_site_gen.auth_comp_id 
_struct_site_gen.auth_asym_id 
_struct_site_gen.auth_seq_id 
_struct_site_gen.label_atom_id 
_struct_site_gen.label_alt_id 
_struct_site_gen.symmetry 
_struct_site_gen.details 
1 AC1 4 ARG A 29 ? ARG A 27  . ? 5_445 ? 
2 AC1 4 PRO A 43 ? PRO A 41  . ? 1_555 ? 
3 AC1 4 GLY A 44 ? GLY A 42  . ? 1_555 ? 
4 AC1 4 HOH C .  ? HOH A 317 . ? 1_555 ? 
# 
_atom_sites.entry_id                    4W81 
_atom_sites.fract_transf_matrix[1][1]   0.00185996 
_atom_sites.fract_transf_matrix[1][2]   0.01143080 
_atom_sites.fract_transf_matrix[1][3]   0.00632717 
_atom_sites.fract_transf_matrix[2][1]   0.01223466 
_atom_sites.fract_transf_matrix[2][2]   0.00454389 
_atom_sites.fract_transf_matrix[2][3]   0.00195624 
_atom_sites.fract_transf_matrix[3][1]   -0.00090528 
_atom_sites.fract_transf_matrix[3][2]   0.01045382 
_atom_sites.fract_transf_matrix[3][3]   -0.01861997 
_atom_sites.fract_transf_vector[1]      0.076438 
_atom_sites.fract_transf_vector[2]      -0.478420 
_atom_sites.fract_transf_vector[3]      0.003133 
# 
loop_
_atom_type.symbol 
C 
N 
O 
S 
# 
loop_
_atom_site.group_PDB 
_atom_site.id 
_atom_site.type_symbol 
_atom_site.label_atom_id 
_atom_site.label_alt_id 
_atom_site.label_comp_id 
_atom_site.label_asym_id 
_atom_site.label_entity_id 
_atom_site.label_seq_id 
_atom_site.pdbx_PDB_ins_code 
_atom_site.Cartn_x 
_atom_site.Cartn_y 
_atom_site.Cartn_z 
_atom_site.occupancy 
_atom_site.B_iso_or_equiv 
_atom_site.pdbx_formal_charge 
_atom_site.auth_seq_id 
_atom_site.auth_comp_id 
_atom_site.auth_asym_id 
_atom_site.auth_atom_id 
_atom_site.pdbx_PDB_model_num 
ATOM   1    N N   . MET A 1 1   ? 1.646   -12.449 18.195  1.00 32.90 ? -1  MET A N   1 
ATOM   2    C CA  . MET A 1 1   ? 0.563   -12.635 17.183  1.00 32.25 ? -1  MET A CA  1 
ATOM   3    C C   . MET A 1 1   ? 0.969   -13.685 16.148  1.00 30.42 ? -1  MET A C   1 
ATOM   4    O O   . MET A 1 1   ? 2.154   -14.004 16.009  1.00 30.54 ? -1  MET A O   1 
ATOM   5    C CB  . MET A 1 1   ? 0.225   -11.303 16.501  1.00 33.83 ? -1  MET A CB  1 
ATOM   6    C CG  . MET A 1 1   ? -0.164  -10.185 17.463  1.00 36.27 ? -1  MET A CG  1 
ATOM   7    S SD  . MET A 1 1   ? -0.386  -8.586  16.656  1.00 39.40 ? -1  MET A SD  1 
ATOM   8    C CE  . MET A 1 1   ? -2.065  -8.743  16.049  1.00 37.62 ? -1  MET A CE  1 
ATOM   9    N N   . ALA A 1 2   ? -0.020  -14.215 15.430  1.00 28.18 ? 0   ALA A N   1 
ATOM   10   C CA  . ALA A 1 2   ? 0.209   -15.244 14.412  1.00 26.14 ? 0   ALA A CA  1 
ATOM   11   C C   . ALA A 1 2   ? 1.070   -14.731 13.257  1.00 24.74 ? 0   ALA A C   1 
ATOM   12   O O   . ALA A 1 2   ? 1.021   -13.549 12.910  1.00 23.97 ? 0   ALA A O   1 
ATOM   13   C CB  . ALA A 1 2   ? -1.119  -15.768 13.893  1.00 25.71 ? 0   ALA A CB  1 
ATOM   14   N N   . GLU A 1 3   ? 1.861   -15.626 12.670  1.00 23.74 ? 1   GLU A N   1 
ATOM   15   C CA  . GLU A 1 3   ? 2.729   -15.270 11.553  1.00 22.45 ? 1   GLU A CA  1 
ATOM   16   C C   . GLU A 1 3   ? 1.923   -15.051 10.274  1.00 20.54 ? 1   GLU A C   1 
ATOM   17   O O   . GLU A 1 3   ? 1.044   -15.850 9.930   1.00 19.73 ? 1   GLU A O   1 
ATOM   18   C CB  . GLU A 1 3   ? 3.803   -16.341 11.336  1.00 24.01 ? 1   GLU A CB  1 
ATOM   19   C CG  . GLU A 1 3   ? 5.084   -15.810 10.703  1.00 25.91 ? 1   GLU A CG  1 
ATOM   20   C CD  . GLU A 1 3   ? 5.955   -16.907 10.107  1.00 27.04 ? 1   GLU A CD  1 
ATOM   21   O OE1 . GLU A 1 3   ? 5.958   -18.038 10.644  1.00 28.54 ? 1   GLU A OE1 1 
ATOM   22   O OE2 . GLU A 1 3   ? 6.643   -16.635 9.097   1.00 28.00 ? 1   GLU A OE2 1 
ATOM   23   N N   . VAL A 1 4   ? 2.216   -13.944 9.594   1.00 18.66 ? 2   VAL A N   1 
ATOM   24   C CA  . VAL A 1 4   ? 1.609   -13.610 8.307   1.00 17.64 ? 2   VAL A CA  1 
ATOM   25   C C   . VAL A 1 4   ? 2.715   -13.080 7.391   1.00 17.52 ? 2   VAL A C   1 
ATOM   26   O O   . VAL A 1 4   ? 3.494   -12.207 7.787   1.00 17.11 ? 2   VAL A O   1 
ATOM   27   C CB  . VAL A 1 4   ? 0.499   -12.537 8.442   1.00 16.87 ? 2   VAL A CB  1 
ATOM   28   C CG1 . VAL A 1 4   ? -0.072  -12.180 7.077   1.00 16.11 ? 2   VAL A CG1 1 
ATOM   29   C CG2 . VAL A 1 4   ? -0.619  -13.008 9.363   1.00 16.48 ? 2   VAL A CG2 1 
ATOM   30   N N   . GLN A 1 5   ? 2.774   -13.610 6.171   1.00 17.12 ? 3   GLN A N   1 
ATOM   31   C CA  . GLN A 1 5   ? 3.778   -13.206 5.196   1.00 16.84 ? 3   GLN A CA  1 
ATOM   32   C C   . GLN A 1 5   ? 3.160   -12.410 4.045   1.00 15.80 ? 3   GLN A C   1 
ATOM   33   O O   . GLN A 1 5   ? 2.609   -12.986 3.107   1.00 15.54 ? 3   GLN A O   1 
ATOM   34   C CB  . GLN A 1 5   ? 4.523   -14.440 4.664   1.00 18.01 ? 3   GLN A CB  1 
ATOM   35   C CG  . GLN A 1 5   ? 5.753   -14.138 3.818   1.00 18.82 ? 3   GLN A CG  1 
ATOM   36   C CD  . GLN A 1 5   ? 6.856   -13.462 4.612   1.00 19.40 ? 3   GLN A CD  1 
ATOM   37   O OE1 . GLN A 1 5   ? 6.869   -12.241 4.769   1.00 20.01 ? 3   GLN A OE1 1 
ATOM   38   N NE2 . GLN A 1 5   ? 7.790   -14.258 5.115   1.00 19.39 ? 3   GLN A NE2 1 
ATOM   39   N N   . LEU A 1 6   ? 3.258   -11.086 4.124   1.00 14.79 ? 4   LEU A N   1 
ATOM   40   C CA  . LEU A 1 6   ? 2.757   -10.201 3.071   1.00 13.99 ? 4   LEU A CA  1 
ATOM   41   C C   . LEU A 1 6   ? 3.833   -9.989  2.013   1.00 13.67 ? 4   LEU A C   1 
ATOM   42   O O   . LEU A 1 6   ? 4.994   -9.776  2.344   1.00 13.57 ? 4   LEU A O   1 
ATOM   43   C CB  . LEU A 1 6   ? 2.324   -8.852  3.662   1.00 13.55 ? 4   LEU A CB  1 
ATOM   44   C CG  . LEU A 1 6   ? 1.108   -8.818  4.595   1.00 13.34 ? 4   LEU A CG  1 
ATOM   45   C CD1 . LEU A 1 6   ? 0.964   -7.447  5.247   1.00 12.99 ? 4   LEU A CD1 1 
ATOM   46   C CD2 . LEU A 1 6   ? -0.163  -9.191  3.843   1.00 12.96 ? 4   LEU A CD2 1 
ATOM   47   N N   . VAL A 1 7   ? 3.444   -10.050 0.741   1.00 13.57 ? 5   VAL A N   1 
ATOM   48   C CA  . VAL A 1 7   ? 4.404   -9.961  -0.364  1.00 13.41 ? 5   VAL A CA  1 
ATOM   49   C C   . VAL A 1 7   ? 3.985   -8.910  -1.394  1.00 13.46 ? 5   VAL A C   1 
ATOM   50   O O   . VAL A 1 7   ? 2.926   -9.032  -2.009  1.00 13.49 ? 5   VAL A O   1 
ATOM   51   C CB  . VAL A 1 7   ? 4.578   -11.325 -1.077  1.00 13.32 ? 5   VAL A CB  1 
ATOM   52   C CG1 . VAL A 1 7   ? 5.678   -11.247 -2.132  1.00 13.01 ? 5   VAL A CG1 1 
ATOM   53   C CG2 . VAL A 1 7   ? 4.877   -12.431 -0.076  1.00 13.16 ? 5   VAL A CG2 1 
ATOM   54   N N   . GLU A 1 8   ? 4.828   -7.893  -1.583  1.00 13.37 ? 6   GLU A N   1 
ATOM   55   C CA  . GLU A 1 8   ? 4.578   -6.837  -2.573  1.00 13.24 ? 6   GLU A CA  1 
ATOM   56   C C   . GLU A 1 8   ? 5.185   -7.201  -3.920  1.00 13.42 ? 6   GLU A C   1 
ATOM   57   O O   . GLU A 1 8   ? 6.228   -7.854  -3.986  1.00 13.41 ? 6   GLU A O   1 
ATOM   58   C CB  . GLU A 1 8   ? 5.150   -5.485  -2.125  1.00 12.77 ? 6   GLU A CB  1 
ATOM   59   C CG  . GLU A 1 8   ? 4.703   -5.004  -0.753  1.00 12.73 ? 6   GLU A CG  1 
ATOM   60   C CD  . GLU A 1 8   ? 5.603   -5.493  0.364   1.00 12.75 ? 6   GLU A CD  1 
ATOM   61   O OE1 . GLU A 1 8   ? 6.427   -6.407  0.130   1.00 12.63 ? 6   GLU A OE1 1 
ATOM   62   O OE2 . GLU A 1 8   ? 5.491   -4.960  1.486   1.00 12.44 ? 6   GLU A OE2 1 
ATOM   63   N N   . SER A 1 9   ? 4.529   -6.762  -4.990  1.00 13.20 ? 7   SER A N   1 
ATOM   64   C CA  . SER A 1 9   ? 5.028   -6.982  -6.338  1.00 13.61 ? 7   SER A CA  1 
ATOM   65   C C   . SER A 1 9   ? 4.798   -5.745  -7.185  1.00 13.70 ? 7   SER A C   1 
ATOM   66   O O   . SER A 1 9   ? 3.949   -4.912  -6.866  1.00 13.50 ? 7   SER A O   1 
ATOM   67   C CB  . SER A 1 9   ? 4.331   -8.186  -6.984  1.00 13.28 ? 7   SER A CB  1 
ATOM   68   O OG  . SER A 1 9   ? 4.466   -9.345  -6.179  1.00 13.70 ? 7   SER A OG  1 
ATOM   69   N N   . GLY A 1 10  ? 5.560   -5.626  -8.265  1.00 13.97 ? 8   GLY A N   1 
ATOM   70   C CA  . GLY A 1 10  ? 5.302   -4.581  -9.242  1.00 14.66 ? 8   GLY A CA  1 
ATOM   71   C C   . GLY A 1 10  ? 6.340   -3.483  -9.295  1.00 15.01 ? 8   GLY A C   1 
ATOM   72   O O   . GLY A 1 10  ? 6.367   -2.708  -10.250 1.00 15.13 ? 8   GLY A O   1 
ATOM   73   N N   . GLY A 1 11  ? 7.192   -3.404  -8.273  1.00 15.21 ? 9   GLY A N   1 
ATOM   74   C CA  . GLY A 1 11  ? 8.255   -2.405  -8.256  1.00 15.67 ? 9   GLY A CA  1 
ATOM   75   C C   . GLY A 1 11  ? 9.058   -2.421  -9.544  1.00 16.07 ? 9   GLY A C   1 
ATOM   76   O O   . GLY A 1 11  ? 9.150   -3.450  -10.223 1.00 16.28 ? 9   GLY A O   1 
ATOM   77   N N   . GLY A 1 12  ? 9.627   -1.274  -9.892  1.00 16.53 ? 10  GLY A N   1 
ATOM   78   C CA  . GLY A 1 12  ? 10.403  -1.160  -11.120 1.00 16.85 ? 10  GLY A CA  1 
ATOM   79   C C   . GLY A 1 12  ? 10.943  0.228   -11.379 1.00 17.30 ? 10  GLY A C   1 
ATOM   80   O O   . GLY A 1 12  ? 10.647  1.178   -10.647 1.00 17.26 ? 10  GLY A O   1 
ATOM   81   N N   . LEU A 1 13  ? 11.744  0.331   -12.432 1.00 17.91 ? 11  LEU A N   1 
ATOM   82   C CA  . LEU A 1 13  ? 12.338  1.589   -12.856 1.00 18.51 ? 11  LEU A CA  1 
ATOM   83   C C   . LEU A 1 13  ? 11.457  2.265   -13.908 1.00 18.86 ? 11  LEU A C   1 
ATOM   84   O O   . LEU A 1 13  ? 11.283  1.742   -15.011 1.00 19.00 ? 11  LEU A O   1 
ATOM   85   C CB  . LEU A 1 13  ? 13.751  1.340   -13.407 1.00 18.80 ? 11  LEU A CB  1 
ATOM   86   C CG  . LEU A 1 13  ? 14.480  2.472   -14.141 1.00 18.98 ? 11  LEU A CG  1 
ATOM   87   C CD1 . LEU A 1 13  ? 14.724  3.683   -13.245 1.00 18.97 ? 11  LEU A CD1 1 
ATOM   88   C CD2 . LEU A 1 13  ? 15.791  1.967   -14.735 1.00 19.01 ? 11  LEU A CD2 1 
ATOM   89   N N   . VAL A 1 14  ? 10.902  3.424   -13.557 1.00 19.22 ? 12  VAL A N   1 
ATOM   90   C CA  . VAL A 1 14  ? 10.052  4.193   -14.477 1.00 19.72 ? 12  VAL A CA  1 
ATOM   91   C C   . VAL A 1 14  ? 10.507  5.647   -14.620 1.00 20.20 ? 12  VAL A C   1 
ATOM   92   O O   . VAL A 1 14  ? 11.468  6.078   -13.973 1.00 19.99 ? 12  VAL A O   1 
ATOM   93   C CB  . VAL A 1 14  ? 8.556   4.167   -14.063 1.00 19.69 ? 12  VAL A CB  1 
ATOM   94   C CG1 . VAL A 1 14  ? 7.932   2.810   -14.369 1.00 19.57 ? 12  VAL A CG1 1 
ATOM   95   C CG2 . VAL A 1 14  ? 8.382   4.541   -12.596 1.00 19.39 ? 12  VAL A CG2 1 
ATOM   96   N N   . GLN A 1 15  ? 9.805   6.392   -15.473 1.00 21.11 ? 13  GLN A N   1 
ATOM   97   C CA  . GLN A 1 15  ? 10.095  7.801   -15.722 1.00 21.80 ? 13  GLN A CA  1 
ATOM   98   C C   . GLN A 1 15  ? 9.012   8.688   -15.122 1.00 21.28 ? 13  GLN A C   1 
ATOM   99   O O   . GLN A 1 15  ? 7.882   8.243   -14.916 1.00 20.94 ? 13  GLN A O   1 
ATOM   100  C CB  . GLN A 1 15  ? 10.162  8.077   -17.224 1.00 23.21 ? 13  GLN A CB  1 
ATOM   101  C CG  . GLN A 1 15  ? 11.140  7.220   -18.005 1.00 24.72 ? 13  GLN A CG  1 
ATOM   102  C CD  . GLN A 1 15  ? 10.955  7.368   -19.504 1.00 25.50 ? 13  GLN A CD  1 
ATOM   103  O OE1 . GLN A 1 15  ? 10.887  8.482   -20.029 1.00 26.54 ? 13  GLN A OE1 1 
ATOM   104  N NE2 . GLN A 1 15  ? 10.871  6.240   -20.203 1.00 25.97 ? 13  GLN A NE2 1 
ATOM   105  N N   . ALA A 1 16  ? 9.363   9.947   -14.867 1.00 21.12 ? 14  ALA A N   1 
ATOM   106  C CA  . ALA A 1 16  ? 8.395   10.958  -14.445 1.00 21.10 ? 14  ALA A CA  1 
ATOM   107  C C   . ALA A 1 16  ? 7.264   11.047  -15.466 1.00 21.12 ? 14  ALA A C   1 
ATOM   108  O O   . ALA A 1 16  ? 7.514   11.104  -16.672 1.00 21.09 ? 14  ALA A O   1 
ATOM   109  C CB  . ALA A 1 16  ? 9.076   12.311  -14.281 1.00 20.77 ? 14  ALA A CB  1 
ATOM   110  N N   . GLY A 1 17  ? 6.025   11.029  -14.977 1.00 20.89 ? 15  GLY A N   1 
ATOM   111  C CA  . GLY A 1 17  ? 4.850   11.071  -15.845 1.00 20.74 ? 15  GLY A CA  1 
ATOM   112  C C   . GLY A 1 17  ? 4.226   9.708   -16.100 1.00 20.73 ? 15  GLY A C   1 
ATOM   113  O O   . GLY A 1 17  ? 3.075   9.623   -16.528 1.00 21.13 ? 15  GLY A O   1 
ATOM   114  N N   . ASP A 1 18  ? 4.983   8.644   -15.836 1.00 20.52 ? 16  ASP A N   1 
ATOM   115  C CA  . ASP A 1 18  ? 4.508   7.274   -16.043 1.00 20.20 ? 16  ASP A CA  1 
ATOM   116  C C   . ASP A 1 18  ? 3.518   6.803   -14.987 1.00 19.33 ? 16  ASP A C   1 
ATOM   117  O O   . ASP A 1 18  ? 3.322   7.455   -13.962 1.00 19.30 ? 16  ASP A O   1 
ATOM   118  C CB  . ASP A 1 18  ? 5.683   6.289   -16.073 1.00 20.85 ? 16  ASP A CB  1 
ATOM   119  C CG  . ASP A 1 18  ? 6.405   6.275   -17.402 1.00 21.23 ? 16  ASP A CG  1 
ATOM   120  O OD1 . ASP A 1 18  ? 6.048   7.069   -18.300 1.00 21.81 ? 16  ASP A OD1 1 
ATOM   121  O OD2 . ASP A 1 18  ? 7.338   5.459   -17.543 1.00 21.51 ? 16  ASP A OD2 1 
ATOM   122  N N   . SER A 1 19  ? 2.914   5.649   -15.264 1.00 18.68 ? 17  SER A N   1 
ATOM   123  C CA  . SER A 1 19  ? 2.065   4.936   -14.319 1.00 17.90 ? 17  SER A CA  1 
ATOM   124  C C   . SER A 1 19  ? 2.698   3.590   -13.991 1.00 17.48 ? 17  SER A C   1 
ATOM   125  O O   . SER A 1 19  ? 3.400   3.007   -14.821 1.00 17.41 ? 17  SER A O   1 
ATOM   126  C CB  . SER A 1 19  ? 0.665   4.722   -14.899 1.00 17.77 ? 17  SER A CB  1 
ATOM   127  O OG  . SER A 1 19  ? -0.066  5.939   -14.924 1.00 18.24 ? 17  SER A OG  1 
ATOM   128  N N   . LEU A 1 20  ? 2.456   3.111   -12.775 1.00 16.86 ? 18  LEU A N   1 
ATOM   129  C CA  . LEU A 1 20  ? 2.967   1.829   -12.324 1.00 16.24 ? 18  LEU A CA  1 
ATOM   130  C C   . LEU A 1 20  ? 2.001   1.275   -11.290 1.00 16.17 ? 18  LEU A C   1 
ATOM   131  O O   . LEU A 1 20  ? 1.589   1.994   -10.378 1.00 16.31 ? 18  LEU A O   1 
ATOM   132  C CB  . LEU A 1 20  ? 4.362   2.003   -11.712 1.00 15.93 ? 18  LEU A CB  1 
ATOM   133  C CG  . LEU A 1 20  ? 5.178   0.761   -11.343 1.00 15.42 ? 18  LEU A CG  1 
ATOM   134  C CD1 . LEU A 1 20  ? 5.547   -0.033  -12.587 1.00 15.20 ? 18  LEU A CD1 1 
ATOM   135  C CD2 . LEU A 1 20  ? 6.430   1.159   -10.571 1.00 14.51 ? 18  LEU A CD2 1 
ATOM   136  N N   . ARG A 1 21  ? 1.630   0.005   -11.435 1.00 15.97 ? 19  ARG A N   1 
ATOM   137  C CA  . ARG A 1 21  ? 0.722   -0.626  -10.482 1.00 15.59 ? 19  ARG A CA  1 
ATOM   138  C C   . ARG A 1 21  ? 1.445   -1.611  -9.584  1.00 14.97 ? 19  ARG A C   1 
ATOM   139  O O   . ARG A 1 21  ? 2.157   -2.498  -10.058 1.00 14.81 ? 19  ARG A O   1 
ATOM   140  C CB  . ARG A 1 21  ? -0.447  -1.328  -11.179 1.00 16.15 ? 19  ARG A CB  1 
ATOM   141  C CG  . ARG A 1 21  ? -1.499  -1.815  -10.194 1.00 17.83 ? 19  ARG A CG  1 
ATOM   142  C CD  . ARG A 1 21  ? -2.789  -2.259  -10.859 1.00 19.15 ? 19  ARG A CD  1 
ATOM   143  N NE  . ARG A 1 21  ? -2.734  -3.657  -11.269 1.00 20.35 ? 19  ARG A NE  1 
ATOM   144  C CZ  . ARG A 1 21  ? -3.803  -4.395  -11.557 1.00 21.07 ? 19  ARG A CZ  1 
ATOM   145  N NH1 . ARG A 1 21  ? -5.024  -3.871  -11.475 1.00 21.82 ? 19  ARG A NH1 1 
ATOM   146  N NH2 . ARG A 1 21  ? -3.652  -5.661  -11.923 1.00 21.59 ? 19  ARG A NH2 1 
ATOM   147  N N   . LEU A 1 22  ? 1.244   -1.448  -8.282  1.00 13.65 ? 20  LEU A N   1 
ATOM   148  C CA  . LEU A 1 22  ? 1.791   -2.366  -7.301  1.00 13.20 ? 20  LEU A CA  1 
ATOM   149  C C   . LEU A 1 22  ? 0.676   -3.252  -6.773  1.00 13.21 ? 20  LEU A C   1 
ATOM   150  O O   . LEU A 1 22  ? -0.479  -2.833  -6.698  1.00 13.24 ? 20  LEU A O   1 
ATOM   151  C CB  . LEU A 1 22  ? 2.462   -1.604  -6.153  1.00 11.88 ? 20  LEU A CB  1 
ATOM   152  C CG  . LEU A 1 22  ? 3.495   -0.528  -6.510  1.00 12.71 ? 20  LEU A CG  1 
ATOM   153  C CD1 . LEU A 1 22  ? 4.114   0.028   -5.236  1.00 11.24 ? 20  LEU A CD1 1 
ATOM   154  C CD2 . LEU A 1 22  ? 4.584   -1.041  -7.454  1.00 9.21  ? 20  LEU A CD2 1 
ATOM   155  N N   . SER A 1 23  ? 1.027   -4.486  -6.427  1.00 13.01 ? 21  SER A N   1 
ATOM   156  C CA  . SER A 1 23  ? 0.079   -5.416  -5.829  1.00 12.68 ? 21  SER A CA  1 
ATOM   157  C C   . SER A 1 23  ? 0.698   -6.033  -4.585  1.00 12.22 ? 21  SER A C   1 
ATOM   158  O O   . SER A 1 23  ? 1.915   -5.969  -4.396  1.00 12.13 ? 21  SER A O   1 
ATOM   159  C CB  . SER A 1 23  ? -0.330  -6.499  -6.833  1.00 12.66 ? 21  SER A CB  1 
ATOM   160  O OG  . SER A 1 23  ? 0.769   -7.323  -7.178  1.00 13.10 ? 21  SER A OG  1 
ATOM   161  N N   . ALA A 1 24  ? -0.145  -6.611  -3.732  1.00 11.56 ? 22  ALA A N   1 
ATOM   162  C CA  . ALA A 1 24  ? 0.325   -7.274  -2.524  1.00 11.26 ? 22  ALA A CA  1 
ATOM   163  C C   . ALA A 1 24  ? -0.640  -8.362  -2.102  1.00 11.70 ? 22  ALA A C   1 
ATOM   164  O O   . ALA A 1 24  ? -1.856  -8.165  -2.100  1.00 11.45 ? 22  ALA A O   1 
ATOM   165  C CB  . ALA A 1 24  ? 0.513   -6.275  -1.401  1.00 10.62 ? 22  ALA A CB  1 
ATOM   166  N N   . THR A 1 25  ? -0.083  -9.513  -1.752  1.00 11.94 ? 23  THR A N   1 
ATOM   167  C CA  . THR A 1 25  ? -0.873  -10.643 -1.304  1.00 12.58 ? 23  THR A CA  1 
ATOM   168  C C   . THR A 1 25  ? -0.159  -11.303 -0.131  1.00 12.73 ? 23  THR A C   1 
ATOM   169  O O   . THR A 1 25  ? 0.966   -10.935 0.198   1.00 13.16 ? 23  THR A O   1 
ATOM   170  C CB  . THR A 1 25  ? -1.123  -11.650 -2.453  1.00 12.56 ? 23  THR A CB  1 
ATOM   171  O OG1 . THR A 1 25  ? -2.101  -12.608 -2.043  1.00 12.64 ? 23  THR A OG1 1 
ATOM   172  C CG2 . THR A 1 25  ? 0.166   -12.378 -2.858  1.00 12.33 ? 23  THR A CG2 1 
ATOM   173  N N   . ALA A 1 26  ? -0.815  -12.257 0.515   1.00 12.67 ? 24  ALA A N   1 
ATOM   174  C CA  . ALA A 1 26  ? -0.184  -12.973 1.609   1.00 12.88 ? 24  ALA A CA  1 
ATOM   175  C C   . ALA A 1 26  ? 0.237   -14.363 1.150   1.00 12.93 ? 24  ALA A C   1 
ATOM   176  O O   . ALA A 1 26  ? -0.392  -14.950 0.271   1.00 13.00 ? 24  ALA A O   1 
ATOM   177  C CB  . ALA A 1 26  ? -1.107  -13.046 2.812   1.00 12.36 ? 24  ALA A CB  1 
ATOM   178  N N   . SER A 1 27  ? 1.316   -14.872 1.730   1.00 12.97 ? 25  SER A N   1 
ATOM   179  C CA  . SER A 1 27  ? 1.793   -16.211 1.413   1.00 13.07 ? 25  SER A CA  1 
ATOM   180  C C   . SER A 1 27  ? 1.356   -17.186 2.504   1.00 13.00 ? 25  SER A C   1 
ATOM   181  O O   . SER A 1 27  ? 2.009   -17.309 3.542   1.00 13.09 ? 25  SER A O   1 
ATOM   182  C CB  . SER A 1 27  ? 3.315   -16.214 1.258   1.00 13.24 ? 25  SER A CB  1 
ATOM   183  O OG  . SER A 1 27  ? 3.773   -17.499 0.874   1.00 13.60 ? 25  SER A OG  1 
ATOM   184  N N   . GLY A 1 28  ? 0.248   -17.878 2.256   1.00 12.77 ? 26  GLY A N   1 
ATOM   185  C CA  . GLY A 1 28  ? -0.339  -18.767 3.248   1.00 11.98 ? 26  GLY A CA  1 
ATOM   186  C C   . GLY A 1 28  ? -1.409  -18.023 4.023   1.00 11.94 ? 26  GLY A C   1 
ATOM   187  O O   . GLY A 1 28  ? -2.369  -17.524 3.436   1.00 11.23 ? 26  GLY A O   1 
ATOM   188  N N   . ARG A 1 29  ? -1.240  -17.944 5.343   1.00 11.58 ? 27  ARG A N   1 
ATOM   189  C CA  . ARG A 1 29  ? -2.190  -17.243 6.199   1.00 11.08 ? 27  ARG A CA  1 
ATOM   190  C C   . ARG A 1 29  ? -2.405  -15.808 5.731   1.00 10.91 ? 27  ARG A C   1 
ATOM   191  O O   . ARG A 1 29  ? -1.450  -15.086 5.449   1.00 10.92 ? 27  ARG A O   1 
ATOM   192  C CB  . ARG A 1 29  ? -1.722  -17.264 7.656   1.00 10.81 ? 27  ARG A CB  1 
ATOM   193  C CG  . ARG A 1 29  ? -2.695  -16.612 8.629   1.00 8.48  ? 27  ARG A CG  1 
ATOM   194  C CD  . ARG A 1 29  ? -2.239  -16.786 10.063  1.00 9.45  ? 27  ARG A CD  1 
ATOM   195  N NE  . ARG A 1 29  ? -2.309  -18.187 10.469  1.00 9.46  ? 27  ARG A NE  1 
ATOM   196  C CZ  . ARG A 1 29  ? -1.260  -18.943 10.775  1.00 8.27  ? 27  ARG A CZ  1 
ATOM   197  N NH1 . ARG A 1 29  ? -0.028  -18.445 10.742  1.00 7.85  ? 27  ARG A NH1 1 
ATOM   198  N NH2 . ARG A 1 29  ? -1.445  -20.202 11.131  1.00 8.82  ? 27  ARG A NH2 1 
ATOM   199  N N   . THR A 1 30  ? -3.666  -15.404 5.646   1.00 10.90 ? 28  THR A N   1 
ATOM   200  C CA  . THR A 1 30  ? -4.014  -14.062 5.186   1.00 11.23 ? 28  THR A CA  1 
ATOM   201  C C   . THR A 1 30  ? -5.061  -13.437 6.120   1.00 12.09 ? 28  THR A C   1 
ATOM   202  O O   . THR A 1 30  ? -5.301  -13.955 7.217   1.00 12.36 ? 28  THR A O   1 
ATOM   203  C CB  . THR A 1 30  ? -4.472  -14.079 3.706   1.00 10.31 ? 28  THR A CB  1 
ATOM   204  O OG1 . THR A 1 30  ? -4.608  -12.735 3.223   1.00 9.15  ? 28  THR A OG1 1 
ATOM   205  C CG2 . THR A 1 30  ? -5.796  -14.842 3.538   1.00 6.36  ? 28  THR A CG2 1 
ATOM   206  N N   . PHE A 1 31  ? -5.668  -12.327 5.703   1.00 12.49 ? 29  PHE A N   1 
ATOM   207  C CA  . PHE A 1 31  ? -6.687  -11.668 6.520   1.00 12.89 ? 29  PHE A CA  1 
ATOM   208  C C   . PHE A 1 31  ? -8.063  -11.634 5.880   1.00 13.83 ? 29  PHE A C   1 
ATOM   209  O O   . PHE A 1 31  ? -8.218  -11.825 4.675   1.00 13.66 ? 29  PHE A O   1 
ATOM   210  C CB  . PHE A 1 31  ? -6.287  -10.232 6.857   1.00 12.25 ? 29  PHE A CB  1 
ATOM   211  C CG  . PHE A 1 31  ? -4.930  -10.106 7.469   1.00 12.00 ? 29  PHE A CG  1 
ATOM   212  C CD1 . PHE A 1 31  ? -4.672  -10.621 8.730   1.00 11.34 ? 29  PHE A CD1 1 
ATOM   213  C CD2 . PHE A 1 31  ? -3.910  -9.455  6.786   1.00 12.33 ? 29  PHE A CD2 1 
ATOM   214  C CE1 . PHE A 1 31  ? -3.412  -10.505 9.295   1.00 12.58 ? 29  PHE A CE1 1 
ATOM   215  C CE2 . PHE A 1 31  ? -2.650  -9.336  7.346   1.00 12.52 ? 29  PHE A CE2 1 
ATOM   216  C CZ  . PHE A 1 31  ? -2.403  -9.863  8.601   1.00 12.42 ? 29  PHE A CZ  1 
ATOM   217  N N   . SER A 1 32  ? -9.054  -11.362 6.729   1.00 14.87 ? 30  SER A N   1 
ATOM   218  C CA  . SER A 1 32  ? -10.413 -11.093 6.303   1.00 15.60 ? 30  SER A CA  1 
ATOM   219  C C   . SER A 1 32  ? -10.903 -9.922  7.145   1.00 16.18 ? 30  SER A C   1 
ATOM   220  O O   . SER A 1 32  ? -10.848 -9.973  8.378   1.00 16.03 ? 30  SER A O   1 
ATOM   221  C CB  . SER A 1 32  ? -11.296 -12.327 6.515   1.00 15.81 ? 30  SER A CB  1 
ATOM   222  O OG  . SER A 1 32  ? -12.658 -12.032 6.234   1.00 15.86 ? 30  SER A OG  1 
ATOM   223  N N   . ARG A 1 33  ? -11.358 -8.867  6.469   1.00 17.03 ? 31  ARG A N   1 
ATOM   224  C CA  . ARG A 1 33  ? -11.842 -7.643  7.120   1.00 17.55 ? 31  ARG A CA  1 
ATOM   225  C C   . ARG A 1 33  ? -10.752 -6.914  7.917   1.00 16.77 ? 31  ARG A C   1 
ATOM   226  O O   . ARG A 1 33  ? -10.988 -6.443  9.029   1.00 16.94 ? 31  ARG A O   1 
ATOM   227  C CB  . ARG A 1 33  ? -13.080 -7.927  7.986   1.00 19.09 ? 31  ARG A CB  1 
ATOM   228  C CG  . ARG A 1 33  ? -14.364 -8.111  7.184   1.00 20.72 ? 31  ARG A CG  1 
ATOM   229  C CD  . ARG A 1 33  ? -15.523 -8.605  8.040   1.00 21.81 ? 31  ARG A CD  1 
ATOM   230  N NE  . ARG A 1 33  ? -15.618 -7.897  9.315   1.00 23.20 ? 31  ARG A NE  1 
ATOM   231  C CZ  . ARG A 1 33  ? -16.575 -8.088  10.221  1.00 24.15 ? 31  ARG A CZ  1 
ATOM   232  N NH1 . ARG A 1 33  ? -17.548 -8.966  10.003  1.00 24.95 ? 31  ARG A NH1 1 
ATOM   233  N NH2 . ARG A 1 33  ? -16.562 -7.393  11.350  1.00 25.08 ? 31  ARG A NH2 1 
ATOM   234  N N   . ALA A 1 34  ? -9.560  -6.824  7.331   1.00 15.73 ? 32  ALA A N   1 
ATOM   235  C CA  . ALA A 1 34  ? -8.463  -6.057  7.921   1.00 14.79 ? 32  ALA A CA  1 
ATOM   236  C C   . ALA A 1 34  ? -8.313  -4.719  7.215   1.00 14.03 ? 32  ALA A C   1 
ATOM   237  O O   . ALA A 1 34  ? -8.627  -4.595  6.029   1.00 14.11 ? 32  ALA A O   1 
ATOM   238  C CB  . ALA A 1 34  ? -7.161  -6.838  7.846   1.00 14.35 ? 32  ALA A CB  1 
ATOM   239  N N   . VAL A 1 35  ? -7.842  -3.710  7.943   1.00 13.36 ? 33  VAL A N   1 
ATOM   240  C CA  . VAL A 1 35  ? -7.493  -2.441  7.311   1.00 12.04 ? 33  VAL A CA  1 
ATOM   241  C C   . VAL A 1 35  ? -6.082  -2.582  6.748   1.00 11.58 ? 33  VAL A C   1 
ATOM   242  O O   . VAL A 1 35  ? -5.119  -2.769  7.502   1.00 10.29 ? 33  VAL A O   1 
ATOM   243  C CB  . VAL A 1 35  ? -7.594  -1.249  8.286   1.00 11.76 ? 33  VAL A CB  1 
ATOM   244  C CG1 . VAL A 1 35  ? -7.122  0.032   7.611   1.00 9.41  ? 33  VAL A CG1 1 
ATOM   245  C CG2 . VAL A 1 35  ? -9.026  -1.089  8.789   1.00 10.24 ? 33  VAL A CG2 1 
ATOM   246  N N   . MET A 1 36  ? -5.990  -2.513  5.421   1.00 11.41 ? 34  MET A N   1 
ATOM   247  C CA  . MET A 1 36  ? -4.737  -2.649  4.675   1.00 11.32 ? 34  MET A CA  1 
ATOM   248  C C   . MET A 1 36  ? -4.280  -1.282  4.186   1.00 11.48 ? 34  MET A C   1 
ATOM   249  O O   . MET A 1 36  ? -5.108  -0.409  3.903   1.00 11.14 ? 34  MET A O   1 
ATOM   250  C CB  . MET A 1 36  ? -4.934  -3.560  3.456   1.00 11.71 ? 34  MET A CB  1 
ATOM   251  C CG  . MET A 1 36  ? -5.457  -4.960  3.764   1.00 12.12 ? 34  MET A CG  1 
ATOM   252  S SD  . MET A 1 36  ? -4.342  -5.964  4.771   1.00 12.39 ? 34  MET A SD  1 
ATOM   253  C CE  . MET A 1 36  ? -2.906  -6.097  3.700   1.00 12.24 ? 34  MET A CE  1 
ATOM   254  N N   . GLY A 1 37  ? -2.966  -1.099  4.073   1.00 11.21 ? 35  GLY A N   1 
ATOM   255  C CA  . GLY A 1 37  ? -2.426  0.176   3.616   1.00 11.18 ? 35  GLY A CA  1 
ATOM   256  C C   . GLY A 1 37  ? -1.060  0.091   2.969   1.00 10.94 ? 35  GLY A C   1 
ATOM   257  O O   . GLY A 1 37  ? -0.364  -0.914  3.089   1.00 10.87 ? 35  GLY A O   1 
ATOM   258  N N   . TRP A 1 38  ? -0.686  1.153   2.265   1.00 10.89 ? 36  TRP A N   1 
ATOM   259  C CA  . TRP A 1 38  ? 0.649   1.261   1.681   1.00 10.66 ? 36  TRP A CA  1 
ATOM   260  C C   . TRP A 1 38  ? 1.421   2.350   2.362   1.00 10.56 ? 36  TRP A C   1 
ATOM   261  O O   . TRP A 1 38  ? 0.869   3.404   2.697   1.00 10.19 ? 36  TRP A O   1 
ATOM   262  C CB  . TRP A 1 38  ? 0.582   1.508   0.176   1.00 10.33 ? 36  TRP A CB  1 
ATOM   263  C CG  . TRP A 1 38  ? 0.089   0.315   -0.615  1.00 9.88  ? 36  TRP A CG  1 
ATOM   264  C CD1 . TRP A 1 38  ? -1.230  -0.024  -0.909  1.00 10.20 ? 36  TRP A CD1 1 
ATOM   265  C CD2 . TRP A 1 38  ? 0.901   -0.740  -1.238  1.00 9.41  ? 36  TRP A CD2 1 
ATOM   266  N NE1 . TRP A 1 38  ? -1.287  -1.183  -1.645  1.00 9.95  ? 36  TRP A NE1 1 
ATOM   267  C CE2 . TRP A 1 38  ? -0.044  -1.664  -1.876  1.00 9.67  ? 36  TRP A CE2 1 
ATOM   268  C CE3 . TRP A 1 38  ? 2.268   -1.005  -1.324  1.00 9.83  ? 36  TRP A CE3 1 
ATOM   269  C CZ2 . TRP A 1 38  ? 0.383   -2.789  -2.568  1.00 8.15  ? 36  TRP A CZ2 1 
ATOM   270  C CZ3 . TRP A 1 38  ? 2.685   -2.144  -2.027  1.00 8.57  ? 36  TRP A CZ3 1 
ATOM   271  C CH2 . TRP A 1 38  ? 1.762   -3.011  -2.634  1.00 9.80  ? 36  TRP A CH2 1 
ATOM   272  N N   . PHE A 1 39  ? 2.701   2.078   2.597   1.00 10.71 ? 37  PHE A N   1 
ATOM   273  C CA  . PHE A 1 39  ? 3.640   3.048   3.136   1.00 11.04 ? 37  PHE A CA  1 
ATOM   274  C C   . PHE A 1 39  ? 4.813   3.083   2.167   1.00 11.12 ? 37  PHE A C   1 
ATOM   275  O O   . PHE A 1 39  ? 4.941   2.195   1.319   1.00 10.49 ? 37  PHE A O   1 
ATOM   276  C CB  . PHE A 1 39  ? 4.134   2.629   4.531   1.00 10.69 ? 37  PHE A CB  1 
ATOM   277  C CG  . PHE A 1 39  ? 3.125   2.834   5.640   1.00 10.72 ? 37  PHE A CG  1 
ATOM   278  C CD1 . PHE A 1 39  ? 2.032   1.980   5.780   1.00 10.71 ? 37  PHE A CD1 1 
ATOM   279  C CD2 . PHE A 1 39  ? 3.291   3.860   6.568   1.00 10.94 ? 37  PHE A CD2 1 
ATOM   280  C CE1 . PHE A 1 39  ? 1.115   2.162   6.807   1.00 10.03 ? 37  PHE A CE1 1 
ATOM   281  C CE2 . PHE A 1 39  ? 2.375   4.046   7.600   1.00 9.85  ? 37  PHE A CE2 1 
ATOM   282  C CZ  . PHE A 1 39  ? 1.289   3.193   7.720   1.00 9.97  ? 37  PHE A CZ  1 
ATOM   283  N N   . ARG A 1 40  ? 5.669   4.095   2.293   1.00 11.16 ? 38  ARG A N   1 
ATOM   284  C CA  . ARG A 1 40  ? 6.869   4.187   1.462   1.00 11.27 ? 38  ARG A CA  1 
ATOM   285  C C   . ARG A 1 40  ? 8.023   4.795   2.242   1.00 10.97 ? 38  ARG A C   1 
ATOM   286  O O   . ARG A 1 40  ? 7.810   5.614   3.133   1.00 10.13 ? 38  ARG A O   1 
ATOM   287  C CB  . ARG A 1 40  ? 6.598   4.986   0.179   1.00 11.30 ? 38  ARG A CB  1 
ATOM   288  C CG  . ARG A 1 40  ? 6.372   6.471   0.395   1.00 11.15 ? 38  ARG A CG  1 
ATOM   289  C CD  . ARG A 1 40  ? 6.086   7.159   -0.921  1.00 11.58 ? 38  ARG A CD  1 
ATOM   290  N NE  . ARG A 1 40  ? 5.903   8.592   -0.743  1.00 11.73 ? 38  ARG A NE  1 
ATOM   291  C CZ  . ARG A 1 40  ? 5.456   9.419   -1.682  1.00 11.78 ? 38  ARG A CZ  1 
ATOM   292  N NH1 . ARG A 1 40  ? 5.132   8.963   -2.890  1.00 11.89 ? 38  ARG A NH1 1 
ATOM   293  N NH2 . ARG A 1 40  ? 5.336   10.709  -1.409  1.00 11.81 ? 38  ARG A NH2 1 
ATOM   294  N N   . GLN A 1 41  ? 9.244   4.397   1.897   1.00 11.64 ? 39  GLN A N   1 
ATOM   295  C CA  . GLN A 1 41  ? 10.417  4.852   2.634   1.00 12.09 ? 39  GLN A CA  1 
ATOM   296  C C   . GLN A 1 41  ? 11.691  4.891   1.800   1.00 11.89 ? 39  GLN A C   1 
ATOM   297  O O   . GLN A 1 41  ? 12.091  3.887   1.215   1.00 12.14 ? 39  GLN A O   1 
ATOM   298  C CB  . GLN A 1 41  ? 10.633  3.977   3.867   1.00 12.52 ? 39  GLN A CB  1 
ATOM   299  C CG  . GLN A 1 41  ? 11.766  4.444   4.775   1.00 13.34 ? 39  GLN A CG  1 
ATOM   300  C CD  . GLN A 1 41  ? 11.830  3.632   6.053   1.00 13.70 ? 39  GLN A CD  1 
ATOM   301  O OE1 . GLN A 1 41  ? 11.658  2.412   6.039   1.00 13.83 ? 39  GLN A OE1 1 
ATOM   302  N NE2 . GLN A 1 41  ? 12.066  4.307   7.168   1.00 13.73 ? 39  GLN A NE2 1 
ATOM   303  N N   . ALA A 1 42  ? 12.317  6.064   1.765   1.00 11.81 ? 40  ALA A N   1 
ATOM   304  C CA  . ALA A 1 42  ? 13.627  6.241   1.153   1.00 11.57 ? 40  ALA A CA  1 
ATOM   305  C C   . ALA A 1 42  ? 14.669  6.126   2.269   1.00 11.83 ? 40  ALA A C   1 
ATOM   306  O O   . ALA A 1 42  ? 14.349  6.398   3.426   1.00 11.95 ? 40  ALA A O   1 
ATOM   307  C CB  . ALA A 1 42  ? 13.701  7.602   0.480   1.00 11.54 ? 40  ALA A CB  1 
ATOM   308  N N   . PRO A 1 43  ? 15.910  5.697   1.944   1.00 12.08 ? 41  PRO A N   1 
ATOM   309  C CA  . PRO A 1 43  ? 16.920  5.571   3.002   1.00 12.15 ? 41  PRO A CA  1 
ATOM   310  C C   . PRO A 1 43  ? 17.078  6.834   3.852   1.00 12.50 ? 41  PRO A C   1 
ATOM   311  O O   . PRO A 1 43  ? 17.125  7.948   3.324   1.00 12.68 ? 41  PRO A O   1 
ATOM   312  C CB  . PRO A 1 43  ? 18.193  5.253   2.220   1.00 12.08 ? 41  PRO A CB  1 
ATOM   313  C CG  . PRO A 1 43  ? 17.684  4.440   1.071   1.00 11.97 ? 41  PRO A CG  1 
ATOM   314  C CD  . PRO A 1 43  ? 16.398  5.134   0.668   1.00 12.08 ? 41  PRO A CD  1 
ATOM   315  N N   . GLY A 1 44  ? 17.117  6.644   5.168   1.00 12.87 ? 42  GLY A N   1 
ATOM   316  C CA  . GLY A 1 44  ? 17.249  7.744   6.120   1.00 13.09 ? 42  GLY A CA  1 
ATOM   317  C C   . GLY A 1 44  ? 15.973  8.540   6.347   1.00 13.29 ? 42  GLY A C   1 
ATOM   318  O O   . GLY A 1 44  ? 15.920  9.405   7.223   1.00 13.11 ? 42  GLY A O   1 
ATOM   319  N N   . LYS A 1 45  ? 14.945  8.251   5.556   1.00 13.57 ? 43  LYS A N   1 
ATOM   320  C CA  . LYS A 1 45  ? 13.685  8.976   5.636   1.00 14.12 ? 43  LYS A CA  1 
ATOM   321  C C   . LYS A 1 45  ? 12.746  8.274   6.613   1.00 14.58 ? 43  LYS A C   1 
ATOM   322  O O   . LYS A 1 45  ? 12.897  7.078   6.885   1.00 14.37 ? 43  LYS A O   1 
ATOM   323  C CB  . LYS A 1 45  ? 13.056  9.054   4.246   1.00 13.96 ? 43  LYS A CB  1 
ATOM   324  C CG  . LYS A 1 45  ? 12.404  10.379  3.898   1.00 14.58 ? 43  LYS A CG  1 
ATOM   325  C CD  . LYS A 1 45  ? 12.182  10.470  2.392   1.00 15.07 ? 43  LYS A CD  1 
ATOM   326  C CE  . LYS A 1 45  ? 11.562  11.795  1.985   1.00 15.50 ? 43  LYS A CE  1 
ATOM   327  N NZ  . LYS A 1 45  ? 10.212  11.997  2.577   1.00 15.74 ? 43  LYS A NZ  1 
ATOM   328  N N   . GLU A 1 46  ? 11.791  9.022   7.157   1.00 15.18 ? 44  GLU A N   1 
ATOM   329  C CA  . GLU A 1 46  ? 10.753  8.424   7.980   1.00 16.10 ? 44  GLU A CA  1 
ATOM   330  C C   . GLU A 1 46  ? 9.803   7.659   7.078   1.00 16.08 ? 44  GLU A C   1 
ATOM   331  O O   . GLU A 1 46  ? 9.494   8.107   5.955   1.00 15.93 ? 44  GLU A O   1 
ATOM   332  C CB  . GLU A 1 46  ? 9.934   9.479   8.710   1.00 16.89 ? 44  GLU A CB  1 
ATOM   333  C CG  . GLU A 1 46  ? 10.711  10.509  9.502   1.00 17.43 ? 44  GLU A CG  1 
ATOM   334  C CD  . GLU A 1 46  ? 9.803   11.631  9.956   1.00 18.00 ? 44  GLU A CD  1 
ATOM   335  O OE1 . GLU A 1 46  ? 9.094   11.456  10.972  1.00 18.72 ? 44  GLU A OE1 1 
ATOM   336  O OE2 . GLU A 1 46  ? 9.789   12.682  9.277   1.00 18.59 ? 44  GLU A OE2 1 
ATOM   337  N N   . ARG A 1 47  ? 9.313   6.522   7.573   1.00 16.10 ? 45  ARG A N   1 
ATOM   338  C CA  . ARG A 1 47  ? 8.312   5.788   6.811   1.00 16.11 ? 45  ARG A CA  1 
ATOM   339  C C   . ARG A 1 47  ? 7.015   6.596   6.732   1.00 16.14 ? 45  ARG A C   1 
ATOM   340  O O   . ARG A 1 47  ? 6.467   7.049   7.742   1.00 16.36 ? 45  ARG A O   1 
ATOM   341  C CB  . ARG A 1 47  ? 8.090   4.380   7.353   1.00 15.94 ? 45  ARG A CB  1 
ATOM   342  C CG  . ARG A 1 47  ? 7.376   3.496   6.340   1.00 15.94 ? 45  ARG A CG  1 
ATOM   343  C CD  . ARG A 1 47  ? 7.480   2.019   6.666   1.00 15.79 ? 45  ARG A CD  1 
ATOM   344  N NE  . ARG A 1 47  ? 8.863   1.546   6.682   1.00 15.88 ? 45  ARG A NE  1 
ATOM   345  C CZ  . ARG A 1 47  ? 9.222   0.281   6.874   1.00 15.88 ? 45  ARG A CZ  1 
ATOM   346  N NH1 . ARG A 1 47  ? 8.302   -0.663  7.060   1.00 15.78 ? 45  ARG A NH1 1 
ATOM   347  N NH2 . ARG A 1 47  ? 10.507  -0.043  6.878   1.00 15.85 ? 45  ARG A NH2 1 
ATOM   348  N N   . GLU A 1 48  ? 6.545   6.818   5.487   1.00 15.70 ? 46  GLU A N   1 
ATOM   349  C CA  . GLU A 1 48  ? 5.407   7.697   5.144   1.00 15.47 ? 46  GLU A CA  1 
ATOM   350  C C   . GLU A 1 48  ? 4.180   6.861   4.793   1.00 14.44 ? 46  GLU A C   1 
ATOM   351  O O   . GLU A 1 48  ? 4.283   5.864   4.041   1.00 13.91 ? 46  GLU A O   1 
ATOM   352  C CB  . GLU A 1 48  ? 5.840   8.561   3.950   1.00 16.42 ? 46  GLU A CB  1 
ATOM   353  C CG  . GLU A 1 48  ? 4.778   9.462   3.340   1.00 17.12 ? 46  GLU A CG  1 
ATOM   354  C CD  . GLU A 1 48  ? 5.325   10.322  2.213   1.00 17.55 ? 46  GLU A CD  1 
ATOM   355  O OE1 . GLU A 1 48  ? 6.520   10.171  1.852   1.00 18.40 ? 46  GLU A OE1 1 
ATOM   356  O OE2 . GLU A 1 48  ? 4.560   11.161  1.688   1.00 18.38 ? 46  GLU A OE2 1 
ATOM   357  N N   . PHE A 1 49  ? 3.031   7.207   5.368   1.00 13.27 ? 47  PHE A N   1 
ATOM   358  C CA  . PHE A 1 49  ? 1.755   6.633   4.958   1.00 12.10 ? 47  PHE A CA  1 
ATOM   359  C C   . PHE A 1 49  ? 1.430   7.121   3.544   1.00 11.81 ? 47  PHE A C   1 
ATOM   360  O O   . PHE A 1 49  ? 1.733   8.263   3.187   1.00 11.34 ? 47  PHE A O   1 
ATOM   361  C CB  . PHE A 1 49  ? 0.654   7.027   5.952   1.00 11.32 ? 47  PHE A CB  1 
ATOM   362  C CG  . PHE A 1 49  ? -0.738  6.724   5.476   1.00 11.45 ? 47  PHE A CG  1 
ATOM   363  C CD1 . PHE A 1 49  ? -1.245  5.431   5.529   1.00 10.57 ? 47  PHE A CD1 1 
ATOM   364  C CD2 . PHE A 1 49  ? -1.550  7.741   4.972   1.00 11.33 ? 47  PHE A CD2 1 
ATOM   365  C CE1 . PHE A 1 49  ? -2.532  5.156   5.089   1.00 10.77 ? 47  PHE A CE1 1 
ATOM   366  C CE2 . PHE A 1 49  ? -2.838  7.469   4.527   1.00 11.14 ? 47  PHE A CE2 1 
ATOM   367  C CZ  . PHE A 1 49  ? -3.329  6.176   4.589   1.00 10.65 ? 47  PHE A CZ  1 
ATOM   368  N N   . VAL A 1 50  ? 0.826   6.251   2.739   1.00 11.31 ? 48  VAL A N   1 
ATOM   369  C CA  . VAL A 1 50  ? 0.470   6.601   1.360   1.00 10.73 ? 48  VAL A CA  1 
ATOM   370  C C   . VAL A 1 50  ? -1.034  6.484   1.107   1.00 10.50 ? 48  VAL A C   1 
ATOM   371  O O   . VAL A 1 50  ? -1.659  7.426   0.629   1.00 10.14 ? 48  VAL A O   1 
ATOM   372  C CB  . VAL A 1 50  ? 1.255   5.751   0.336   1.00 9.32  ? 48  VAL A CB  1 
ATOM   373  C CG1 . VAL A 1 50  ? 0.670   5.898   -1.064  1.00 8.73  ? 48  VAL A CG1 1 
ATOM   374  C CG2 . VAL A 1 50  ? 2.721   6.151   0.335   1.00 9.98  ? 48  VAL A CG2 1 
ATOM   375  N N   . ALA A 1 51  ? -1.599  5.321   1.425   1.00 10.71 ? 49  ALA A N   1 
ATOM   376  C CA  . ALA A 1 51  ? -3.011  5.042   1.187   1.00 10.30 ? 49  ALA A CA  1 
ATOM   377  C C   . ALA A 1 51  ? -3.493  3.903   2.078   1.00 10.71 ? 49  ALA A C   1 
ATOM   378  O O   . ALA A 1 51  ? -2.711  3.036   2.467   1.00 10.41 ? 49  ALA A O   1 
ATOM   379  C CB  . ALA A 1 51  ? -3.249  4.700   -0.275  1.00 8.02  ? 49  ALA A CB  1 
ATOM   380  N N   . ALA A 1 52  ? -4.781  3.917   2.408   1.00 11.02 ? 50  ALA A N   1 
ATOM   381  C CA  . ALA A 1 52  ? -5.388  2.847   3.197   1.00 11.03 ? 50  ALA A CA  1 
ATOM   382  C C   . ALA A 1 52  ? -6.691  2.372   2.565   1.00 11.23 ? 50  ALA A C   1 
ATOM   383  O O   . ALA A 1 52  ? -7.353  3.124   1.850   1.00 11.11 ? 50  ALA A O   1 
ATOM   384  C CB  . ALA A 1 52  ? -5.625  3.302   4.627   1.00 10.69 ? 50  ALA A CB  1 
ATOM   385  N N   . ILE A 1 53  ? -7.046  1.120   2.837   1.00 11.44 ? 51  ILE A N   1 
ATOM   386  C CA  . ILE A 1 53  ? -8.279  0.516   2.335   1.00 11.49 ? 51  ILE A CA  1 
ATOM   387  C C   . ILE A 1 53  ? -8.864  -0.475  3.350   1.00 12.06 ? 51  ILE A C   1 
ATOM   388  O O   . ILE A 1 53  ? -8.132  -1.135  4.089   1.00 10.90 ? 51  ILE A O   1 
ATOM   389  C CB  . ILE A 1 53  ? -8.085  -0.145  0.942   1.00 11.67 ? 51  ILE A CB  1 
ATOM   390  C CG1 . ILE A 1 53  ? -9.439  -0.565  0.345   1.00 11.80 ? 51  ILE A CG1 1 
ATOM   391  C CG2 . ILE A 1 53  ? -7.111  -1.324  1.021   1.00 11.84 ? 51  ILE A CG2 1 
ATOM   392  C CD1 . ILE A 1 53  ? -9.415  -0.829  -1.145  1.00 11.83 ? 51  ILE A CD1 1 
ATOM   393  N N   . SER A 1 54  ? -10.192 -0.549  3.385   1.00 12.58 ? 52  SER A N   1 
ATOM   394  C CA  . SER A 1 54  ? -10.914 -1.482  4.240   1.00 12.80 ? 52  SER A CA  1 
ATOM   395  C C   . SER A 1 54  ? -12.247 -1.818  3.584   1.00 13.11 ? 52  SER A C   1 
ATOM   396  O O   . SER A 1 54  ? -12.766 -1.032  2.791   1.00 12.75 ? 52  SER A O   1 
ATOM   397  C CB  . SER A 1 54  ? -11.156 -0.869  5.620   1.00 12.76 ? 52  SER A CB  1 
ATOM   398  O OG  . SER A 1 54  ? -12.074 0.210   5.544   1.00 13.03 ? 52  SER A OG  1 
ATOM   399  N N   . ALA A 1 55  ? -12.799 -2.979  3.928   1.00 14.25 ? 53  ALA A N   1 
ATOM   400  C CA  . ALA A 1 55  ? -14.042 -3.462  3.329   1.00 15.47 ? 53  ALA A CA  1 
ATOM   401  C C   . ALA A 1 55  ? -15.271 -2.704  3.818   1.00 16.37 ? 53  ALA A C   1 
ATOM   402  O O   . ALA A 1 55  ? -15.405 -2.413  5.007   1.00 16.31 ? 53  ALA A O   1 
ATOM   403  C CB  . ALA A 1 55  ? -14.207 -4.954  3.578   1.00 15.30 ? 53  ALA A CB  1 
ATOM   404  N N   . ALA A 1 56  ? -16.162 -2.389  2.881   1.00 17.78 ? 54  ALA A N   1 
ATOM   405  C CA  . ALA A 1 56  ? -17.466 -1.807  3.193   1.00 19.15 ? 54  ALA A CA  1 
ATOM   406  C C   . ALA A 1 56  ? -18.527 -2.894  2.940   1.00 20.58 ? 54  ALA A C   1 
ATOM   407  O O   . ALA A 1 56  ? -18.162 -4.050  2.706   1.00 20.81 ? 54  ALA A O   1 
ATOM   408  C CB  . ALA A 1 56  ? -17.708 -0.574  2.329   1.00 18.49 ? 54  ALA A CB  1 
ATOM   409  N N   . PRO A 1 57  ? -19.838 -2.550  3.013   1.00 21.88 ? 55  PRO A N   1 
ATOM   410  C CA  . PRO A 1 57  ? -20.852 -3.540  2.623   1.00 22.62 ? 55  PRO A CA  1 
ATOM   411  C C   . PRO A 1 57  ? -20.772 -3.970  1.158   1.00 23.51 ? 55  PRO A C   1 
ATOM   412  O O   . PRO A 1 57  ? -20.312 -3.205  0.299   1.00 24.47 ? 55  PRO A O   1 
ATOM   413  C CB  . PRO A 1 57  ? -22.167 -2.809  2.892   1.00 22.68 ? 55  PRO A CB  1 
ATOM   414  C CG  . PRO A 1 57  ? -21.839 -1.919  4.037   1.00 22.57 ? 55  PRO A CG  1 
ATOM   415  C CD  . PRO A 1 57  ? -20.447 -1.410  3.726   1.00 22.15 ? 55  PRO A CD  1 
ATOM   416  N N   . GLY A 1 58  ? -21.214 -5.197  0.890   1.00 23.70 ? 56  GLY A N   1 
ATOM   417  C CA  . GLY A 1 58  ? -21.206 -5.753  -0.456  1.00 23.96 ? 56  GLY A CA  1 
ATOM   418  C C   . GLY A 1 58  ? -19.803 -5.933  -0.997  1.00 24.09 ? 56  GLY A C   1 
ATOM   419  O O   . GLY A 1 58  ? -18.976 -6.622  -0.393  1.00 24.36 ? 56  GLY A O   1 
ATOM   420  N N   . THR A 1 59  ? -19.539 -5.308  -2.140  1.00 23.77 ? 57  THR A N   1 
ATOM   421  C CA  . THR A 1 59  ? -18.226 -5.378  -2.780  1.00 23.18 ? 57  THR A CA  1 
ATOM   422  C C   . THR A 1 59  ? -17.514 -4.023  -2.733  1.00 22.24 ? 57  THR A C   1 
ATOM   423  O O   . THR A 1 59  ? -16.465 -3.842  -3.359  1.00 22.76 ? 57  THR A O   1 
ATOM   424  C CB  . THR A 1 59  ? -18.335 -5.881  -4.239  1.00 23.86 ? 57  THR A CB  1 
ATOM   425  O OG1 . THR A 1 59  ? -19.255 -5.057  -4.967  1.00 24.28 ? 57  THR A OG1 1 
ATOM   426  C CG2 . THR A 1 59  ? -18.814 -7.338  -4.282  1.00 23.98 ? 57  THR A CG2 1 
ATOM   427  N N   . ALA A 1 60  ? -18.090 -3.079  -1.984  1.00 20.58 ? 58  ALA A N   1 
ATOM   428  C CA  . ALA A 1 60  ? -17.538 -1.730  -1.850  1.00 18.84 ? 58  ALA A CA  1 
ATOM   429  C C   . ALA A 1 60  ? -16.432 -1.668  -0.800  1.00 17.49 ? 58  ALA A C   1 
ATOM   430  O O   . ALA A 1 60  ? -16.337 -2.538  0.065   1.00 17.12 ? 58  ALA A O   1 
ATOM   431  C CB  . ALA A 1 60  ? -18.641 -0.739  -1.516  1.00 18.81 ? 58  ALA A CB  1 
ATOM   432  N N   . TYR A 1 61  ? -15.603 -0.631  -0.885  1.00 16.14 ? 59  TYR A N   1 
ATOM   433  C CA  . TYR A 1 61  ? -14.507 -0.418  0.056   1.00 14.98 ? 59  TYR A CA  1 
ATOM   434  C C   . TYR A 1 61  ? -14.408 1.045   0.466   1.00 14.29 ? 59  TYR A C   1 
ATOM   435  O O   . TYR A 1 61  ? -14.797 1.935   -0.292  1.00 14.07 ? 59  TYR A O   1 
ATOM   436  C CB  . TYR A 1 61  ? -13.168 -0.833  -0.563  1.00 14.62 ? 59  TYR A CB  1 
ATOM   437  C CG  . TYR A 1 61  ? -13.004 -2.315  -0.808  1.00 14.85 ? 59  TYR A CG  1 
ATOM   438  C CD1 . TYR A 1 61  ? -13.545 -2.916  -1.946  1.00 14.69 ? 59  TYR A CD1 1 
ATOM   439  C CD2 . TYR A 1 61  ? -12.289 -3.116  0.087   1.00 14.58 ? 59  TYR A CD2 1 
ATOM   440  C CE1 . TYR A 1 61  ? -13.395 -4.277  -2.176  1.00 14.83 ? 59  TYR A CE1 1 
ATOM   441  C CE2 . TYR A 1 61  ? -12.130 -4.478  -0.137  1.00 14.49 ? 59  TYR A CE2 1 
ATOM   442  C CZ  . TYR A 1 61  ? -12.684 -5.051  -1.269  1.00 14.78 ? 59  TYR A CZ  1 
ATOM   443  O OH  . TYR A 1 61  ? -12.532 -6.398  -1.506  1.00 14.97 ? 59  TYR A OH  1 
ATOM   444  N N   . TYR A 1 62  ? -13.881 1.274   1.669   1.00 13.62 ? 60  TYR A N   1 
ATOM   445  C CA  . TYR A 1 62  ? -13.501 2.608   2.120   1.00 13.14 ? 60  TYR A CA  1 
ATOM   446  C C   . TYR A 1 62  ? -12.028 2.805   1.793   1.00 12.67 ? 60  TYR A C   1 
ATOM   447  O O   . TYR A 1 62  ? -11.228 1.872   1.932   1.00 12.11 ? 60  TYR A O   1 
ATOM   448  C CB  . TYR A 1 62  ? -13.701 2.751   3.631   1.00 13.07 ? 60  TYR A CB  1 
ATOM   449  C CG  . TYR A 1 62  ? -15.146 2.700   4.086   1.00 13.32 ? 60  TYR A CG  1 
ATOM   450  C CD1 . TYR A 1 62  ? -16.023 3.749   3.806   1.00 13.18 ? 60  TYR A CD1 1 
ATOM   451  C CD2 . TYR A 1 62  ? -15.626 1.616   4.817   1.00 13.29 ? 60  TYR A CD2 1 
ATOM   452  C CE1 . TYR A 1 62  ? -17.340 3.710   4.228   1.00 13.29 ? 60  TYR A CE1 1 
ATOM   453  C CE2 . TYR A 1 62  ? -16.943 1.569   5.245   1.00 13.32 ? 60  TYR A CE2 1 
ATOM   454  C CZ  . TYR A 1 62  ? -17.793 2.619   4.949   1.00 13.26 ? 60  TYR A CZ  1 
ATOM   455  O OH  . TYR A 1 62  ? -19.100 2.575   5.369   1.00 13.37 ? 60  TYR A OH  1 
ATOM   456  N N   . ALA A 1 63  ? -11.676 4.012   1.360   1.00 11.73 ? 61  ALA A N   1 
ATOM   457  C CA  . ALA A 1 63  ? -10.294 4.340   1.043   1.00 11.30 ? 61  ALA A CA  1 
ATOM   458  C C   . ALA A 1 63  ? -9.887  5.657   1.693   1.00 11.34 ? 61  ALA A C   1 
ATOM   459  O O   . ALA A 1 63  ? -10.739 6.464   2.064   1.00 11.29 ? 61  ALA A O   1 
ATOM   460  C CB  . ALA A 1 63  ? -10.092 4.398   -0.467  1.00 11.45 ? 61  ALA A CB  1 
ATOM   461  N N   . PHE A 1 64  ? -8.581  5.850   1.845   1.00 11.30 ? 62  PHE A N   1 
ATOM   462  C CA  . PHE A 1 64  ? -8.033  7.090   2.378   1.00 11.53 ? 62  PHE A CA  1 
ATOM   463  C C   . PHE A 1 64  ? -6.640  7.323   1.812   1.00 11.42 ? 62  PHE A C   1 
ATOM   464  O O   . PHE A 1 64  ? -5.826  6.405   1.762   1.00 11.57 ? 62  PHE A O   1 
ATOM   465  C CB  . PHE A 1 64  ? -7.995  7.072   3.912   1.00 11.25 ? 62  PHE A CB  1 
ATOM   466  C CG  . PHE A 1 64  ? -7.565  8.378   4.510   1.00 11.01 ? 62  PHE A CG  1 
ATOM   467  C CD1 . PHE A 1 64  ? -8.479  9.420   4.657   1.00 11.03 ? 62  PHE A CD1 1 
ATOM   468  C CD2 . PHE A 1 64  ? -6.242  8.585   4.892   1.00 10.29 ? 62  PHE A CD2 1 
ATOM   469  C CE1 . PHE A 1 64  ? -8.085  10.639  5.186   1.00 9.95  ? 62  PHE A CE1 1 
ATOM   470  C CE2 . PHE A 1 64  ? -5.842  9.804   5.424   1.00 9.94  ? 62  PHE A CE2 1 
ATOM   471  C CZ  . PHE A 1 64  ? -6.764  10.831  5.570   1.00 9.86  ? 62  PHE A CZ  1 
ATOM   472  N N   . TYR A 1 65  ? -6.376  8.559   1.392   1.00 11.82 ? 63  TYR A N   1 
ATOM   473  C CA  . TYR A 1 65  ? -5.114  8.900   0.736   1.00 12.23 ? 63  TYR A CA  1 
ATOM   474  C C   . TYR A 1 65  ? -4.354  9.978   1.493   1.00 12.57 ? 63  TYR A C   1 
ATOM   475  O O   . TYR A 1 65  ? -4.959  10.902  2.036   1.00 12.87 ? 63  TYR A O   1 
ATOM   476  C CB  . TYR A 1 65  ? -5.379  9.351   -0.706  1.00 11.97 ? 63  TYR A CB  1 
ATOM   477  C CG  . TYR A 1 65  ? -6.064  8.287   -1.537  1.00 12.11 ? 63  TYR A CG  1 
ATOM   478  C CD1 . TYR A 1 65  ? -5.338  7.221   -2.062  1.00 11.50 ? 63  TYR A CD1 1 
ATOM   479  C CD2 . TYR A 1 65  ? -7.439  8.333   -1.783  1.00 11.76 ? 63  TYR A CD2 1 
ATOM   480  C CE1 . TYR A 1 65  ? -5.953  6.233   -2.809  1.00 12.15 ? 63  TYR A CE1 1 
ATOM   481  C CE2 . TYR A 1 65  ? -8.065  7.346   -2.537  1.00 11.65 ? 63  TYR A CE2 1 
ATOM   482  C CZ  . TYR A 1 65  ? -7.314  6.300   -3.046  1.00 12.08 ? 63  TYR A CZ  1 
ATOM   483  O OH  . TYR A 1 65  ? -7.909  5.309   -3.792  1.00 12.44 ? 63  TYR A OH  1 
ATOM   484  N N   . ALA A 1 66  ? -3.028  9.856   1.532   1.00 12.73 ? 64  ALA A N   1 
ATOM   485  C CA  . ALA A 1 66  ? -2.190  10.929  2.067   1.00 12.82 ? 64  ALA A CA  1 
ATOM   486  C C   . ALA A 1 66  ? -2.216  12.095  1.079   1.00 13.39 ? 64  ALA A C   1 
ATOM   487  O O   . ALA A 1 66  ? -2.337  11.883  -0.132  1.00 12.77 ? 64  ALA A O   1 
ATOM   488  C CB  . ALA A 1 66  ? -0.770  10.440  2.278   1.00 11.37 ? 64  ALA A CB  1 
ATOM   489  N N   . ASP A 1 67  ? -2.112  13.321  1.591   1.00 14.03 ? 65  ASP A N   1 
ATOM   490  C CA  . ASP A 1 67  ? -2.080  14.514  0.732   1.00 14.70 ? 65  ASP A CA  1 
ATOM   491  C C   . ASP A 1 67  ? -0.996  14.439  -0.343  1.00 14.61 ? 65  ASP A C   1 
ATOM   492  O O   . ASP A 1 67  ? -1.158  14.993  -1.432  1.00 14.47 ? 65  ASP A O   1 
ATOM   493  C CB  . ASP A 1 67  ? -1.907  15.794  1.557   1.00 15.28 ? 65  ASP A CB  1 
ATOM   494  C CG  . ASP A 1 67  ? -3.065  16.041  2.510   1.00 16.03 ? 65  ASP A CG  1 
ATOM   495  O OD1 . ASP A 1 67  ? -4.201  15.595  2.222   1.00 16.40 ? 65  ASP A OD1 1 
ATOM   496  O OD2 . ASP A 1 67  ? -2.837  16.690  3.551   1.00 16.23 ? 65  ASP A OD2 1 
ATOM   497  N N   . SER A 1 68  ? 0.101   13.746  -0.040  1.00 14.48 ? 66  SER A N   1 
ATOM   498  C CA  . SER A 1 68  ? 1.213   13.621  -0.988  1.00 14.71 ? 66  SER A CA  1 
ATOM   499  C C   . SER A 1 68  ? 0.843   12.879  -2.281  1.00 14.96 ? 66  SER A C   1 
ATOM   500  O O   . SER A 1 68  ? 1.528   13.031  -3.294  1.00 14.72 ? 66  SER A O   1 
ATOM   501  C CB  . SER A 1 68  ? 2.439   12.977  -0.323  1.00 14.35 ? 66  SER A CB  1 
ATOM   502  O OG  . SER A 1 68  ? 2.137   11.696  0.208   1.00 14.82 ? 66  SER A OG  1 
ATOM   503  N N   . VAL A 1 69  ? -0.239  12.096  -2.251  1.00 15.28 ? 67  VAL A N   1 
ATOM   504  C CA  . VAL A 1 69  ? -0.657  11.310  -3.425  1.00 16.04 ? 67  VAL A CA  1 
ATOM   505  C C   . VAL A 1 69  ? -2.102  11.536  -3.897  1.00 16.77 ? 67  VAL A C   1 
ATOM   506  O O   . VAL A 1 69  ? -2.553  10.884  -4.849  1.00 16.59 ? 67  VAL A O   1 
ATOM   507  C CB  . VAL A 1 69  ? -0.404  9.793   -3.231  1.00 15.81 ? 67  VAL A CB  1 
ATOM   508  C CG1 . VAL A 1 69  ? 1.055   9.534   -2.886  1.00 15.94 ? 67  VAL A CG1 1 
ATOM   509  C CG2 . VAL A 1 69  ? -1.328  9.209   -2.169  1.00 15.13 ? 67  VAL A CG2 1 
ATOM   510  N N   . ARG A 1 70  ? -2.825  12.446  -3.244  1.00 17.78 ? 68  ARG A N   1 
ATOM   511  C CA  . ARG A 1 70  ? -4.204  12.759  -3.642  1.00 18.53 ? 68  ARG A CA  1 
ATOM   512  C C   . ARG A 1 70  ? -4.268  13.213  -5.094  1.00 17.95 ? 68  ARG A C   1 
ATOM   513  O O   . ARG A 1 70  ? -3.448  14.019  -5.541  1.00 18.00 ? 68  ARG A O   1 
ATOM   514  C CB  . ARG A 1 70  ? -4.827  13.823  -2.731  1.00 20.15 ? 68  ARG A CB  1 
ATOM   515  C CG  . ARG A 1 70  ? -5.503  13.259  -1.488  1.00 21.11 ? 68  ARG A CG  1 
ATOM   516  C CD  . ARG A 1 70  ? -6.647  14.152  -1.024  1.00 21.85 ? 68  ARG A CD  1 
ATOM   517  N NE  . ARG A 1 70  ? -6.223  15.178  -0.068  1.00 22.52 ? 68  ARG A NE  1 
ATOM   518  C CZ  . ARG A 1 70  ? -5.853  16.421  -0.398  1.00 22.60 ? 68  ARG A CZ  1 
ATOM   519  N NH1 . ARG A 1 70  ? -5.839  16.824  -1.674  1.00 23.28 ? 68  ARG A NH1 1 
ATOM   520  N NH2 . ARG A 1 70  ? -5.490  17.268  0.561   1.00 23.22 ? 68  ARG A NH2 1 
ATOM   521  N N   . GLY A 1 71  ? -5.232  12.672  -5.831  1.00 17.42 ? 69  GLY A N   1 
ATOM   522  C CA  . GLY A 1 71  ? -5.403  13.010  -7.241  1.00 17.06 ? 69  GLY A CA  1 
ATOM   523  C C   . GLY A 1 71  ? -4.599  12.139  -8.191  1.00 16.74 ? 69  GLY A C   1 
ATOM   524  O O   . GLY A 1 71  ? -4.875  12.111  -9.393  1.00 16.87 ? 69  GLY A O   1 
ATOM   525  N N   . ARG A 1 72  ? -3.617  11.414  -7.653  1.00 16.25 ? 70  ARG A N   1 
ATOM   526  C CA  . ARG A 1 72  ? -2.681  10.651  -8.479  1.00 15.75 ? 70  ARG A CA  1 
ATOM   527  C C   . ARG A 1 72  ? -2.740  9.135   -8.259  1.00 15.35 ? 70  ARG A C   1 
ATOM   528  O O   . ARG A 1 72  ? -2.803  8.373   -9.223  1.00 15.33 ? 70  ARG A O   1 
ATOM   529  C CB  . ARG A 1 72  ? -1.254  11.161  -8.263  1.00 15.79 ? 70  ARG A CB  1 
ATOM   530  C CG  . ARG A 1 72  ? -1.057  12.641  -8.584  1.00 15.98 ? 70  ARG A CG  1 
ATOM   531  C CD  . ARG A 1 72  ? 0.193   13.177  -7.905  1.00 15.82 ? 70  ARG A CD  1 
ATOM   532  N NE  . ARG A 1 72  ? 1.358   12.395  -8.289  1.00 15.90 ? 70  ARG A NE  1 
ATOM   533  C CZ  . ARG A 1 72  ? 2.294   11.945  -7.456  1.00 15.76 ? 70  ARG A CZ  1 
ATOM   534  N NH1 . ARG A 1 72  ? 2.239   12.181  -6.148  1.00 15.03 ? 70  ARG A NH1 1 
ATOM   535  N NH2 . ARG A 1 72  ? 3.293   11.240  -7.950  1.00 15.53 ? 70  ARG A NH2 1 
ATOM   536  N N   . PHE A 1 73  ? -2.712  8.700   -7.002  1.00 14.97 ? 71  PHE A N   1 
ATOM   537  C CA  . PHE A 1 73  ? -2.708  7.267   -6.687  1.00 14.77 ? 71  PHE A CA  1 
ATOM   538  C C   . PHE A 1 73  ? -4.117  6.783   -6.343  1.00 14.62 ? 71  PHE A C   1 
ATOM   539  O O   . PHE A 1 73  ? -4.926  7.534   -5.800  1.00 14.71 ? 71  PHE A O   1 
ATOM   540  C CB  . PHE A 1 73  ? -1.753  6.951   -5.519  1.00 14.29 ? 71  PHE A CB  1 
ATOM   541  C CG  . PHE A 1 73  ? -0.285  7.195   -5.816  1.00 14.17 ? 71  PHE A CG  1 
ATOM   542  C CD1 . PHE A 1 73  ? 0.128   7.888   -6.957  1.00 13.61 ? 71  PHE A CD1 1 
ATOM   543  C CD2 . PHE A 1 73  ? 0.689   6.751   -4.921  1.00 13.68 ? 71  PHE A CD2 1 
ATOM   544  C CE1 . PHE A 1 73  ? 1.472   8.112   -7.207  1.00 12.53 ? 71  PHE A CE1 1 
ATOM   545  C CE2 . PHE A 1 73  ? 2.040   6.981   -5.163  1.00 13.45 ? 71  PHE A CE2 1 
ATOM   546  C CZ  . PHE A 1 73  ? 2.430   7.663   -6.307  1.00 13.02 ? 71  PHE A CZ  1 
ATOM   547  N N   . SER A 1 74  ? -4.406  5.528   -6.666  1.00 14.45 ? 72  SER A N   1 
ATOM   548  C CA  . SER A 1 74  ? -5.674  4.924   -6.269  1.00 14.38 ? 72  SER A CA  1 
ATOM   549  C C   . SER A 1 74  ? -5.425  3.548   -5.685  1.00 13.89 ? 72  SER A C   1 
ATOM   550  O O   . SER A 1 74  ? -4.662  2.758   -6.241  1.00 13.87 ? 72  SER A O   1 
ATOM   551  C CB  . SER A 1 74  ? -6.649  4.852   -7.450  1.00 14.64 ? 72  SER A CB  1 
ATOM   552  O OG  . SER A 1 74  ? -6.245  3.879   -8.391  1.00 15.09 ? 72  SER A OG  1 
ATOM   553  N N   . ILE A 1 75  ? -6.057  3.283   -4.547  1.00 13.72 ? 73  ILE A N   1 
ATOM   554  C CA  . ILE A 1 75  ? -5.953  1.995   -3.863  1.00 13.16 ? 73  ILE A CA  1 
ATOM   555  C C   . ILE A 1 75  ? -7.228  1.178   -4.100  1.00 12.87 ? 73  ILE A C   1 
ATOM   556  O O   . ILE A 1 75  ? -8.341  1.694   -4.008  1.00 12.74 ? 73  ILE A O   1 
ATOM   557  C CB  . ILE A 1 75  ? -5.655  2.175   -2.344  1.00 12.61 ? 73  ILE A CB  1 
ATOM   558  C CG1 . ILE A 1 75  ? -5.192  0.859   -1.707  1.00 12.74 ? 73  ILE A CG1 1 
ATOM   559  C CG2 . ILE A 1 75  ? -6.851  2.771   -1.594  1.00 12.50 ? 73  ILE A CG2 1 
ATOM   560  C CD1 . ILE A 1 75  ? -4.545  1.020   -0.339  1.00 12.63 ? 73  ILE A CD1 1 
ATOM   561  N N   . SER A 1 76  ? -7.057  -0.095  -4.429  1.00 12.87 ? 74  SER A N   1 
ATOM   562  C CA  . SER A 1 76  ? -8.192  -0.986  -4.616  1.00 12.90 ? 74  SER A CA  1 
ATOM   563  C C   . SER A 1 76  ? -7.845  -2.366  -4.075  1.00 13.01 ? 74  SER A C   1 
ATOM   564  O O   . SER A 1 76  ? -6.698  -2.622  -3.707  1.00 12.77 ? 74  SER A O   1 
ATOM   565  C CB  . SER A 1 76  ? -8.602  -1.053  -6.093  1.00 12.45 ? 74  SER A CB  1 
ATOM   566  O OG  . SER A 1 76  ? -7.551  -1.551  -6.896  1.00 11.22 ? 74  SER A OG  1 
ATOM   567  N N   . ALA A 1 77  ? -8.841  -3.243  -3.999  1.00 12.93 ? 75  ALA A N   1 
ATOM   568  C CA  . ALA A 1 77  ? -8.616  -4.601  -3.517  1.00 13.52 ? 75  ALA A CA  1 
ATOM   569  C C   . ALA A 1 77  ? -9.562  -5.600  -4.159  1.00 14.28 ? 75  ALA A C   1 
ATOM   570  O O   . ALA A 1 77  ? -10.667 -5.253  -4.580  1.00 14.15 ? 75  ALA A O   1 
ATOM   571  C CB  . ALA A 1 77  ? -8.720  -4.664  -1.996  1.00 11.95 ? 75  ALA A CB  1 
ATOM   572  N N   . ASP A 1 78  ? -9.101  -6.846  -4.222  1.00 15.55 ? 76  ASP A N   1 
ATOM   573  C CA  . ASP A 1 78  ? -9.881  -7.956  -4.740  1.00 16.64 ? 76  ASP A CA  1 
ATOM   574  C C   . ASP A 1 78  ? -9.941  -9.019  -3.649  1.00 16.87 ? 76  ASP A C   1 
ATOM   575  O O   . ASP A 1 78  ? -8.939  -9.673  -3.353  1.00 16.60 ? 76  ASP A O   1 
ATOM   576  C CB  . ASP A 1 78  ? -9.221  -8.510  -6.006  1.00 17.37 ? 76  ASP A CB  1 
ATOM   577  C CG  . ASP A 1 78  ? -10.117 -9.474  -6.772  1.00 17.77 ? 76  ASP A CG  1 
ATOM   578  O OD1 . ASP A 1 78  ? -10.903 -10.222 -6.145  1.00 18.07 ? 76  ASP A OD1 1 
ATOM   579  O OD2 . ASP A 1 78  ? -10.015 -9.492  -8.019  1.00 17.92 ? 76  ASP A OD2 1 
ATOM   580  N N   . SER A 1 79  ? -11.122 -9.179  -3.057  1.00 17.12 ? 77  SER A N   1 
ATOM   581  C CA  . SER A 1 79  ? -11.327 -10.115 -1.950  1.00 17.42 ? 77  SER A CA  1 
ATOM   582  C C   . SER A 1 79  ? -11.013 -11.561 -2.337  1.00 17.69 ? 77  SER A C   1 
ATOM   583  O O   . SER A 1 79  ? -10.186 -12.214 -1.695  1.00 17.71 ? 77  SER A O   1 
ATOM   584  C CB  . SER A 1 79  ? -12.759 -10.009 -1.419  1.00 17.54 ? 77  SER A CB  1 
ATOM   585  O OG  . SER A 1 79  ? -12.932 -10.837 -0.286  1.00 17.79 ? 77  SER A OG  1 
ATOM   586  N N   . ALA A 1 80  ? -11.680 -12.049 -3.383  1.00 17.85 ? 78  ALA A N   1 
ATOM   587  C CA  . ALA A 1 80  ? -11.479 -13.406 -3.891  1.00 18.16 ? 78  ALA A CA  1 
ATOM   588  C C   . ALA A 1 80  ? -10.008 -13.684 -4.213  1.00 18.38 ? 78  ALA A C   1 
ATOM   589  O O   . ALA A 1 80  ? -9.469  -14.723 -3.826  1.00 18.59 ? 78  ALA A O   1 
ATOM   590  C CB  . ALA A 1 80  ? -12.352 -13.643 -5.117  1.00 18.14 ? 78  ALA A CB  1 
ATOM   591  N N   . LYS A 1 81  ? -9.362  -12.742 -4.898  1.00 18.57 ? 79  LYS A N   1 
ATOM   592  C CA  . LYS A 1 81  ? -7.960  -12.893 -5.289  1.00 18.72 ? 79  LYS A CA  1 
ATOM   593  C C   . LYS A 1 81  ? -6.979  -12.559 -4.167  1.00 18.09 ? 79  LYS A C   1 
ATOM   594  O O   . LYS A 1 81  ? -5.762  -12.607 -4.369  1.00 17.98 ? 79  LYS A O   1 
ATOM   595  C CB  . LYS A 1 81  ? -7.655  -12.078 -6.551  1.00 19.40 ? 79  LYS A CB  1 
ATOM   596  C CG  . LYS A 1 81  ? -8.271  -12.681 -7.803  1.00 19.94 ? 79  LYS A CG  1 
ATOM   597  C CD  . LYS A 1 81  ? -7.851  -11.967 -9.075  1.00 20.19 ? 79  LYS A CD  1 
ATOM   598  C CE  . LYS A 1 81  ? -8.548  -12.597 -10.276 1.00 20.34 ? 79  LYS A CE  1 
ATOM   599  N NZ  . LYS A 1 81  ? -8.176  -11.951 -11.565 1.00 20.96 ? 79  LYS A NZ  1 
ATOM   600  N N   . ASN A 1 82  ? -7.512  -12.224 -2.992  1.00 17.48 ? 80  ASN A N   1 
ATOM   601  C CA  . ASN A 1 82  ? -6.699  -11.988 -1.798  1.00 17.04 ? 80  ASN A CA  1 
ATOM   602  C C   . ASN A 1 82  ? -5.569  -10.970 -2.053  1.00 16.26 ? 80  ASN A C   1 
ATOM   603  O O   . ASN A 1 82  ? -4.452  -11.100 -1.540  1.00 16.20 ? 80  ASN A O   1 
ATOM   604  C CB  . ASN A 1 82  ? -6.151  -13.330 -1.280  1.00 17.49 ? 80  ASN A CB  1 
ATOM   605  C CG  . ASN A 1 82  ? -5.377  -13.192 0.016   1.00 17.55 ? 80  ASN A CG  1 
ATOM   606  O OD1 . ASN A 1 82  ? -5.724  -12.382 0.877   1.00 17.49 ? 80  ASN A OD1 1 
ATOM   607  N ND2 . ASN A 1 82  ? -4.318  -13.982 0.159   1.00 17.81 ? 80  ASN A ND2 1 
ATOM   608  N N   . THR A 1 83  ? -5.876  -9.958  -2.857  1.00 14.96 ? 81  THR A N   1 
ATOM   609  C CA  . THR A 1 83  ? -4.871  -9.001  -3.292  1.00 13.92 ? 81  THR A CA  1 
ATOM   610  C C   . THR A 1 83  ? -5.326  -7.568  -3.038  1.00 13.63 ? 81  THR A C   1 
ATOM   611  O O   . THR A 1 83  ? -6.520  -7.262  -3.096  1.00 13.19 ? 81  THR A O   1 
ATOM   612  C CB  . THR A 1 83  ? -4.519  -9.202  -4.784  1.00 13.71 ? 81  THR A CB  1 
ATOM   613  O OG1 . THR A 1 83  ? -4.107  -10.558 -4.997  1.00 13.00 ? 81  THR A OG1 1 
ATOM   614  C CG2 . THR A 1 83  ? -3.392  -8.283  -5.216  1.00 12.97 ? 81  THR A CG2 1 
ATOM   615  N N   . VAL A 1 84  ? -4.354  -6.713  -2.734  1.00 13.10 ? 82  VAL A N   1 
ATOM   616  C CA  . VAL A 1 84  ? -4.572  -5.283  -2.567  1.00 12.91 ? 82  VAL A CA  1 
ATOM   617  C C   . VAL A 1 84  ? -3.679  -4.583  -3.588  1.00 12.71 ? 82  VAL A C   1 
ATOM   618  O O   . VAL A 1 84  ? -2.559  -5.031  -3.851  1.00 12.18 ? 82  VAL A O   1 
ATOM   619  C CB  . VAL A 1 84  ? -4.265  -4.832  -1.115  1.00 13.14 ? 82  VAL A CB  1 
ATOM   620  C CG1 . VAL A 1 84  ? -2.775  -4.932  -0.797  1.00 12.82 ? 82  VAL A CG1 1 
ATOM   621  C CG2 . VAL A 1 84  ? -4.770  -3.422  -0.863  1.00 13.09 ? 82  VAL A CG2 1 
ATOM   622  N N   . TYR A 1 85  ? -4.180  -3.503  -4.180  1.00 12.58 ? 83  TYR A N   1 
ATOM   623  C CA  . TYR A 1 85  ? -3.464  -2.835  -5.264  1.00 12.16 ? 83  TYR A CA  1 
ATOM   624  C C   . TYR A 1 85  ? -3.205  -1.371  -4.974  1.00 12.54 ? 83  TYR A C   1 
ATOM   625  O O   . TYR A 1 85  ? -3.938  -0.737  -4.211  1.00 12.71 ? 83  TYR A O   1 
ATOM   626  C CB  . TYR A 1 85  ? -4.243  -2.946  -6.579  1.00 11.79 ? 83  TYR A CB  1 
ATOM   627  C CG  . TYR A 1 85  ? -4.564  -4.359  -7.008  1.00 11.85 ? 83  TYR A CG  1 
ATOM   628  C CD1 . TYR A 1 85  ? -5.750  -4.974  -6.605  1.00 11.58 ? 83  TYR A CD1 1 
ATOM   629  C CD2 . TYR A 1 85  ? -3.690  -5.076  -7.822  1.00 11.63 ? 83  TYR A CD2 1 
ATOM   630  C CE1 . TYR A 1 85  ? -6.057  -6.269  -6.999  1.00 12.20 ? 83  TYR A CE1 1 
ATOM   631  C CE2 . TYR A 1 85  ? -3.984  -6.373  -8.223  1.00 11.83 ? 83  TYR A CE2 1 
ATOM   632  C CZ  . TYR A 1 85  ? -5.169  -6.962  -7.813  1.00 12.36 ? 83  TYR A CZ  1 
ATOM   633  O OH  . TYR A 1 85  ? -5.467  -8.249  -8.205  1.00 12.54 ? 83  TYR A OH  1 
ATOM   634  N N   . LEU A 1 86  ? -2.154  -0.846  -5.600  1.00 12.78 ? 84  LEU A N   1 
ATOM   635  C CA  . LEU A 1 86  ? -1.876  0.583   -5.587  1.00 12.92 ? 84  LEU A CA  1 
ATOM   636  C C   . LEU A 1 86  ? -1.516  1.036   -7.000  1.00 13.27 ? 84  LEU A C   1 
ATOM   637  O O   . LEU A 1 86  ? -0.412  0.771   -7.487  1.00 13.40 ? 84  LEU A O   1 
ATOM   638  C CB  . LEU A 1 86  ? -0.746  0.921   -4.603  1.00 12.29 ? 84  LEU A CB  1 
ATOM   639  C CG  . LEU A 1 86  ? -0.534  2.417   -4.329  1.00 12.31 ? 84  LEU A CG  1 
ATOM   640  C CD1 . LEU A 1 86  ? -1.712  3.005   -3.561  1.00 11.13 ? 84  LEU A CD1 1 
ATOM   641  C CD2 . LEU A 1 86  ? 0.771   2.663   -3.585  1.00 12.26 ? 84  LEU A CD2 1 
ATOM   642  N N   . GLN A 1 87  ? -2.457  1.703   -7.659  1.00 13.58 ? 85  GLN A N   1 
ATOM   643  C CA  . GLN A 1 87  ? -2.212  2.259   -8.986  1.00 14.02 ? 85  GLN A CA  1 
ATOM   644  C C   . GLN A 1 87  ? -1.590  3.639   -8.847  1.00 14.19 ? 85  GLN A C   1 
ATOM   645  O O   . GLN A 1 87  ? -2.228  4.567   -8.350  1.00 14.05 ? 85  GLN A O   1 
ATOM   646  C CB  . GLN A 1 87  ? -3.511  2.330   -9.803  1.00 13.92 ? 85  GLN A CB  1 
ATOM   647  C CG  . GLN A 1 87  ? -3.347  2.917   -11.198 1.00 13.60 ? 85  GLN A CG  1 
ATOM   648  C CD  . GLN A 1 87  ? -2.419  2.097   -12.075 1.00 14.20 ? 85  GLN A CD  1 
ATOM   649  O OE1 . GLN A 1 87  ? -1.461  2.620   -12.658 1.00 14.18 ? 85  GLN A OE1 1 
ATOM   650  N NE2 . GLN A 1 87  ? -2.695  0.803   -12.169 1.00 14.15 ? 85  GLN A NE2 1 
ATOM   651  N N   . MET A 1 88  ? -0.343  3.765   -9.282  1.00 14.94 ? 86  MET A N   1 
ATOM   652  C CA  . MET A 1 88  ? 0.374   5.031   -9.198  1.00 15.54 ? 86  MET A CA  1 
ATOM   653  C C   . MET A 1 88  ? 0.380   5.718   -10.554 1.00 15.71 ? 86  MET A C   1 
ATOM   654  O O   . MET A 1 88  ? 0.881   5.160   -11.529 1.00 16.12 ? 86  MET A O   1 
ATOM   655  C CB  . MET A 1 88  ? 1.802   4.809   -8.696  1.00 16.02 ? 86  MET A CB  1 
ATOM   656  C CG  . MET A 1 88  ? 1.881   4.122   -7.334  1.00 16.58 ? 86  MET A CG  1 
ATOM   657  S SD  . MET A 1 88  ? 3.570   3.931   -6.725  1.00 17.63 ? 86  MET A SD  1 
ATOM   658  C CE  . MET A 1 88  ? 4.250   2.794   -7.932  1.00 16.71 ? 86  MET A CE  1 
ATOM   659  N N   . ASN A 1 89  ? -0.196  6.917   -10.613 1.00 15.59 ? 87  ASN A N   1 
ATOM   660  C CA  . ASN A 1 89  ? -0.215  7.718   -11.838 1.00 15.56 ? 87  ASN A CA  1 
ATOM   661  C C   . ASN A 1 89  ? 0.624   8.983   -11.677 1.00 15.36 ? 87  ASN A C   1 
ATOM   662  O O   . ASN A 1 89  ? 0.914   9.403   -10.552 1.00 15.00 ? 87  ASN A O   1 
ATOM   663  C CB  . ASN A 1 89  ? -1.648  8.107   -12.225 1.00 15.56 ? 87  ASN A CB  1 
ATOM   664  C CG  . ASN A 1 89  ? -2.593  6.922   -12.260 1.00 15.82 ? 87  ASN A CG  1 
ATOM   665  O OD1 . ASN A 1 89  ? -3.377  6.714   -11.329 1.00 16.18 ? 87  ASN A OD1 1 
ATOM   666  N ND2 . ASN A 1 89  ? -2.528  6.139   -13.332 1.00 15.54 ? 87  ASN A ND2 1 
ATOM   667  N N   . SER A 1 90  ? 0.995   9.586   -12.809 1.00 15.18 ? 88  SER A N   1 
ATOM   668  C CA  . SER A 1 90  ? 1.749   10.845  -12.835 1.00 15.00 ? 88  SER A CA  1 
ATOM   669  C C   . SER A 1 90  ? 2.915   10.827  -11.845 1.00 14.65 ? 88  SER A C   1 
ATOM   670  O O   . SER A 1 90  ? 3.106   11.758  -11.057 1.00 12.96 ? 88  SER A O   1 
ATOM   671  C CB  . SER A 1 90  ? 0.820   12.034  -12.577 1.00 14.93 ? 88  SER A CB  1 
ATOM   672  O OG  . SER A 1 90  ? -0.231  12.057  -13.528 1.00 15.23 ? 88  SER A OG  1 
ATOM   673  N N   . LEU A 1 91  ? 3.683   9.741   -11.894 1.00 15.35 ? 89  LEU A N   1 
ATOM   674  C CA  . LEU A 1 91  ? 4.809   9.548   -10.993 1.00 15.83 ? 89  LEU A CA  1 
ATOM   675  C C   . LEU A 1 91  ? 5.835   10.659  -11.179 1.00 16.45 ? 89  LEU A C   1 
ATOM   676  O O   . LEU A 1 91  ? 5.972   11.225  -12.268 1.00 16.75 ? 89  LEU A O   1 
ATOM   677  C CB  . LEU A 1 91  ? 5.444   8.168   -11.211 1.00 15.37 ? 89  LEU A CB  1 
ATOM   678  C CG  . LEU A 1 91  ? 4.718   6.948   -10.630 1.00 14.82 ? 89  LEU A CG  1 
ATOM   679  C CD1 . LEU A 1 91  ? 5.244   5.665   -11.253 1.00 14.63 ? 89  LEU A CD1 1 
ATOM   680  C CD2 . LEU A 1 91  ? 4.841   6.888   -9.112  1.00 15.18 ? 89  LEU A CD2 1 
ATOM   681  N N   . LYS A 1 92  ? 6.528   10.989  -10.099 1.00 17.05 ? 90  LYS A N   1 
ATOM   682  C CA  . LYS A 1 92  ? 7.571   12.004  -10.132 1.00 17.72 ? 90  LYS A CA  1 
ATOM   683  C C   . LYS A 1 92  ? 8.756   11.520  -9.294  1.00 17.58 ? 90  LYS A C   1 
ATOM   684  O O   . LYS A 1 92  ? 8.585   10.633  -8.450  1.00 17.27 ? 90  LYS A O   1 
ATOM   685  C CB  . LYS A 1 92  ? 7.027   13.355  -9.643  1.00 18.55 ? 90  LYS A CB  1 
ATOM   686  C CG  . LYS A 1 92  ? 6.251   13.296  -8.331  1.00 19.35 ? 90  LYS A CG  1 
ATOM   687  C CD  . LYS A 1 92  ? 5.509   14.596  -8.038  1.00 19.71 ? 90  LYS A CD  1 
ATOM   688  C CE  . LYS A 1 92  ? 4.216   14.707  -8.837  1.00 19.82 ? 90  LYS A CE  1 
ATOM   689  N NZ  . LYS A 1 92  ? 3.353   15.823  -8.346  1.00 20.54 ? 90  LYS A NZ  1 
ATOM   690  N N   . PRO A 1 93  ? 9.963   12.078  -9.532  1.00 17.40 ? 91  PRO A N   1 
ATOM   691  C CA  . PRO A 1 93  ? 11.166  11.625  -8.821  1.00 17.37 ? 91  PRO A CA  1 
ATOM   692  C C   . PRO A 1 93  ? 11.009  11.540  -7.299  1.00 17.37 ? 91  PRO A C   1 
ATOM   693  O O   . PRO A 1 93  ? 11.631  10.681  -6.671  1.00 17.23 ? 91  PRO A O   1 
ATOM   694  C CB  . PRO A 1 93  ? 12.209  12.680  -9.200  1.00 17.43 ? 91  PRO A CB  1 
ATOM   695  C CG  . PRO A 1 93  ? 11.787  13.113  -10.569 1.00 17.68 ? 91  PRO A CG  1 
ATOM   696  C CD  . PRO A 1 93  ? 10.281  13.144  -10.504 1.00 17.45 ? 91  PRO A CD  1 
ATOM   697  N N   . GLU A 1 94  ? 10.177  12.404  -6.716  1.00 17.48 ? 92  GLU A N   1 
ATOM   698  C CA  . GLU A 1 94  ? 9.946   12.380  -5.265  1.00 17.53 ? 92  GLU A CA  1 
ATOM   699  C C   . GLU A 1 94  ? 9.067   11.214  -4.785  1.00 16.44 ? 92  GLU A C   1 
ATOM   700  O O   . GLU A 1 94  ? 8.837   11.067  -3.583  1.00 16.45 ? 92  GLU A O   1 
ATOM   701  C CB  . GLU A 1 94  ? 9.419   13.733  -4.742  1.00 18.63 ? 92  GLU A CB  1 
ATOM   702  C CG  . GLU A 1 94  ? 8.238   14.317  -5.510  1.00 19.46 ? 92  GLU A CG  1 
ATOM   703  C CD  . GLU A 1 94  ? 8.659   15.330  -6.571  1.00 20.04 ? 92  GLU A CD  1 
ATOM   704  O OE1 . GLU A 1 94  ? 9.664   15.098  -7.282  1.00 20.84 ? 92  GLU A OE1 1 
ATOM   705  O OE2 . GLU A 1 94  ? 7.967   16.363  -6.701  1.00 20.53 ? 92  GLU A OE2 1 
ATOM   706  N N   . ASP A 1 95  ? 8.590   10.391  -5.718  1.00 15.03 ? 93  ASP A N   1 
ATOM   707  C CA  . ASP A 1 95  ? 7.854   9.168   -5.372  1.00 13.95 ? 93  ASP A CA  1 
ATOM   708  C C   . ASP A 1 95  ? 8.783   7.961   -5.224  1.00 13.40 ? 93  ASP A C   1 
ATOM   709  O O   . ASP A 1 95  ? 8.360   6.899   -4.747  1.00 12.95 ? 93  ASP A O   1 
ATOM   710  C CB  . ASP A 1 95  ? 6.779   8.860   -6.416  1.00 13.69 ? 93  ASP A CB  1 
ATOM   711  C CG  . ASP A 1 95  ? 5.737   9.953   -6.523  1.00 13.50 ? 93  ASP A CG  1 
ATOM   712  O OD1 . ASP A 1 95  ? 5.240   10.422  -5.482  1.00 13.64 ? 93  ASP A OD1 1 
ATOM   713  O OD2 . ASP A 1 95  ? 5.407   10.340  -7.656  1.00 13.58 ? 93  ASP A OD2 1 
ATOM   714  N N   . THR A 1 96  ? 10.037  8.128   -5.649  1.00 12.67 ? 94  THR A N   1 
ATOM   715  C CA  . THR A 1 96  ? 11.054  7.083   -5.528  1.00 12.27 ? 94  THR A CA  1 
ATOM   716  C C   . THR A 1 96  ? 11.177  6.628   -4.079  1.00 11.84 ? 94  THR A C   1 
ATOM   717  O O   . THR A 1 96  ? 11.426  7.438   -3.187  1.00 11.89 ? 94  THR A O   1 
ATOM   718  C CB  . THR A 1 96  ? 12.437  7.560   -6.021  1.00 12.03 ? 94  THR A CB  1 
ATOM   719  O OG1 . THR A 1 96  ? 12.367  7.885   -7.415  1.00 12.52 ? 94  THR A OG1 1 
ATOM   720  C CG2 . THR A 1 96  ? 13.490  6.472   -5.817  1.00 11.40 ? 94  THR A CG2 1 
ATOM   721  N N   . ALA A 1 97  ? 10.986  5.327   -3.857  1.00 10.85 ? 95  ALA A N   1 
ATOM   722  C CA  . ALA A 1 97  ? 11.096  4.737   -2.530  1.00 10.80 ? 95  ALA A CA  1 
ATOM   723  C C   . ALA A 1 97  ? 10.776  3.261   -2.587  1.00 10.30 ? 95  ALA A C   1 
ATOM   724  O O   . ALA A 1 97  ? 10.345  2.749   -3.621  1.00 10.56 ? 95  ALA A O   1 
ATOM   725  C CB  . ALA A 1 97  ? 10.170  5.439   -1.541  1.00 9.10  ? 95  ALA A CB  1 
ATOM   726  N N   . VAL A 1 98  ? 11.010  2.573   -1.473  1.00 10.23 ? 96  VAL A N   1 
ATOM   727  C CA  . VAL A 1 98  ? 10.542  1.205   -1.324  1.00 10.39 ? 96  VAL A CA  1 
ATOM   728  C C   . VAL A 1 98  ? 9.119   1.304   -0.784  1.00 10.17 ? 96  VAL A C   1 
ATOM   729  O O   . VAL A 1 98  ? 8.865   2.010   0.194   1.00 10.16 ? 96  VAL A O   1 
ATOM   730  C CB  . VAL A 1 98  ? 11.437  0.381   -0.368  1.00 10.56 ? 96  VAL A CB  1 
ATOM   731  C CG1 . VAL A 1 98  ? 10.899  -1.030  -0.209  1.00 9.85  ? 96  VAL A CG1 1 
ATOM   732  C CG2 . VAL A 1 98  ? 12.870  0.323   -0.880  1.00 10.06 ? 96  VAL A CG2 1 
ATOM   733  N N   . TYR A 1 99  ? 8.194   0.614   -1.442  1.00 9.27  ? 97  TYR A N   1 
ATOM   734  C CA  . TYR A 1 99  ? 6.797   0.614   -1.031  1.00 9.38  ? 97  TYR A CA  1 
ATOM   735  C C   . TYR A 1 99  ? 6.442   -0.668  -0.286  1.00 9.18  ? 97  TYR A C   1 
ATOM   736  O O   . TYR A 1 99  ? 6.707   -1.776  -0.766  1.00 7.14  ? 97  TYR A O   1 
ATOM   737  C CB  . TYR A 1 99  ? 5.888   0.827   -2.243  1.00 9.80  ? 97  TYR A CB  1 
ATOM   738  C CG  . TYR A 1 99  ? 5.882   2.260   -2.738  1.00 9.78  ? 97  TYR A CG  1 
ATOM   739  C CD1 . TYR A 1 99  ? 7.041   2.850   -3.245  1.00 10.06 ? 97  TYR A CD1 1 
ATOM   740  C CD2 . TYR A 1 99  ? 4.720   3.029   -2.697  1.00 9.58  ? 97  TYR A CD2 1 
ATOM   741  C CE1 . TYR A 1 99  ? 7.048   4.160   -3.690  1.00 10.01 ? 97  TYR A CE1 1 
ATOM   742  C CE2 . TYR A 1 99  ? 4.715   4.342   -3.145  1.00 9.94  ? 97  TYR A CE2 1 
ATOM   743  C CZ  . TYR A 1 99  ? 5.882   4.902   -3.641  1.00 10.12 ? 97  TYR A CZ  1 
ATOM   744  O OH  . TYR A 1 99  ? 5.888   6.207   -4.086  1.00 10.07 ? 97  TYR A OH  1 
ATOM   745  N N   . TYR A 1 100 ? 5.849   -0.496  0.893   1.00 9.04  ? 98  TYR A N   1 
ATOM   746  C CA  . TYR A 1 100 ? 5.481   -1.600  1.775   1.00 9.24  ? 98  TYR A CA  1 
ATOM   747  C C   . TYR A 1 100 ? 3.974   -1.669  1.927   1.00 9.59  ? 98  TYR A C   1 
ATOM   748  O O   . TYR A 1 100 ? 3.306   -0.636  2.052   1.00 9.64  ? 98  TYR A O   1 
ATOM   749  C CB  . TYR A 1 100 ? 6.085   -1.403  3.170   1.00 8.01  ? 98  TYR A CB  1 
ATOM   750  C CG  . TYR A 1 100 ? 7.586   -1.236  3.203   1.00 8.44  ? 98  TYR A CG  1 
ATOM   751  C CD1 . TYR A 1 100 ? 8.173   0.010   2.995   1.00 6.61  ? 98  TYR A CD1 1 
ATOM   752  C CD2 . TYR A 1 100 ? 8.421   -2.322  3.473   1.00 8.67  ? 98  TYR A CD2 1 
ATOM   753  C CE1 . TYR A 1 100 ? 9.549   0.168   3.037   1.00 8.19  ? 98  TYR A CE1 1 
ATOM   754  C CE2 . TYR A 1 100 ? 9.799   -2.174  3.515   1.00 9.03  ? 98  TYR A CE2 1 
ATOM   755  C CZ  . TYR A 1 100 ? 10.358  -0.927  3.298   1.00 9.35  ? 98  TYR A CZ  1 
ATOM   756  O OH  . TYR A 1 100 ? 11.727  -0.779  3.338   1.00 10.21 ? 98  TYR A OH  1 
ATOM   757  N N   . VAL A 1 101 ? 3.441   -2.885  1.918   1.00 10.13 ? 99  VAL A N   1 
ATOM   758  C CA  . VAL A 1 101 ? 2.038   -3.100  2.261   1.00 10.54 ? 99  VAL A CA  1 
ATOM   759  C C   . VAL A 1 101 ? 1.970   -3.268  3.776   1.00 11.02 ? 99  VAL A C   1 
ATOM   760  O O   . VAL A 1 101 ? 2.905   -3.794  4.389   1.00 11.14 ? 99  VAL A O   1 
ATOM   761  C CB  . VAL A 1 101 ? 1.442   -4.322  1.522   1.00 10.74 ? 99  VAL A CB  1 
ATOM   762  C CG1 . VAL A 1 101 ? 2.162   -5.612  1.909   1.00 10.81 ? 99  VAL A CG1 1 
ATOM   763  C CG2 . VAL A 1 101 ? -0.056  -4.444  1.788   1.00 11.00 ? 99  VAL A CG2 1 
ATOM   764  N N   . ALA A 1 102 ? 0.881   -2.807  4.382   1.00 11.69 ? 100 ALA A N   1 
ATOM   765  C CA  . ALA A 1 102 ? 0.744   -2.859  5.834   1.00 12.39 ? 100 ALA A CA  1 
ATOM   766  C C   . ALA A 1 102 ? -0.649  -3.300  6.266   1.00 12.88 ? 100 ALA A C   1 
ATOM   767  O O   . ALA A 1 102 ? -1.617  -3.130  5.532   1.00 13.03 ? 100 ALA A O   1 
ATOM   768  C CB  . ALA A 1 102 ? 1.084   -1.504  6.443   1.00 12.30 ? 100 ALA A CB  1 
ATOM   769  N N   . ALA A 1 103 ? -0.729  -3.869  7.466   1.00 13.48 ? 101 ALA A N   1 
ATOM   770  C CA  . ALA A 1 103 ? -1.996  -4.229  8.089   1.00 14.16 ? 101 ALA A CA  1 
ATOM   771  C C   . ALA A 1 103 ? -1.985  -3.800  9.550   1.00 14.71 ? 101 ALA A C   1 
ATOM   772  O O   . ALA A 1 103 ? -1.045  -4.113  10.292  1.00 15.00 ? 101 ALA A O   1 
ATOM   773  C CB  . ALA A 1 103 ? -2.244  -5.726  7.973   1.00 13.85 ? 101 ALA A CB  1 
ATOM   774  N N   . ASP A 1 104 ? -3.017  -3.062  9.951   1.00 15.31 ? 102 ASP A N   1 
ATOM   775  C CA  . ASP A 1 104 ? -3.196  -2.653  11.338  1.00 16.11 ? 102 ASP A CA  1 
ATOM   776  C C   . ASP A 1 104 ? -4.516  -3.227  11.838  1.00 16.68 ? 102 ASP A C   1 
ATOM   777  O O   . ASP A 1 104 ? -5.591  -2.773  11.445  1.00 16.83 ? 102 ASP A O   1 
ATOM   778  C CB  . ASP A 1 104 ? -3.182  -1.122  11.466  1.00 16.24 ? 102 ASP A CB  1 
ATOM   779  C CG  . ASP A 1 104 ? -3.340  -0.653  12.908  1.00 16.39 ? 102 ASP A CG  1 
ATOM   780  O OD1 . ASP A 1 104 ? -4.033  -1.323  13.700  1.00 16.52 ? 102 ASP A OD1 1 
ATOM   781  O OD2 . ASP A 1 104 ? -2.775  0.402   13.254  1.00 16.68 ? 102 ASP A OD2 1 
ATOM   782  N N   . LEU A 1 105 ? -4.417  -4.217  12.722  1.00 17.45 ? 103 LEU A N   1 
ATOM   783  C CA  . LEU A 1 105 ? -5.577  -5.003  13.139  1.00 18.18 ? 103 LEU A CA  1 
ATOM   784  C C   . LEU A 1 105 ? -6.490  -4.331  14.170  1.00 18.84 ? 103 LEU A C   1 
ATOM   785  O O   . LEU A 1 105 ? -7.617  -4.779  14.373  1.00 19.11 ? 103 LEU A O   1 
ATOM   786  C CB  . LEU A 1 105 ? -5.143  -6.403  13.599  1.00 18.18 ? 103 LEU A CB  1 
ATOM   787  C CG  . LEU A 1 105 ? -4.362  -7.256  12.586  1.00 18.09 ? 103 LEU A CG  1 
ATOM   788  C CD1 . LEU A 1 105 ? -4.120  -8.649  13.138  1.00 18.17 ? 103 LEU A CD1 1 
ATOM   789  C CD2 . LEU A 1 105 ? -5.050  -7.348  11.223  1.00 17.91 ? 103 LEU A CD2 1 
ATOM   790  N N   . LYS A 1 106 ? -6.018  -3.259  14.804  1.00 19.62 ? 104 LYS A N   1 
ATOM   791  C CA  . LYS A 1 106 ? -6.850  -2.512  15.753  1.00 20.11 ? 104 LYS A CA  1 
ATOM   792  C C   . LYS A 1 106 ? -7.859  -1.616  15.027  1.00 19.78 ? 104 LYS A C   1 
ATOM   793  O O   . LYS A 1 106 ? -8.993  -1.456  15.483  1.00 20.02 ? 104 LYS A O   1 
ATOM   794  C CB  . LYS A 1 106 ? -6.006  -1.670  16.724  1.00 21.23 ? 104 LYS A CB  1 
ATOM   795  C CG  . LYS A 1 106 ? -4.719  -2.305  17.242  1.00 22.14 ? 104 LYS A CG  1 
ATOM   796  C CD  . LYS A 1 106 ? -4.928  -3.565  18.076  1.00 22.82 ? 104 LYS A CD  1 
ATOM   797  C CE  . LYS A 1 106 ? -3.583  -4.193  18.424  1.00 23.31 ? 104 LYS A CE  1 
ATOM   798  N NZ  . LYS A 1 106 ? -3.696  -5.586  18.945  1.00 23.98 ? 104 LYS A NZ  1 
ATOM   799  N N   . MET A 1 107 ? -7.443  -1.044  13.895  1.00 18.94 ? 105 MET A N   1 
ATOM   800  C CA  . MET A 1 107 ? -8.294  -0.148  13.102  1.00 17.93 ? 105 MET A CA  1 
ATOM   801  C C   . MET A 1 107 ? -9.502  -0.867  12.523  1.00 17.71 ? 105 MET A C   1 
ATOM   802  O O   . MET A 1 107 ? -9.421  -2.040  12.151  1.00 17.35 ? 105 MET A O   1 
ATOM   803  C CB  . MET A 1 107 ? -7.497  0.484   11.961  1.00 17.62 ? 105 MET A CB  1 
ATOM   804  C CG  . MET A 1 107 ? -6.349  1.372   12.407  1.00 17.38 ? 105 MET A CG  1 
ATOM   805  S SD  . MET A 1 107 ? -5.407  2.000   11.007  1.00 17.60 ? 105 MET A SD  1 
ATOM   806  C CE  . MET A 1 107 ? -6.523  3.242   10.358  1.00 17.17 ? 105 MET A CE  1 
ATOM   807  N N   . GLN A 1 108 ? -10.617 -0.148  12.434  1.00 17.60 ? 106 GLN A N   1 
ATOM   808  C CA  . GLN A 1 108 ? -11.861 -0.715  11.919  1.00 17.60 ? 106 GLN A CA  1 
ATOM   809  C C   . GLN A 1 108 ? -12.201 -0.245  10.507  1.00 16.71 ? 106 GLN A C   1 
ATOM   810  O O   . GLN A 1 108 ? -12.885 -0.952  9.765   1.00 16.45 ? 106 GLN A O   1 
ATOM   811  C CB  . GLN A 1 108 ? -13.021 -0.409  12.865  1.00 18.30 ? 106 GLN A CB  1 
ATOM   812  C CG  . GLN A 1 108 ? -12.930 -1.149  14.198  1.00 19.87 ? 106 GLN A CG  1 
ATOM   813  C CD  . GLN A 1 108 ? -14.277 -1.285  14.884  1.00 20.23 ? 106 GLN A CD  1 
ATOM   814  O OE1 . GLN A 1 108 ? -14.365 -1.245  16.113  1.00 21.06 ? 106 GLN A OE1 1 
ATOM   815  N NE2 . GLN A 1 108 ? -15.334 -1.447  14.095  1.00 20.30 ? 106 GLN A NE2 1 
ATOM   816  N N   . VAL A 1 109 ? -11.740 0.953   10.149  1.00 15.72 ? 107 VAL A N   1 
ATOM   817  C CA  . VAL A 1 109 ? -12.042 1.545   8.845   1.00 15.13 ? 107 VAL A CA  1 
ATOM   818  C C   . VAL A 1 109 ? -10.789 2.209   8.272   1.00 14.51 ? 107 VAL A C   1 
ATOM   819  O O   . VAL A 1 109 ? -9.899  2.625   9.024   1.00 14.24 ? 107 VAL A O   1 
ATOM   820  C CB  . VAL A 1 109 ? -13.188 2.591   8.931   1.00 15.43 ? 107 VAL A CB  1 
ATOM   821  C CG1 . VAL A 1 109 ? -13.666 2.981   7.536   1.00 15.31 ? 107 VAL A CG1 1 
ATOM   822  C CG2 . VAL A 1 109 ? -14.366 2.055   9.732   1.00 15.81 ? 107 VAL A CG2 1 
ATOM   823  N N   . ALA A 1 110 ? -10.722 2.301   6.942   1.00 13.24 ? 108 ALA A N   1 
ATOM   824  C CA  . ALA A 1 110 ? -9.627  2.997   6.270   1.00 12.84 ? 108 ALA A CA  1 
ATOM   825  C C   . ALA A 1 110 ? -9.528  4.439   6.752   1.00 12.89 ? 108 ALA A C   1 
ATOM   826  O O   . ALA A 1 110 ? -10.531 5.157   6.829   1.00 13.07 ? 108 ALA A O   1 
ATOM   827  C CB  . ALA A 1 110 ? -9.809  2.960   4.761   1.00 11.77 ? 108 ALA A CB  1 
ATOM   828  N N   . ALA A 1 111 ? -8.306  4.847   7.084   1.00 12.04 ? 109 ALA A N   1 
ATOM   829  C CA  . ALA A 1 111 ? -8.024  6.184   7.582   1.00 12.77 ? 109 ALA A CA  1 
ATOM   830  C C   . ALA A 1 111 ? -6.512  6.360   7.583   1.00 13.67 ? 109 ALA A C   1 
ATOM   831  O O   . ALA A 1 111 ? -5.782  5.480   7.106   1.00 12.40 ? 109 ALA A O   1 
ATOM   832  C CB  . ALA A 1 111 ? -8.586  6.359   8.991   1.00 10.25 ? 109 ALA A CB  1 
ATOM   833  N N   . TYR A 1 112 ? -6.042  7.488   8.115   1.00 14.08 ? 110 TYR A N   1 
ATOM   834  C CA  . TYR A 1 112 ? -4.613  7.690   8.286   1.00 15.55 ? 110 TYR A CA  1 
ATOM   835  C C   . TYR A 1 112 ? -4.058  6.584   9.169   1.00 15.86 ? 110 TYR A C   1 
ATOM   836  O O   . TYR A 1 112 ? -4.627  6.272   10.214  1.00 15.78 ? 110 TYR A O   1 
ATOM   837  C CB  . TYR A 1 112 ? -4.285  9.059   8.897   1.00 16.28 ? 110 TYR A CB  1 
ATOM   838  C CG  . TYR A 1 112 ? -2.794  9.223   9.105   1.00 16.87 ? 110 TYR A CG  1 
ATOM   839  C CD1 . TYR A 1 112 ? -1.963  9.601   8.049   1.00 17.15 ? 110 TYR A CD1 1 
ATOM   840  C CD2 . TYR A 1 112 ? -2.208  8.959   10.343  1.00 17.29 ? 110 TYR A CD2 1 
ATOM   841  C CE1 . TYR A 1 112 ? -0.593  9.727   8.225   1.00 17.59 ? 110 TYR A CE1 1 
ATOM   842  C CE2 . TYR A 1 112 ? -0.836  9.082   10.529  1.00 17.59 ? 110 TYR A CE2 1 
ATOM   843  C CZ  . TYR A 1 112 ? -0.037  9.468   9.466   1.00 17.75 ? 110 TYR A CZ  1 
ATOM   844  O OH  . TYR A 1 112 ? 1.323   9.595   9.639   1.00 18.20 ? 110 TYR A OH  1 
ATOM   845  N N   . MET A 1 113 ? -2.950  5.994   8.737   1.00 16.57 ? 111 MET A N   1 
ATOM   846  C CA  . MET A 1 113 ? -2.311  4.921   9.484   1.00 17.39 ? 111 MET A CA  1 
ATOM   847  C C   . MET A 1 113 ? -0.949  5.352   10.011  1.00 17.84 ? 111 MET A C   1 
ATOM   848  O O   . MET A 1 113 ? -0.095  5.804   9.247   1.00 17.93 ? 111 MET A O   1 
ATOM   849  C CB  . MET A 1 113 ? -2.152  3.685   8.606   1.00 17.40 ? 111 MET A CB  1 
ATOM   850  C CG  . MET A 1 113 ? -3.460  3.034   8.196   1.00 17.90 ? 111 MET A CG  1 
ATOM   851  S SD  . MET A 1 113 ? -3.191  1.599   7.143   1.00 18.61 ? 111 MET A SD  1 
ATOM   852  C CE  . MET A 1 113 ? -2.251  0.517   8.222   1.00 17.38 ? 111 MET A CE  1 
ATOM   853  N N   . ASN A 1 114 ? -0.762  5.223   11.322  1.00 18.56 ? 112 ASN A N   1 
ATOM   854  C CA  . ASN A 1 114 ? 0.542   5.444   11.940  1.00 19.51 ? 112 ASN A CA  1 
ATOM   855  C C   . ASN A 1 114 ? 1.432   4.230   11.731  1.00 18.97 ? 112 ASN A C   1 
ATOM   856  O O   . ASN A 1 114 ? 1.050   3.106   12.064  1.00 18.37 ? 112 ASN A O   1 
ATOM   857  C CB  . ASN A 1 114 ? 0.393   5.737   13.437  1.00 20.63 ? 112 ASN A CB  1 
ATOM   858  C CG  . ASN A 1 114 ? 0.401   7.222   13.745  1.00 21.72 ? 112 ASN A CG  1 
ATOM   859  O OD1 . ASN A 1 114 ? 1.431   7.891   13.604  1.00 22.81 ? 112 ASN A OD1 1 
ATOM   860  N ND2 . ASN A 1 114 ? -0.742  7.750   14.173  1.00 21.42 ? 112 ASN A ND2 1 
ATOM   861  N N   . GLN A 1 115 ? 2.618   4.456   11.176  1.00 18.80 ? 113 GLN A N   1 
ATOM   862  C CA  . GLN A 1 115 ? 3.558   3.372   10.911  1.00 19.18 ? 113 GLN A CA  1 
ATOM   863  C C   . GLN A 1 115 ? 3.878   2.546   12.162  1.00 19.17 ? 113 GLN A C   1 
ATOM   864  O O   . GLN A 1 115 ? 4.062   1.335   12.077  1.00 18.41 ? 113 GLN A O   1 
ATOM   865  C CB  . GLN A 1 115 ? 4.829   3.900   10.227  1.00 19.65 ? 113 GLN A CB  1 
ATOM   866  C CG  . GLN A 1 115 ? 5.719   4.797   11.080  1.00 20.28 ? 113 GLN A CG  1 
ATOM   867  C CD  . GLN A 1 115 ? 6.888   4.040   11.682  1.00 20.96 ? 113 GLN A CD  1 
ATOM   868  O OE1 . GLN A 1 115 ? 7.614   3.337   10.976  1.00 21.85 ? 113 GLN A OE1 1 
ATOM   869  N NE2 . GLN A 1 115 ? 7.079   4.183   12.988  1.00 21.03 ? 113 GLN A NE2 1 
ATOM   870  N N   . ARG A 1 116 ? 3.913   3.203   13.320  1.00 19.68 ? 114 ARG A N   1 
ATOM   871  C CA  . ARG A 1 116 ? 4.262   2.531   14.574  1.00 20.28 ? 114 ARG A CA  1 
ATOM   872  C C   . ARG A 1 116 ? 3.140   1.637   15.119  1.00 19.29 ? 114 ARG A C   1 
ATOM   873  O O   . ARG A 1 116 ? 3.388   0.800   15.981  1.00 19.17 ? 114 ARG A O   1 
ATOM   874  C CB  . ARG A 1 116 ? 4.702   3.549   15.637  1.00 21.97 ? 114 ARG A CB  1 
ATOM   875  C CG  . ARG A 1 116 ? 3.562   4.360   16.226  1.00 23.69 ? 114 ARG A CG  1 
ATOM   876  C CD  . ARG A 1 116 ? 4.048   5.373   17.260  1.00 25.35 ? 114 ARG A CD  1 
ATOM   877  N NE  . ARG A 1 116 ? 2.909   5.963   17.967  1.00 26.68 ? 114 ARG A NE  1 
ATOM   878  C CZ  . ARG A 1 116 ? 2.170   6.974   17.505  1.00 27.70 ? 114 ARG A CZ  1 
ATOM   879  N NH1 . ARG A 1 116 ? 2.447   7.535   16.329  1.00 28.30 ? 114 ARG A NH1 1 
ATOM   880  N NH2 . ARG A 1 116 ? 1.152   7.428   18.225  1.00 28.58 ? 114 ARG A NH2 1 
ATOM   881  N N   . SER A 1 117 ? 1.917   1.831   14.626  1.00 18.12 ? 115 SER A N   1 
ATOM   882  C CA  . SER A 1 117 ? 0.775   1.006   15.031  1.00 16.83 ? 115 SER A CA  1 
ATOM   883  C C   . SER A 1 117 ? 0.581   -0.205  14.117  1.00 15.97 ? 115 SER A C   1 
ATOM   884  O O   . SER A 1 117 ? -0.237  -1.075  14.409  1.00 15.85 ? 115 SER A O   1 
ATOM   885  C CB  . SER A 1 117 ? -0.514  1.835   15.057  1.00 16.89 ? 115 SER A CB  1 
ATOM   886  O OG  . SER A 1 117 ? -0.396  2.969   15.896  1.00 17.60 ? 115 SER A OG  1 
ATOM   887  N N   . VAL A 1 118 ? 1.322   -0.257  13.011  1.00 15.14 ? 116 VAL A N   1 
ATOM   888  C CA  . VAL A 1 118 ? 1.196   -1.348  12.037  1.00 14.48 ? 116 VAL A CA  1 
ATOM   889  C C   . VAL A 1 118 ? 1.592   -2.694  12.639  1.00 14.45 ? 116 VAL A C   1 
ATOM   890  O O   . VAL A 1 118 ? 2.653   -2.820  13.252  1.00 14.42 ? 116 VAL A O   1 
ATOM   891  C CB  . VAL A 1 118 ? 2.014   -1.067  10.756  1.00 13.93 ? 116 VAL A CB  1 
ATOM   892  C CG1 . VAL A 1 118 ? 2.174   -2.329  9.917   1.00 13.59 ? 116 VAL A CG1 1 
ATOM   893  C CG2 . VAL A 1 118 ? 1.357   0.037   9.938   1.00 13.79 ? 116 VAL A CG2 1 
ATOM   894  N N   . ASP A 1 119 ? 0.727   -3.691  12.459  1.00 14.21 ? 117 ASP A N   1 
ATOM   895  C CA  . ASP A 1 119 ? 0.946   -5.037  12.991  1.00 13.99 ? 117 ASP A CA  1 
ATOM   896  C C   . ASP A 1 119 ? 1.732   -5.945  12.047  1.00 13.71 ? 117 ASP A C   1 
ATOM   897  O O   . ASP A 1 119 ? 2.453   -6.836  12.501  1.00 13.92 ? 117 ASP A O   1 
ATOM   898  C CB  . ASP A 1 119 ? -0.396  -5.697  13.325  1.00 14.29 ? 117 ASP A CB  1 
ATOM   899  C CG  . ASP A 1 119 ? -1.113  -5.014  14.465  1.00 14.25 ? 117 ASP A CG  1 
ATOM   900  O OD1 . ASP A 1 119 ? -0.527  -4.906  15.560  1.00 14.54 ? 117 ASP A OD1 1 
ATOM   901  O OD2 . ASP A 1 119 ? -2.267  -4.595  14.273  1.00 14.50 ? 117 ASP A OD2 1 
ATOM   902  N N   . TYR A 1 120 ? 1.577   -5.734  10.741  1.00 13.15 ? 118 TYR A N   1 
ATOM   903  C CA  . TYR A 1 120 ? 2.252   -6.563  9.742   1.00 12.91 ? 118 TYR A CA  1 
ATOM   904  C C   . TYR A 1 120 ? 2.794   -5.738  8.581   1.00 12.90 ? 118 TYR A C   1 
ATOM   905  O O   . TYR A 1 120 ? 2.098   -4.877  8.045   1.00 13.10 ? 118 TYR A O   1 
ATOM   906  C CB  . TYR A 1 120 ? 1.310   -7.652  9.212   1.00 13.02 ? 118 TYR A CB  1 
ATOM   907  C CG  . TYR A 1 120 ? 0.844   -8.635  10.266  1.00 13.45 ? 118 TYR A CG  1 
ATOM   908  C CD1 . TYR A 1 120 ? 1.625   -9.737  10.612  1.00 13.69 ? 118 TYR A CD1 1 
ATOM   909  C CD2 . TYR A 1 120 ? -0.375  -8.459  10.923  1.00 13.17 ? 118 TYR A CD2 1 
ATOM   910  C CE1 . TYR A 1 120 ? 1.205   -10.637 11.581  1.00 13.79 ? 118 TYR A CE1 1 
ATOM   911  C CE2 . TYR A 1 120 ? -0.802  -9.353  11.893  1.00 13.04 ? 118 TYR A CE2 1 
ATOM   912  C CZ  . TYR A 1 120 ? -0.012  -10.439 12.216  1.00 13.39 ? 118 TYR A CZ  1 
ATOM   913  O OH  . TYR A 1 120 ? -0.433  -11.332 13.177  1.00 13.74 ? 118 TYR A OH  1 
ATOM   914  N N   . TRP A 1 121 ? 4.041   -6.013  8.205   1.00 12.57 ? 119 TRP A N   1 
ATOM   915  C CA  . TRP A 1 121 ? 4.695   -5.373  7.060   1.00 12.41 ? 119 TRP A CA  1 
ATOM   916  C C   . TRP A 1 121 ? 5.059   -6.413  6.037   1.00 12.36 ? 119 TRP A C   1 
ATOM   917  O O   . TRP A 1 121 ? 5.404   -7.543  6.391   1.00 12.17 ? 119 TRP A O   1 
ATOM   918  C CB  . TRP A 1 121 ? 5.987   -4.683  7.497   1.00 11.78 ? 119 TRP A CB  1 
ATOM   919  C CG  . TRP A 1 121 ? 5.812   -3.503  8.421   1.00 12.11 ? 119 TRP A CG  1 
ATOM   920  C CD1 . TRP A 1 121 ? 6.043   -3.454  9.797   1.00 11.50 ? 119 TRP A CD1 1 
ATOM   921  C CD2 . TRP A 1 121 ? 5.391   -2.142  8.056   1.00 11.73 ? 119 TRP A CD2 1 
ATOM   922  N NE1 . TRP A 1 121 ? 5.790   -2.195  10.291  1.00 11.72 ? 119 TRP A NE1 1 
ATOM   923  C CE2 . TRP A 1 121 ? 5.394   -1.361  9.304   1.00 11.66 ? 119 TRP A CE2 1 
ATOM   924  C CE3 . TRP A 1 121 ? 5.017   -1.519  6.873   1.00 11.27 ? 119 TRP A CE3 1 
ATOM   925  C CZ2 . TRP A 1 121 ? 5.038   -0.022  9.333   1.00 11.02 ? 119 TRP A CZ2 1 
ATOM   926  C CZ3 . TRP A 1 121 ? 4.659   -0.163  6.917   1.00 11.72 ? 119 TRP A CZ3 1 
ATOM   927  C CH2 . TRP A 1 121 ? 4.668   0.563   8.120   1.00 11.29 ? 119 TRP A CH2 1 
ATOM   928  N N   . GLY A 1 122 ? 5.018   -6.041  4.758   1.00 12.15 ? 120 GLY A N   1 
ATOM   929  C CA  . GLY A 1 122 ? 5.601   -6.886  3.714   1.00 12.60 ? 120 GLY A CA  1 
ATOM   930  C C   . GLY A 1 122 ? 7.100   -6.639  3.653   1.00 12.95 ? 120 GLY A C   1 
ATOM   931  O O   . GLY A 1 122 ? 7.653   -5.952  4.515   1.00 12.28 ? 120 GLY A O   1 
ATOM   932  N N   . GLN A 1 123 ? 7.766   -7.171  2.634   1.00 13.58 ? 121 GLN A N   1 
ATOM   933  C CA  . GLN A 1 123 ? 9.220   -7.010  2.538   1.00 14.07 ? 121 GLN A CA  1 
ATOM   934  C C   . GLN A 1 123 ? 9.614   -5.768  1.738   1.00 13.64 ? 121 GLN A C   1 
ATOM   935  O O   . GLN A 1 123 ? 10.770  -5.349  1.757   1.00 13.40 ? 121 GLN A O   1 
ATOM   936  C CB  . GLN A 1 123 ? 9.890   -8.282  1.991   1.00 14.89 ? 121 GLN A CB  1 
ATOM   937  C CG  . GLN A 1 123 ? 9.996   -8.379  0.473   1.00 14.78 ? 121 GLN A CG  1 
ATOM   938  C CD  . GLN A 1 123 ? 8.658   -8.541  -0.228  1.00 14.71 ? 121 GLN A CD  1 
ATOM   939  O OE1 . GLN A 1 123 ? 7.723   -9.136  0.313   1.00 15.21 ? 121 GLN A OE1 1 
ATOM   940  N NE2 . GLN A 1 123 ? 8.565   -8.012  -1.446  1.00 14.85 ? 121 GLN A NE2 1 
ATOM   941  N N   . GLY A 1 124 ? 8.643   -5.183  1.043   1.00 13.51 ? 122 GLY A N   1 
ATOM   942  C CA  . GLY A 1 124 ? 8.869   -3.969  0.270   1.00 12.97 ? 122 GLY A CA  1 
ATOM   943  C C   . GLY A 1 124 ? 9.247   -4.224  -1.172  1.00 12.83 ? 122 GLY A C   1 
ATOM   944  O O   . GLY A 1 124 ? 9.857   -5.244  -1.500  1.00 12.78 ? 122 GLY A O   1 
ATOM   945  N N   . THR A 1 125 ? 8.875   -3.282  -2.032  1.00 12.80 ? 123 THR A N   1 
ATOM   946  C CA  . THR A 1 125 ? 9.186   -3.345  -3.454  1.00 12.72 ? 123 THR A CA  1 
ATOM   947  C C   . THR A 1 125 ? 9.635   -1.970  -3.938  1.00 12.79 ? 123 THR A C   1 
ATOM   948  O O   . THR A 1 125 ? 8.880   -0.997  -3.865  1.00 12.89 ? 123 THR A O   1 
ATOM   949  C CB  . THR A 1 125 ? 7.993   -3.883  -4.294  1.00 12.74 ? 123 THR A CB  1 
ATOM   950  O OG1 . THR A 1 125 ? 8.367   -3.948  -5.677  1.00 13.00 ? 123 THR A OG1 1 
ATOM   951  C CG2 . THR A 1 125 ? 6.744   -3.002  -4.145  1.00 12.71 ? 123 THR A CG2 1 
ATOM   952  N N   . GLN A 1 126 ? 10.875  -1.904  -4.422  1.00 12.86 ? 124 GLN A N   1 
ATOM   953  C CA  . GLN A 1 126 ? 11.490  -0.647  -4.851  1.00 12.78 ? 124 GLN A CA  1 
ATOM   954  C C   . GLN A 1 126 ? 10.798  -0.040  -6.067  1.00 12.63 ? 124 GLN A C   1 
ATOM   955  O O   . GLN A 1 126 ? 10.606  -0.707  -7.085  1.00 12.74 ? 124 GLN A O   1 
ATOM   956  C CB  . GLN A 1 126 ? 12.981  -0.861  -5.160  1.00 12.38 ? 124 GLN A CB  1 
ATOM   957  C CG  . GLN A 1 126 ? 13.727  0.383   -5.636  1.00 11.79 ? 124 GLN A CG  1 
ATOM   958  C CD  . GLN A 1 126 ? 14.003  1.372   -4.518  1.00 12.57 ? 124 GLN A CD  1 
ATOM   959  O OE1 . GLN A 1 126 ? 14.603  1.023   -3.501  1.00 13.17 ? 124 GLN A OE1 1 
ATOM   960  N NE2 . GLN A 1 126 ? 13.579  2.618   -4.706  1.00 12.41 ? 124 GLN A NE2 1 
ATOM   961  N N   . VAL A 1 127 ? 10.427  1.231   -5.945  1.00 12.65 ? 125 VAL A N   1 
ATOM   962  C CA  . VAL A 1 127 ? 9.928   2.007   -7.077  1.00 12.93 ? 125 VAL A CA  1 
ATOM   963  C C   . VAL A 1 127 ? 10.936  3.122   -7.321  1.00 13.03 ? 125 VAL A C   1 
ATOM   964  O O   . VAL A 1 127 ? 11.263  3.880   -6.407  1.00 12.30 ? 125 VAL A O   1 
ATOM   965  C CB  . VAL A 1 127 ? 8.512   2.574   -6.815  1.00 12.95 ? 125 VAL A CB  1 
ATOM   966  C CG1 . VAL A 1 127 ? 8.128   3.615   -7.857  1.00 12.87 ? 125 VAL A CG1 1 
ATOM   967  C CG2 . VAL A 1 127 ? 7.487   1.446   -6.798  1.00 13.18 ? 125 VAL A CG2 1 
ATOM   968  N N   . THR A 1 128 ? 11.440  3.200   -8.549  1.00 13.81 ? 126 THR A N   1 
ATOM   969  C CA  . THR A 1 128 ? 12.437  4.199   -8.906  1.00 14.56 ? 126 THR A CA  1 
ATOM   970  C C   . THR A 1 128 ? 11.959  5.045   -10.079 1.00 15.38 ? 126 THR A C   1 
ATOM   971  O O   . THR A 1 128 ? 11.712  4.530   -11.171 1.00 15.48 ? 126 THR A O   1 
ATOM   972  C CB  . THR A 1 128 ? 13.792  3.540   -9.242  1.00 14.37 ? 126 THR A CB  1 
ATOM   973  O OG1 . THR A 1 128 ? 14.197  2.703   -8.155  1.00 13.80 ? 126 THR A OG1 1 
ATOM   974  C CG2 . THR A 1 128 ? 14.862  4.592   -9.479  1.00 14.26 ? 126 THR A CG2 1 
ATOM   975  N N   . VAL A 1 129 ? 11.828  6.345   -9.835  1.00 16.37 ? 127 VAL A N   1 
ATOM   976  C CA  . VAL A 1 129 ? 11.367  7.286   -10.847 1.00 17.36 ? 127 VAL A CA  1 
ATOM   977  C C   . VAL A 1 129 ? 12.508  8.220   -11.244 1.00 18.46 ? 127 VAL A C   1 
ATOM   978  O O   . VAL A 1 129 ? 13.019  8.983   -10.419 1.00 18.35 ? 127 VAL A O   1 
ATOM   979  C CB  . VAL A 1 129 ? 10.160  8.116   -10.350 1.00 17.38 ? 127 VAL A CB  1 
ATOM   980  C CG1 . VAL A 1 129 ? 9.565   8.925   -11.494 1.00 17.32 ? 127 VAL A CG1 1 
ATOM   981  C CG2 . VAL A 1 129 ? 9.096   7.215   -9.730  1.00 17.11 ? 127 VAL A CG2 1 
ATOM   982  N N   . SER A 1 130 ? 12.911  8.140   -12.508 1.00 19.98 ? 128 SER A N   1 
ATOM   983  C CA  . SER A 1 130 ? 13.924  9.033   -13.053 1.00 21.61 ? 128 SER A CA  1 
ATOM   984  C C   . SER A 1 130 ? 13.232  10.259  -13.640 1.00 22.83 ? 128 SER A C   1 
ATOM   985  O O   . SER A 1 130 ? 12.128  10.153  -14.182 1.00 22.96 ? 128 SER A O   1 
ATOM   986  C CB  . SER A 1 130 ? 14.741  8.315   -14.129 1.00 21.81 ? 128 SER A CB  1 
ATOM   987  O OG  . SER A 1 130 ? 13.948  8.071   -15.279 1.00 22.20 ? 128 SER A OG  1 
ATOM   988  N N   . SER A 1 131 ? 13.877  11.419  -13.532 1.00 23.87 ? 129 SER A N   1 
ATOM   989  C CA  . SER A 1 131 ? 13.306  12.664  -14.045 1.00 24.75 ? 129 SER A CA  1 
ATOM   990  C C   . SER A 1 131 ? 13.234  12.652  -15.572 1.00 25.68 ? 129 SER A C   1 
ATOM   991  O O   . SER A 1 131 ? 13.812  11.773  -16.221 1.00 26.04 ? 129 SER A O   1 
ATOM   992  C CB  . SER A 1 131 ? 14.109  13.873  -13.558 1.00 25.12 ? 129 SER A CB  1 
ATOM   993  O OG  . SER A 1 131 ? 15.388  13.914  -14.164 1.00 25.69 ? 129 SER A OG  1 
HETATM 994  S S   . SO4 B 2 .   ? 17.723  3.626   6.858   1.00 35.39 ? 201 SO4 A S   1 
HETATM 995  O O1  . SO4 B 2 .   ? 17.286  2.483   7.694   1.00 34.97 ? 201 SO4 A O1  1 
HETATM 996  O O2  . SO4 B 2 .   ? 18.287  4.687   7.728   1.00 35.44 ? 201 SO4 A O2  1 
HETATM 997  O O3  . SO4 B 2 .   ? 18.756  3.167   5.900   1.00 35.08 ? 201 SO4 A O3  1 
HETATM 998  O O4  . SO4 B 2 .   ? 16.561  4.163   6.112   1.00 34.57 ? 201 SO4 A O4  1 
HETATM 999  O O   . HOH C 3 .   ? 2.959   -10.200 -4.452  1.00 11.59 ? 301 HOH A O   1 
HETATM 1000 O O   . HOH C 3 .   ? 14.934  10.166  -17.791 1.00 25.35 ? 302 HOH A O   1 
HETATM 1001 O O   . HOH C 3 .   ? -10.408 5.459   -4.392  1.00 14.97 ? 303 HOH A O   1 
HETATM 1002 O O   . HOH C 3 .   ? 1.153   -15.860 5.493   1.00 13.00 ? 304 HOH A O   1 
HETATM 1003 O O   . HOH C 3 .   ? -20.953 -3.585  -3.495  1.00 20.40 ? 305 HOH A O   1 
HETATM 1004 O O   . HOH C 3 .   ? -5.120  13.173  3.458   1.00 14.78 ? 306 HOH A O   1 
HETATM 1005 O O   . HOH C 3 .   ? -17.231 -8.973  13.450  1.00 20.82 ? 307 HOH A O   1 
HETATM 1006 O O   . HOH C 3 .   ? -4.217  -19.205 2.365   1.00 6.31  ? 308 HOH A O   1 
HETATM 1007 O O   . HOH C 3 .   ? -11.249 -2.012  -4.550  1.00 12.51 ? 309 HOH A O   1 
HETATM 1008 O O   . HOH C 3 .   ? -7.899  2.083   -9.689  1.00 19.10 ? 310 HOH A O   1 
HETATM 1009 O O   . HOH C 3 .   ? -0.661  -18.617 -0.255  1.00 17.60 ? 311 HOH A O   1 
HETATM 1010 O O   . HOH C 3 .   ? -11.284 -4.137  10.587  1.00 26.66 ? 312 HOH A O   1 
HETATM 1011 O O   . HOH C 3 .   ? 15.965  2.440   -1.454  1.00 19.14 ? 313 HOH A O   1 
HETATM 1012 O O   . HOH C 3 .   ? -5.982  5.499   -11.359 1.00 18.71 ? 314 HOH A O   1 
HETATM 1013 O O   . HOH C 3 .   ? -8.013  -4.225  10.824  1.00 17.50 ? 315 HOH A O   1 
HETATM 1014 O O   . HOH C 3 .   ? -9.986  3.825   11.708  1.00 16.99 ? 316 HOH A O   1 
HETATM 1015 O O   . HOH C 3 .   ? 21.162  1.512   6.354   1.00 16.52 ? 317 HOH A O   1 
HETATM 1016 O O   . HOH C 3 .   ? 9.281   8.917   -1.568  1.00 15.15 ? 318 HOH A O   1 
HETATM 1017 O O   . HOH C 3 .   ? -13.829 -10.458 -4.708  1.00 26.93 ? 319 HOH A O   1 
HETATM 1018 O O   . HOH C 3 .   ? -1.049  13.596  4.371   1.00 14.01 ? 320 HOH A O   1 
HETATM 1019 O O   . HOH C 3 .   ? 0.530   -9.759  -5.459  1.00 7.29  ? 321 HOH A O   1 
HETATM 1020 O O   . HOH C 3 .   ? 14.891  10.443  -8.584  1.00 20.83 ? 322 HOH A O   1 
HETATM 1021 O O   . HOH C 3 .   ? 5.933   -17.895 3.007   1.00 21.69 ? 323 HOH A O   1 
HETATM 1022 O O   . HOH C 3 .   ? -4.518  4.229   -15.121 1.00 28.34 ? 324 HOH A O   1 
HETATM 1023 O O   . HOH C 3 .   ? 14.735  1.943   2.004   1.00 33.48 ? 325 HOH A O   1 
HETATM 1024 O O   . HOH C 3 .   ? -7.793  12.915  2.429   1.00 16.82 ? 326 HOH A O   1 
HETATM 1025 O O   . HOH C 3 .   ? -11.413 -0.738  -8.884  1.00 22.39 ? 327 HOH A O   1 
HETATM 1026 O O   . HOH C 3 .   ? -6.019  0.201   -7.671  1.00 10.68 ? 328 HOH A O   1 
HETATM 1027 O O   . HOH C 3 .   ? 10.123  8.050   3.125   1.00 12.41 ? 329 HOH A O   1 
HETATM 1028 O O   . HOH C 3 .   ? 12.546  -4.406  -4.677  1.00 20.13 ? 330 HOH A O   1 
HETATM 1029 O O   . HOH C 3 .   ? -11.494 -8.261  3.255   1.00 14.63 ? 331 HOH A O   1 
HETATM 1030 O O   . HOH C 3 .   ? -9.049  -7.568  4.698   1.00 18.35 ? 332 HOH A O   1 
HETATM 1031 O O   . HOH C 3 .   ? 3.181   9.650   7.526   1.00 12.69 ? 333 HOH A O   1 
HETATM 1032 O O   . HOH C 3 .   ? -11.354 -4.627  5.481   1.00 15.04 ? 334 HOH A O   1 
HETATM 1033 O O   . HOH C 3 .   ? -3.090  4.013   12.771  1.00 23.03 ? 335 HOH A O   1 
HETATM 1034 O O   . HOH C 3 .   ? -2.033  -2.269  16.016  1.00 20.08 ? 336 HOH A O   1 
HETATM 1035 O O   . HOH C 3 .   ? -3.457  -8.886  1.162   1.00 21.78 ? 337 HOH A O   1 
HETATM 1036 O O   . HOH C 3 .   ? -16.709 -5.170  0.377   1.00 18.53 ? 338 HOH A O   1 
HETATM 1037 O O   . HOH C 3 .   ? 9.044   9.506   1.047   1.00 11.80 ? 339 HOH A O   1 
HETATM 1038 O O   . HOH C 3 .   ? 9.628   6.092   10.272  1.00 10.27 ? 340 HOH A O   1 
HETATM 1039 O O   . HOH C 3 .   ? 8.719   0.912   10.318  1.00 31.84 ? 341 HOH A O   1 
HETATM 1040 O O   . HOH C 3 .   ? 1.584   14.000  2.771   1.00 17.64 ? 342 HOH A O   1 
HETATM 1041 O O   . HOH C 3 .   ? 0.686   8.543   -15.449 1.00 6.31  ? 343 HOH A O   1 
HETATM 1042 O O   . HOH C 3 .   ? -1.369  1.776   11.247  1.00 22.05 ? 344 HOH A O   1 
HETATM 1043 O O   . HOH C 3 .   ? 2.822   7.138   9.958   1.00 26.99 ? 345 HOH A O   1 
HETATM 1044 O O   . HOH C 3 .   ? 4.221   -12.154 11.133  1.00 10.22 ? 346 HOH A O   1 
HETATM 1045 O O   . HOH C 3 .   ? 4.281   -3.131  -11.901 1.00 19.75 ? 347 HOH A O   1 
HETATM 1046 O O   . HOH C 3 .   ? 2.263   -1.422  -14.343 1.00 23.08 ? 348 HOH A O   1 
HETATM 1047 O O   . HOH C 3 .   ? -1.309  15.438  -10.976 1.00 31.61 ? 349 HOH A O   1 
HETATM 1048 O O   . HOH C 3 .   ? 5.566   -8.350  10.127  1.00 16.39 ? 350 HOH A O   1 
HETATM 1049 O O   . HOH C 3 .   ? -0.671  14.197  -5.226  1.00 20.77 ? 351 HOH A O   1 
HETATM 1050 O O   . HOH C 3 .   ? -14.126 -0.932  6.855   1.00 11.46 ? 352 HOH A O   1 
# 
loop_
_pdbx_poly_seq_scheme.asym_id 
_pdbx_poly_seq_scheme.entity_id 
_pdbx_poly_seq_scheme.seq_id 
_pdbx_poly_seq_scheme.mon_id 
_pdbx_poly_seq_scheme.ndb_seq_num 
_pdbx_poly_seq_scheme.pdb_seq_num 
_pdbx_poly_seq_scheme.auth_seq_num 
_pdbx_poly_seq_scheme.pdb_mon_id 
_pdbx_poly_seq_scheme.auth_mon_id 
_pdbx_poly_seq_scheme.pdb_strand_id 
_pdbx_poly_seq_scheme.pdb_ins_code 
_pdbx_poly_seq_scheme.hetero 
A 1 1   MET 1   -1  -1  MET MET A . n 
A 1 2   ALA 2   0   0   ALA ALA A . n 
A 1 3   GLU 3   1   1   GLU GLU A . n 
A 1 4   VAL 4   2   2   VAL VAL A . n 
A 1 5   GLN 5   3   3   GLN GLN A . n 
A 1 6   LEU 6   4   4   LEU LEU A . n 
A 1 7   VAL 7   5   5   VAL VAL A . n 
A 1 8   GLU 8   6   6   GLU GLU A . n 
A 1 9   SER 9   7   7   SER SER A . n 
A 1 10  GLY 10  8   8   GLY GLY A . n 
A 1 11  GLY 11  9   9   GLY GLY A . n 
A 1 12  GLY 12  10  10  GLY GLY A . n 
A 1 13  LEU 13  11  11  LEU LEU A . n 
A 1 14  VAL 14  12  12  VAL VAL A . n 
A 1 15  GLN 15  13  13  GLN GLN A . n 
A 1 16  ALA 16  14  14  ALA ALA A . n 
A 1 17  GLY 17  15  15  GLY GLY A . n 
A 1 18  ASP 18  16  16  ASP ASP A . n 
A 1 19  SER 19  17  17  SER SER A . n 
A 1 20  LEU 20  18  18  LEU LEU A . n 
A 1 21  ARG 21  19  19  ARG ARG A . n 
A 1 22  LEU 22  20  20  LEU LEU A . n 
A 1 23  SER 23  21  21  SER SER A . n 
A 1 24  ALA 24  22  22  ALA ALA A . n 
A 1 25  THR 25  23  23  THR THR A . n 
A 1 26  ALA 26  24  24  ALA ALA A . n 
A 1 27  SER 27  25  25  SER SER A . n 
A 1 28  GLY 28  26  26  GLY GLY A . n 
A 1 29  ARG 29  27  27  ARG ARG A . n 
A 1 30  THR 30  28  28  THR THR A . n 
A 1 31  PHE 31  29  29  PHE PHE A . n 
A 1 32  SER 32  30  30  SER SER A . n 
A 1 33  ARG 33  31  31  ARG ARG A . n 
A 1 34  ALA 34  32  32  ALA ALA A . n 
A 1 35  VAL 35  33  33  VAL VAL A . n 
A 1 36  MET 36  34  34  MET MET A . n 
A 1 37  GLY 37  35  35  GLY GLY A . n 
A 1 38  TRP 38  36  36  TRP TRP A . n 
A 1 39  PHE 39  37  37  PHE PHE A . n 
A 1 40  ARG 40  38  38  ARG ARG A . n 
A 1 41  GLN 41  39  39  GLN GLN A . n 
A 1 42  ALA 42  40  40  ALA ALA A . n 
A 1 43  PRO 43  41  41  PRO PRO A . n 
A 1 44  GLY 44  42  42  GLY GLY A . n 
A 1 45  LYS 45  43  43  LYS LYS A . n 
A 1 46  GLU 46  44  44  GLU GLU A . n 
A 1 47  ARG 47  45  45  ARG ARG A . n 
A 1 48  GLU 48  46  46  GLU GLU A . n 
A 1 49  PHE 49  47  47  PHE PHE A . n 
A 1 50  VAL 50  48  48  VAL VAL A . n 
A 1 51  ALA 51  49  49  ALA ALA A . n 
A 1 52  ALA 52  50  50  ALA ALA A . n 
A 1 53  ILE 53  51  51  ILE ILE A . n 
A 1 54  SER 54  52  52  SER SER A . n 
A 1 55  ALA 55  53  53  ALA ALA A . n 
A 1 56  ALA 56  54  54  ALA ALA A . n 
A 1 57  PRO 57  55  55  PRO PRO A . n 
A 1 58  GLY 58  56  56  GLY GLY A . n 
A 1 59  THR 59  57  57  THR THR A . n 
A 1 60  ALA 60  58  58  ALA ALA A . n 
A 1 61  TYR 61  59  59  TYR TYR A . n 
A 1 62  TYR 62  60  60  TYR TYR A . n 
A 1 63  ALA 63  61  61  ALA ALA A . n 
A 1 64  PHE 64  62  62  PHE PHE A . n 
A 1 65  TYR 65  63  63  TYR TYR A . n 
A 1 66  ALA 66  64  64  ALA ALA A . n 
A 1 67  ASP 67  65  65  ASP ASP A . n 
A 1 68  SER 68  66  66  SER SER A . n 
A 1 69  VAL 69  67  67  VAL VAL A . n 
A 1 70  ARG 70  68  68  ARG ARG A . n 
A 1 71  GLY 71  69  69  GLY GLY A . n 
A 1 72  ARG 72  70  70  ARG ARG A . n 
A 1 73  PHE 73  71  71  PHE PHE A . n 
A 1 74  SER 74  72  72  SER SER A . n 
A 1 75  ILE 75  73  73  ILE ILE A . n 
A 1 76  SER 76  74  74  SER SER A . n 
A 1 77  ALA 77  75  75  ALA ALA A . n 
A 1 78  ASP 78  76  76  ASP ASP A . n 
A 1 79  SER 79  77  77  SER SER A . n 
A 1 80  ALA 80  78  78  ALA ALA A . n 
A 1 81  LYS 81  79  79  LYS LYS A . n 
A 1 82  ASN 82  80  80  ASN ASN A . n 
A 1 83  THR 83  81  81  THR THR A . n 
A 1 84  VAL 84  82  82  VAL VAL A . n 
A 1 85  TYR 85  83  83  TYR TYR A . n 
A 1 86  LEU 86  84  84  LEU LEU A . n 
A 1 87  GLN 87  85  85  GLN GLN A . n 
A 1 88  MET 88  86  86  MET MET A . n 
A 1 89  ASN 89  87  87  ASN ASN A . n 
A 1 90  SER 90  88  88  SER SER A . n 
A 1 91  LEU 91  89  89  LEU LEU A . n 
A 1 92  LYS 92  90  90  LYS LYS A . n 
A 1 93  PRO 93  91  91  PRO PRO A . n 
A 1 94  GLU 94  92  92  GLU GLU A . n 
A 1 95  ASP 95  93  93  ASP ASP A . n 
A 1 96  THR 96  94  94  THR THR A . n 
A 1 97  ALA 97  95  95  ALA ALA A . n 
A 1 98  VAL 98  96  96  VAL VAL A . n 
A 1 99  TYR 99  97  97  TYR TYR A . n 
A 1 100 TYR 100 98  98  TYR TYR A . n 
A 1 101 VAL 101 99  99  VAL VAL A . n 
A 1 102 ALA 102 100 100 ALA ALA A . n 
A 1 103 ALA 103 101 101 ALA ALA A . n 
A 1 104 ASP 104 102 102 ASP ASP A . n 
A 1 105 LEU 105 103 103 LEU LEU A . n 
A 1 106 LYS 106 104 104 LYS LYS A . n 
A 1 107 MET 107 105 105 MET MET A . n 
A 1 108 GLN 108 106 106 GLN GLN A . n 
A 1 109 VAL 109 107 107 VAL VAL A . n 
A 1 110 ALA 110 108 108 ALA ALA A . n 
A 1 111 ALA 111 109 109 ALA ALA A . n 
A 1 112 TYR 112 110 110 TYR TYR A . n 
A 1 113 MET 113 111 111 MET MET A . n 
A 1 114 ASN 114 112 112 ASN ASN A . n 
A 1 115 GLN 115 113 113 GLN GLN A . n 
A 1 116 ARG 116 114 114 ARG ARG A . n 
A 1 117 SER 117 115 115 SER SER A . n 
A 1 118 VAL 118 116 116 VAL VAL A . n 
A 1 119 ASP 119 117 117 ASP ASP A . n 
A 1 120 TYR 120 118 118 TYR TYR A . n 
A 1 121 TRP 121 119 119 TRP TRP A . n 
A 1 122 GLY 122 120 120 GLY GLY A . n 
A 1 123 GLN 123 121 121 GLN GLN A . n 
A 1 124 GLY 124 122 122 GLY GLY A . n 
A 1 125 THR 125 123 123 THR THR A . n 
A 1 126 GLN 126 124 124 GLN GLN A . n 
A 1 127 VAL 127 125 125 VAL VAL A . n 
A 1 128 THR 128 126 126 THR THR A . n 
A 1 129 VAL 129 127 127 VAL VAL A . n 
A 1 130 SER 130 128 128 SER SER A . n 
A 1 131 SER 131 129 129 SER SER A . n 
A 1 132 ALA 132 130 ?   ?   ?   A . n 
A 1 133 ALA 133 131 ?   ?   ?   A . n 
A 1 134 ALA 134 132 ?   ?   ?   A . n 
A 1 135 LEU 135 133 ?   ?   ?   A . n 
A 1 136 GLU 136 134 ?   ?   ?   A . n 
A 1 137 HIS 137 135 ?   ?   ?   A . n 
A 1 138 HIS 138 136 ?   ?   ?   A . n 
A 1 139 HIS 139 137 ?   ?   ?   A . n 
A 1 140 HIS 140 138 ?   ?   ?   A . n 
A 1 141 HIS 141 139 ?   ?   ?   A . n 
A 1 142 HIS 142 140 ?   ?   ?   A . n 
# 
loop_
_pdbx_nonpoly_scheme.asym_id 
_pdbx_nonpoly_scheme.entity_id 
_pdbx_nonpoly_scheme.mon_id 
_pdbx_nonpoly_scheme.ndb_seq_num 
_pdbx_nonpoly_scheme.pdb_seq_num 
_pdbx_nonpoly_scheme.auth_seq_num 
_pdbx_nonpoly_scheme.pdb_mon_id 
_pdbx_nonpoly_scheme.auth_mon_id 
_pdbx_nonpoly_scheme.pdb_strand_id 
_pdbx_nonpoly_scheme.pdb_ins_code 
B 2 SO4 1  201 1  SO4 SO4 A . 
C 3 HOH 1  301 31 HOH HOH A . 
C 3 HOH 2  302 30 HOH HOH A . 
C 3 HOH 3  303 35 HOH HOH A . 
C 3 HOH 4  304 7  HOH HOH A . 
C 3 HOH 5  305 41 HOH HOH A . 
C 3 HOH 6  306 51 HOH HOH A . 
C 3 HOH 7  307 29 HOH HOH A . 
C 3 HOH 8  308 17 HOH HOH A . 
C 3 HOH 9  309 10 HOH HOH A . 
C 3 HOH 10 310 45 HOH HOH A . 
C 3 HOH 11 311 26 HOH HOH A . 
C 3 HOH 12 312 34 HOH HOH A . 
C 3 HOH 13 313 24 HOH HOH A . 
C 3 HOH 14 314 42 HOH HOH A . 
C 3 HOH 15 315 12 HOH HOH A . 
C 3 HOH 16 316 25 HOH HOH A . 
C 3 HOH 17 317 52 HOH HOH A . 
C 3 HOH 18 318 6  HOH HOH A . 
C 3 HOH 19 319 21 HOH HOH A . 
C 3 HOH 20 320 46 HOH HOH A . 
C 3 HOH 21 321 3  HOH HOH A . 
C 3 HOH 22 322 8  HOH HOH A . 
C 3 HOH 23 323 47 HOH HOH A . 
C 3 HOH 24 324 43 HOH HOH A . 
C 3 HOH 25 325 5  HOH HOH A . 
C 3 HOH 26 326 16 HOH HOH A . 
C 3 HOH 27 327 15 HOH HOH A . 
C 3 HOH 28 328 1  HOH HOH A . 
C 3 HOH 29 329 2  HOH HOH A . 
C 3 HOH 30 330 4  HOH HOH A . 
C 3 HOH 31 331 9  HOH HOH A . 
C 3 HOH 32 332 11 HOH HOH A . 
C 3 HOH 33 333 13 HOH HOH A . 
C 3 HOH 34 334 14 HOH HOH A . 
C 3 HOH 35 335 18 HOH HOH A . 
C 3 HOH 36 336 19 HOH HOH A . 
C 3 HOH 37 337 20 HOH HOH A . 
C 3 HOH 38 338 22 HOH HOH A . 
C 3 HOH 39 339 23 HOH HOH A . 
C 3 HOH 40 340 27 HOH HOH A . 
C 3 HOH 41 341 28 HOH HOH A . 
C 3 HOH 42 342 32 HOH HOH A . 
C 3 HOH 43 343 33 HOH HOH A . 
C 3 HOH 44 344 36 HOH HOH A . 
C 3 HOH 45 345 37 HOH HOH A . 
C 3 HOH 46 346 38 HOH HOH A . 
C 3 HOH 47 347 40 HOH HOH A . 
C 3 HOH 48 348 44 HOH HOH A . 
C 3 HOH 49 349 48 HOH HOH A . 
C 3 HOH 50 350 49 HOH HOH A . 
C 3 HOH 51 351 50 HOH HOH A . 
C 3 HOH 52 352 53 HOH HOH A . 
# 
_pdbx_struct_assembly.id                   1 
_pdbx_struct_assembly.details              author_and_software_defined_assembly 
_pdbx_struct_assembly.method_details       PISA 
_pdbx_struct_assembly.oligomeric_details   monomeric 
_pdbx_struct_assembly.oligomeric_count     1 
# 
_pdbx_struct_assembly_gen.assembly_id       1 
_pdbx_struct_assembly_gen.oper_expression   1 
_pdbx_struct_assembly_gen.asym_id_list      A,B,C 
# 
_pdbx_struct_oper_list.id                   1 
_pdbx_struct_oper_list.type                 'identity operation' 
_pdbx_struct_oper_list.name                 1_555 
_pdbx_struct_oper_list.symmetry_operation   x,y,z 
_pdbx_struct_oper_list.matrix[1][1]         1.0000000000 
_pdbx_struct_oper_list.matrix[1][2]         0.0000000000 
_pdbx_struct_oper_list.matrix[1][3]         0.0000000000 
_pdbx_struct_oper_list.vector[1]            0.0000000000 
_pdbx_struct_oper_list.matrix[2][1]         0.0000000000 
_pdbx_struct_oper_list.matrix[2][2]         1.0000000000 
_pdbx_struct_oper_list.matrix[2][3]         0.0000000000 
_pdbx_struct_oper_list.vector[2]            0.0000000000 
_pdbx_struct_oper_list.matrix[3][1]         0.0000000000 
_pdbx_struct_oper_list.matrix[3][2]         0.0000000000 
_pdbx_struct_oper_list.matrix[3][3]         1.0000000000 
_pdbx_struct_oper_list.vector[3]            0.0000000000 
# 
loop_
_pdbx_audit_revision_history.ordinal 
_pdbx_audit_revision_history.data_content_type 
_pdbx_audit_revision_history.major_revision 
_pdbx_audit_revision_history.minor_revision 
_pdbx_audit_revision_history.revision_date 
1 'Structure model' 1 0 2014-11-05 
2 'Structure model' 1 1 2015-02-04 
3 'Structure model' 1 2 2020-01-01 
4 'Structure model' 1 3 2023-09-27 
# 
_pdbx_audit_revision_details.ordinal             1 
_pdbx_audit_revision_details.revision_ordinal    1 
_pdbx_audit_revision_details.data_content_type   'Structure model' 
_pdbx_audit_revision_details.provider            repository 
_pdbx_audit_revision_details.type                'Initial release' 
_pdbx_audit_revision_details.description         ? 
_pdbx_audit_revision_details.details             ? 
# 
loop_
_pdbx_audit_revision_group.ordinal 
_pdbx_audit_revision_group.revision_ordinal 
_pdbx_audit_revision_group.data_content_type 
_pdbx_audit_revision_group.group 
1  2 'Structure model' 'Derived calculations'       
2  3 'Structure model' 'Author supporting evidence' 
3  3 'Structure model' 'Database references'        
4  3 'Structure model' 'Derived calculations'       
5  3 'Structure model' Other                        
6  3 'Structure model' 'Source and taxonomy'        
7  3 'Structure model' 'Structure summary'          
8  4 'Structure model' 'Data collection'            
9  4 'Structure model' 'Database references'        
10 4 'Structure model' 'Refinement description'     
# 
loop_
_pdbx_audit_revision_category.ordinal 
_pdbx_audit_revision_category.revision_ordinal 
_pdbx_audit_revision_category.data_content_type 
_pdbx_audit_revision_category.category 
1  3 'Structure model' citation                      
2  3 'Structure model' entity_src_gen                
3  3 'Structure model' pdbx_audit_support            
4  3 'Structure model' pdbx_database_status          
5  3 'Structure model' pdbx_struct_oper_list         
6  3 'Structure model' struct_keywords               
7  4 'Structure model' chem_comp_atom                
8  4 'Structure model' chem_comp_bond                
9  4 'Structure model' database_2                    
10 4 'Structure model' pdbx_initial_refinement_model 
11 4 'Structure model' refine_hist                   
# 
loop_
_pdbx_audit_revision_item.ordinal 
_pdbx_audit_revision_item.revision_ordinal 
_pdbx_audit_revision_item.data_content_type 
_pdbx_audit_revision_item.item 
1  3 'Structure model' '_citation.journal_id_CSD'                    
2  3 'Structure model' '_entity_src_gen.pdbx_alt_source_flag'        
3  3 'Structure model' '_pdbx_audit_support.funding_organization'    
4  3 'Structure model' '_pdbx_database_status.pdb_format_compatible' 
5  3 'Structure model' '_pdbx_struct_oper_list.symmetry_operation'   
6  3 'Structure model' '_struct_keywords.text'                       
7  4 'Structure model' '_database_2.pdbx_DOI'                        
8  4 'Structure model' '_database_2.pdbx_database_accession'         
9  4 'Structure model' '_refine_hist.number_atoms_solvent'           
10 4 'Structure model' '_refine_hist.number_atoms_total'             
11 4 'Structure model' '_refine_hist.pdbx_number_atoms_ligand'       
12 4 'Structure model' '_refine_hist.pdbx_number_atoms_nucleic_acid' 
13 4 'Structure model' '_refine_hist.pdbx_number_atoms_protein'      
# 
_software.citation_id            ? 
_software.classification         refinement 
_software.compiler_name          ? 
_software.compiler_version       ? 
_software.contact_author         ? 
_software.contact_author_email   ? 
_software.date                   ? 
_software.description            ? 
_software.dependencies           ? 
_software.hardware               ? 
_software.language               ? 
_software.location               ? 
_software.mods                   ? 
_software.name                   REFMAC 
_software.os                     ? 
_software.os_version             ? 
_software.type                   ? 
_software.version                5.6.0117 
_software.pdbx_ordinal           1 
# 
_pdbx_entry_details.compound_details         
'SEQUENCE REFLECTS C22A, C99V MUTATIONS AGAINST WT PROTEIN. NO UNP MATCH IS FOUND, THEREFORE THE SEQUENCE IS SELF REFERENCE' 
_pdbx_entry_details.entry_id                 4W81 
_pdbx_entry_details.nonpolymer_details       ? 
_pdbx_entry_details.sequence_details         ? 
_pdbx_entry_details.source_details           ? 
_pdbx_entry_details.has_ligand_of_interest   ? 
# 
loop_
_pdbx_validate_torsion.id 
_pdbx_validate_torsion.PDB_model_num 
_pdbx_validate_torsion.auth_comp_id 
_pdbx_validate_torsion.auth_asym_id 
_pdbx_validate_torsion.auth_seq_id 
_pdbx_validate_torsion.PDB_ins_code 
_pdbx_validate_torsion.label_alt_id 
_pdbx_validate_torsion.phi 
_pdbx_validate_torsion.psi 
1 1 VAL A 48 ? ? -120.42 -53.21 
2 1 ALA A 95 ? ? 177.90  171.59 
# 
loop_
_pdbx_unobs_or_zero_occ_residues.id 
_pdbx_unobs_or_zero_occ_residues.PDB_model_num 
_pdbx_unobs_or_zero_occ_residues.polymer_flag 
_pdbx_unobs_or_zero_occ_residues.occupancy_flag 
_pdbx_unobs_or_zero_occ_residues.auth_asym_id 
_pdbx_unobs_or_zero_occ_residues.auth_comp_id 
_pdbx_unobs_or_zero_occ_residues.auth_seq_id 
_pdbx_unobs_or_zero_occ_residues.PDB_ins_code 
_pdbx_unobs_or_zero_occ_residues.label_asym_id 
_pdbx_unobs_or_zero_occ_residues.label_comp_id 
_pdbx_unobs_or_zero_occ_residues.label_seq_id 
1  1 Y 1 A ALA 130 ? A ALA 132 
2  1 Y 1 A ALA 131 ? A ALA 133 
3  1 Y 1 A ALA 132 ? A ALA 134 
4  1 Y 1 A LEU 133 ? A LEU 135 
5  1 Y 1 A GLU 134 ? A GLU 136 
6  1 Y 1 A HIS 135 ? A HIS 137 
7  1 Y 1 A HIS 136 ? A HIS 138 
8  1 Y 1 A HIS 137 ? A HIS 139 
9  1 Y 1 A HIS 138 ? A HIS 140 
10 1 Y 1 A HIS 139 ? A HIS 141 
11 1 Y 1 A HIS 140 ? A HIS 142 
# 
loop_
_chem_comp_atom.comp_id 
_chem_comp_atom.atom_id 
_chem_comp_atom.type_symbol 
_chem_comp_atom.pdbx_aromatic_flag 
_chem_comp_atom.pdbx_stereo_config 
_chem_comp_atom.pdbx_ordinal 
ALA N    N N N 1   
ALA CA   C N S 2   
ALA C    C N N 3   
ALA O    O N N 4   
ALA CB   C N N 5   
ALA OXT  O N N 6   
ALA H    H N N 7   
ALA H2   H N N 8   
ALA HA   H N N 9   
ALA HB1  H N N 10  
ALA HB2  H N N 11  
ALA HB3  H N N 12  
ALA HXT  H N N 13  
ARG N    N N N 14  
ARG CA   C N S 15  
ARG C    C N N 16  
ARG O    O N N 17  
ARG CB   C N N 18  
ARG CG   C N N 19  
ARG CD   C N N 20  
ARG NE   N N N 21  
ARG CZ   C N N 22  
ARG NH1  N N N 23  
ARG NH2  N N N 24  
ARG OXT  O N N 25  
ARG H    H N N 26  
ARG H2   H N N 27  
ARG HA   H N N 28  
ARG HB2  H N N 29  
ARG HB3  H N N 30  
ARG HG2  H N N 31  
ARG HG3  H N N 32  
ARG HD2  H N N 33  
ARG HD3  H N N 34  
ARG HE   H N N 35  
ARG HH11 H N N 36  
ARG HH12 H N N 37  
ARG HH21 H N N 38  
ARG HH22 H N N 39  
ARG HXT  H N N 40  
ASN N    N N N 41  
ASN CA   C N S 42  
ASN C    C N N 43  
ASN O    O N N 44  
ASN CB   C N N 45  
ASN CG   C N N 46  
ASN OD1  O N N 47  
ASN ND2  N N N 48  
ASN OXT  O N N 49  
ASN H    H N N 50  
ASN H2   H N N 51  
ASN HA   H N N 52  
ASN HB2  H N N 53  
ASN HB3  H N N 54  
ASN HD21 H N N 55  
ASN HD22 H N N 56  
ASN HXT  H N N 57  
ASP N    N N N 58  
ASP CA   C N S 59  
ASP C    C N N 60  
ASP O    O N N 61  
ASP CB   C N N 62  
ASP CG   C N N 63  
ASP OD1  O N N 64  
ASP OD2  O N N 65  
ASP OXT  O N N 66  
ASP H    H N N 67  
ASP H2   H N N 68  
ASP HA   H N N 69  
ASP HB2  H N N 70  
ASP HB3  H N N 71  
ASP HD2  H N N 72  
ASP HXT  H N N 73  
GLN N    N N N 74  
GLN CA   C N S 75  
GLN C    C N N 76  
GLN O    O N N 77  
GLN CB   C N N 78  
GLN CG   C N N 79  
GLN CD   C N N 80  
GLN OE1  O N N 81  
GLN NE2  N N N 82  
GLN OXT  O N N 83  
GLN H    H N N 84  
GLN H2   H N N 85  
GLN HA   H N N 86  
GLN HB2  H N N 87  
GLN HB3  H N N 88  
GLN HG2  H N N 89  
GLN HG3  H N N 90  
GLN HE21 H N N 91  
GLN HE22 H N N 92  
GLN HXT  H N N 93  
GLU N    N N N 94  
GLU CA   C N S 95  
GLU C    C N N 96  
GLU O    O N N 97  
GLU CB   C N N 98  
GLU CG   C N N 99  
GLU CD   C N N 100 
GLU OE1  O N N 101 
GLU OE2  O N N 102 
GLU OXT  O N N 103 
GLU H    H N N 104 
GLU H2   H N N 105 
GLU HA   H N N 106 
GLU HB2  H N N 107 
GLU HB3  H N N 108 
GLU HG2  H N N 109 
GLU HG3  H N N 110 
GLU HE2  H N N 111 
GLU HXT  H N N 112 
GLY N    N N N 113 
GLY CA   C N N 114 
GLY C    C N N 115 
GLY O    O N N 116 
GLY OXT  O N N 117 
GLY H    H N N 118 
GLY H2   H N N 119 
GLY HA2  H N N 120 
GLY HA3  H N N 121 
GLY HXT  H N N 122 
HIS N    N N N 123 
HIS CA   C N S 124 
HIS C    C N N 125 
HIS O    O N N 126 
HIS CB   C N N 127 
HIS CG   C Y N 128 
HIS ND1  N Y N 129 
HIS CD2  C Y N 130 
HIS CE1  C Y N 131 
HIS NE2  N Y N 132 
HIS OXT  O N N 133 
HIS H    H N N 134 
HIS H2   H N N 135 
HIS HA   H N N 136 
HIS HB2  H N N 137 
HIS HB3  H N N 138 
HIS HD1  H N N 139 
HIS HD2  H N N 140 
HIS HE1  H N N 141 
HIS HE2  H N N 142 
HIS HXT  H N N 143 
HOH O    O N N 144 
HOH H1   H N N 145 
HOH H2   H N N 146 
ILE N    N N N 147 
ILE CA   C N S 148 
ILE C    C N N 149 
ILE O    O N N 150 
ILE CB   C N S 151 
ILE CG1  C N N 152 
ILE CG2  C N N 153 
ILE CD1  C N N 154 
ILE OXT  O N N 155 
ILE H    H N N 156 
ILE H2   H N N 157 
ILE HA   H N N 158 
ILE HB   H N N 159 
ILE HG12 H N N 160 
ILE HG13 H N N 161 
ILE HG21 H N N 162 
ILE HG22 H N N 163 
ILE HG23 H N N 164 
ILE HD11 H N N 165 
ILE HD12 H N N 166 
ILE HD13 H N N 167 
ILE HXT  H N N 168 
LEU N    N N N 169 
LEU CA   C N S 170 
LEU C    C N N 171 
LEU O    O N N 172 
LEU CB   C N N 173 
LEU CG   C N N 174 
LEU CD1  C N N 175 
LEU CD2  C N N 176 
LEU OXT  O N N 177 
LEU H    H N N 178 
LEU H2   H N N 179 
LEU HA   H N N 180 
LEU HB2  H N N 181 
LEU HB3  H N N 182 
LEU HG   H N N 183 
LEU HD11 H N N 184 
LEU HD12 H N N 185 
LEU HD13 H N N 186 
LEU HD21 H N N 187 
LEU HD22 H N N 188 
LEU HD23 H N N 189 
LEU HXT  H N N 190 
LYS N    N N N 191 
LYS CA   C N S 192 
LYS C    C N N 193 
LYS O    O N N 194 
LYS CB   C N N 195 
LYS CG   C N N 196 
LYS CD   C N N 197 
LYS CE   C N N 198 
LYS NZ   N N N 199 
LYS OXT  O N N 200 
LYS H    H N N 201 
LYS H2   H N N 202 
LYS HA   H N N 203 
LYS HB2  H N N 204 
LYS HB3  H N N 205 
LYS HG2  H N N 206 
LYS HG3  H N N 207 
LYS HD2  H N N 208 
LYS HD3  H N N 209 
LYS HE2  H N N 210 
LYS HE3  H N N 211 
LYS HZ1  H N N 212 
LYS HZ2  H N N 213 
LYS HZ3  H N N 214 
LYS HXT  H N N 215 
MET N    N N N 216 
MET CA   C N S 217 
MET C    C N N 218 
MET O    O N N 219 
MET CB   C N N 220 
MET CG   C N N 221 
MET SD   S N N 222 
MET CE   C N N 223 
MET OXT  O N N 224 
MET H    H N N 225 
MET H2   H N N 226 
MET HA   H N N 227 
MET HB2  H N N 228 
MET HB3  H N N 229 
MET HG2  H N N 230 
MET HG3  H N N 231 
MET HE1  H N N 232 
MET HE2  H N N 233 
MET HE3  H N N 234 
MET HXT  H N N 235 
PHE N    N N N 236 
PHE CA   C N S 237 
PHE C    C N N 238 
PHE O    O N N 239 
PHE CB   C N N 240 
PHE CG   C Y N 241 
PHE CD1  C Y N 242 
PHE CD2  C Y N 243 
PHE CE1  C Y N 244 
PHE CE2  C Y N 245 
PHE CZ   C Y N 246 
PHE OXT  O N N 247 
PHE H    H N N 248 
PHE H2   H N N 249 
PHE HA   H N N 250 
PHE HB2  H N N 251 
PHE HB3  H N N 252 
PHE HD1  H N N 253 
PHE HD2  H N N 254 
PHE HE1  H N N 255 
PHE HE2  H N N 256 
PHE HZ   H N N 257 
PHE HXT  H N N 258 
PRO N    N N N 259 
PRO CA   C N S 260 
PRO C    C N N 261 
PRO O    O N N 262 
PRO CB   C N N 263 
PRO CG   C N N 264 
PRO CD   C N N 265 
PRO OXT  O N N 266 
PRO H    H N N 267 
PRO HA   H N N 268 
PRO HB2  H N N 269 
PRO HB3  H N N 270 
PRO HG2  H N N 271 
PRO HG3  H N N 272 
PRO HD2  H N N 273 
PRO HD3  H N N 274 
PRO HXT  H N N 275 
SER N    N N N 276 
SER CA   C N S 277 
SER C    C N N 278 
SER O    O N N 279 
SER CB   C N N 280 
SER OG   O N N 281 
SER OXT  O N N 282 
SER H    H N N 283 
SER H2   H N N 284 
SER HA   H N N 285 
SER HB2  H N N 286 
SER HB3  H N N 287 
SER HG   H N N 288 
SER HXT  H N N 289 
SO4 S    S N N 290 
SO4 O1   O N N 291 
SO4 O2   O N N 292 
SO4 O3   O N N 293 
SO4 O4   O N N 294 
THR N    N N N 295 
THR CA   C N S 296 
THR C    C N N 297 
THR O    O N N 298 
THR CB   C N R 299 
THR OG1  O N N 300 
THR CG2  C N N 301 
THR OXT  O N N 302 
THR H    H N N 303 
THR H2   H N N 304 
THR HA   H N N 305 
THR HB   H N N 306 
THR HG1  H N N 307 
THR HG21 H N N 308 
THR HG22 H N N 309 
THR HG23 H N N 310 
THR HXT  H N N 311 
TRP N    N N N 312 
TRP CA   C N S 313 
TRP C    C N N 314 
TRP O    O N N 315 
TRP CB   C N N 316 
TRP CG   C Y N 317 
TRP CD1  C Y N 318 
TRP CD2  C Y N 319 
TRP NE1  N Y N 320 
TRP CE2  C Y N 321 
TRP CE3  C Y N 322 
TRP CZ2  C Y N 323 
TRP CZ3  C Y N 324 
TRP CH2  C Y N 325 
TRP OXT  O N N 326 
TRP H    H N N 327 
TRP H2   H N N 328 
TRP HA   H N N 329 
TRP HB2  H N N 330 
TRP HB3  H N N 331 
TRP HD1  H N N 332 
TRP HE1  H N N 333 
TRP HE3  H N N 334 
TRP HZ2  H N N 335 
TRP HZ3  H N N 336 
TRP HH2  H N N 337 
TRP HXT  H N N 338 
TYR N    N N N 339 
TYR CA   C N S 340 
TYR C    C N N 341 
TYR O    O N N 342 
TYR CB   C N N 343 
TYR CG   C Y N 344 
TYR CD1  C Y N 345 
TYR CD2  C Y N 346 
TYR CE1  C Y N 347 
TYR CE2  C Y N 348 
TYR CZ   C Y N 349 
TYR OH   O N N 350 
TYR OXT  O N N 351 
TYR H    H N N 352 
TYR H2   H N N 353 
TYR HA   H N N 354 
TYR HB2  H N N 355 
TYR HB3  H N N 356 
TYR HD1  H N N 357 
TYR HD2  H N N 358 
TYR HE1  H N N 359 
TYR HE2  H N N 360 
TYR HH   H N N 361 
TYR HXT  H N N 362 
VAL N    N N N 363 
VAL CA   C N S 364 
VAL C    C N N 365 
VAL O    O N N 366 
VAL CB   C N N 367 
VAL CG1  C N N 368 
VAL CG2  C N N 369 
VAL OXT  O N N 370 
VAL H    H N N 371 
VAL H2   H N N 372 
VAL HA   H N N 373 
VAL HB   H N N 374 
VAL HG11 H N N 375 
VAL HG12 H N N 376 
VAL HG13 H N N 377 
VAL HG21 H N N 378 
VAL HG22 H N N 379 
VAL HG23 H N N 380 
VAL HXT  H N N 381 
# 
loop_
_chem_comp_bond.comp_id 
_chem_comp_bond.atom_id_1 
_chem_comp_bond.atom_id_2 
_chem_comp_bond.value_order 
_chem_comp_bond.pdbx_aromatic_flag 
_chem_comp_bond.pdbx_stereo_config 
_chem_comp_bond.pdbx_ordinal 
ALA N   CA   sing N N 1   
ALA N   H    sing N N 2   
ALA N   H2   sing N N 3   
ALA CA  C    sing N N 4   
ALA CA  CB   sing N N 5   
ALA CA  HA   sing N N 6   
ALA C   O    doub N N 7   
ALA C   OXT  sing N N 8   
ALA CB  HB1  sing N N 9   
ALA CB  HB2  sing N N 10  
ALA CB  HB3  sing N N 11  
ALA OXT HXT  sing N N 12  
ARG N   CA   sing N N 13  
ARG N   H    sing N N 14  
ARG N   H2   sing N N 15  
ARG CA  C    sing N N 16  
ARG CA  CB   sing N N 17  
ARG CA  HA   sing N N 18  
ARG C   O    doub N N 19  
ARG C   OXT  sing N N 20  
ARG CB  CG   sing N N 21  
ARG CB  HB2  sing N N 22  
ARG CB  HB3  sing N N 23  
ARG CG  CD   sing N N 24  
ARG CG  HG2  sing N N 25  
ARG CG  HG3  sing N N 26  
ARG CD  NE   sing N N 27  
ARG CD  HD2  sing N N 28  
ARG CD  HD3  sing N N 29  
ARG NE  CZ   sing N N 30  
ARG NE  HE   sing N N 31  
ARG CZ  NH1  sing N N 32  
ARG CZ  NH2  doub N N 33  
ARG NH1 HH11 sing N N 34  
ARG NH1 HH12 sing N N 35  
ARG NH2 HH21 sing N N 36  
ARG NH2 HH22 sing N N 37  
ARG OXT HXT  sing N N 38  
ASN N   CA   sing N N 39  
ASN N   H    sing N N 40  
ASN N   H2   sing N N 41  
ASN CA  C    sing N N 42  
ASN CA  CB   sing N N 43  
ASN CA  HA   sing N N 44  
ASN C   O    doub N N 45  
ASN C   OXT  sing N N 46  
ASN CB  CG   sing N N 47  
ASN CB  HB2  sing N N 48  
ASN CB  HB3  sing N N 49  
ASN CG  OD1  doub N N 50  
ASN CG  ND2  sing N N 51  
ASN ND2 HD21 sing N N 52  
ASN ND2 HD22 sing N N 53  
ASN OXT HXT  sing N N 54  
ASP N   CA   sing N N 55  
ASP N   H    sing N N 56  
ASP N   H2   sing N N 57  
ASP CA  C    sing N N 58  
ASP CA  CB   sing N N 59  
ASP CA  HA   sing N N 60  
ASP C   O    doub N N 61  
ASP C   OXT  sing N N 62  
ASP CB  CG   sing N N 63  
ASP CB  HB2  sing N N 64  
ASP CB  HB3  sing N N 65  
ASP CG  OD1  doub N N 66  
ASP CG  OD2  sing N N 67  
ASP OD2 HD2  sing N N 68  
ASP OXT HXT  sing N N 69  
GLN N   CA   sing N N 70  
GLN N   H    sing N N 71  
GLN N   H2   sing N N 72  
GLN CA  C    sing N N 73  
GLN CA  CB   sing N N 74  
GLN CA  HA   sing N N 75  
GLN C   O    doub N N 76  
GLN C   OXT  sing N N 77  
GLN CB  CG   sing N N 78  
GLN CB  HB2  sing N N 79  
GLN CB  HB3  sing N N 80  
GLN CG  CD   sing N N 81  
GLN CG  HG2  sing N N 82  
GLN CG  HG3  sing N N 83  
GLN CD  OE1  doub N N 84  
GLN CD  NE2  sing N N 85  
GLN NE2 HE21 sing N N 86  
GLN NE2 HE22 sing N N 87  
GLN OXT HXT  sing N N 88  
GLU N   CA   sing N N 89  
GLU N   H    sing N N 90  
GLU N   H2   sing N N 91  
GLU CA  C    sing N N 92  
GLU CA  CB   sing N N 93  
GLU CA  HA   sing N N 94  
GLU C   O    doub N N 95  
GLU C   OXT  sing N N 96  
GLU CB  CG   sing N N 97  
GLU CB  HB2  sing N N 98  
GLU CB  HB3  sing N N 99  
GLU CG  CD   sing N N 100 
GLU CG  HG2  sing N N 101 
GLU CG  HG3  sing N N 102 
GLU CD  OE1  doub N N 103 
GLU CD  OE2  sing N N 104 
GLU OE2 HE2  sing N N 105 
GLU OXT HXT  sing N N 106 
GLY N   CA   sing N N 107 
GLY N   H    sing N N 108 
GLY N   H2   sing N N 109 
GLY CA  C    sing N N 110 
GLY CA  HA2  sing N N 111 
GLY CA  HA3  sing N N 112 
GLY C   O    doub N N 113 
GLY C   OXT  sing N N 114 
GLY OXT HXT  sing N N 115 
HIS N   CA   sing N N 116 
HIS N   H    sing N N 117 
HIS N   H2   sing N N 118 
HIS CA  C    sing N N 119 
HIS CA  CB   sing N N 120 
HIS CA  HA   sing N N 121 
HIS C   O    doub N N 122 
HIS C   OXT  sing N N 123 
HIS CB  CG   sing N N 124 
HIS CB  HB2  sing N N 125 
HIS CB  HB3  sing N N 126 
HIS CG  ND1  sing Y N 127 
HIS CG  CD2  doub Y N 128 
HIS ND1 CE1  doub Y N 129 
HIS ND1 HD1  sing N N 130 
HIS CD2 NE2  sing Y N 131 
HIS CD2 HD2  sing N N 132 
HIS CE1 NE2  sing Y N 133 
HIS CE1 HE1  sing N N 134 
HIS NE2 HE2  sing N N 135 
HIS OXT HXT  sing N N 136 
HOH O   H1   sing N N 137 
HOH O   H2   sing N N 138 
ILE N   CA   sing N N 139 
ILE N   H    sing N N 140 
ILE N   H2   sing N N 141 
ILE CA  C    sing N N 142 
ILE CA  CB   sing N N 143 
ILE CA  HA   sing N N 144 
ILE C   O    doub N N 145 
ILE C   OXT  sing N N 146 
ILE CB  CG1  sing N N 147 
ILE CB  CG2  sing N N 148 
ILE CB  HB   sing N N 149 
ILE CG1 CD1  sing N N 150 
ILE CG1 HG12 sing N N 151 
ILE CG1 HG13 sing N N 152 
ILE CG2 HG21 sing N N 153 
ILE CG2 HG22 sing N N 154 
ILE CG2 HG23 sing N N 155 
ILE CD1 HD11 sing N N 156 
ILE CD1 HD12 sing N N 157 
ILE CD1 HD13 sing N N 158 
ILE OXT HXT  sing N N 159 
LEU N   CA   sing N N 160 
LEU N   H    sing N N 161 
LEU N   H2   sing N N 162 
LEU CA  C    sing N N 163 
LEU CA  CB   sing N N 164 
LEU CA  HA   sing N N 165 
LEU C   O    doub N N 166 
LEU C   OXT  sing N N 167 
LEU CB  CG   sing N N 168 
LEU CB  HB2  sing N N 169 
LEU CB  HB3  sing N N 170 
LEU CG  CD1  sing N N 171 
LEU CG  CD2  sing N N 172 
LEU CG  HG   sing N N 173 
LEU CD1 HD11 sing N N 174 
LEU CD1 HD12 sing N N 175 
LEU CD1 HD13 sing N N 176 
LEU CD2 HD21 sing N N 177 
LEU CD2 HD22 sing N N 178 
LEU CD2 HD23 sing N N 179 
LEU OXT HXT  sing N N 180 
LYS N   CA   sing N N 181 
LYS N   H    sing N N 182 
LYS N   H2   sing N N 183 
LYS CA  C    sing N N 184 
LYS CA  CB   sing N N 185 
LYS CA  HA   sing N N 186 
LYS C   O    doub N N 187 
LYS C   OXT  sing N N 188 
LYS CB  CG   sing N N 189 
LYS CB  HB2  sing N N 190 
LYS CB  HB3  sing N N 191 
LYS CG  CD   sing N N 192 
LYS CG  HG2  sing N N 193 
LYS CG  HG3  sing N N 194 
LYS CD  CE   sing N N 195 
LYS CD  HD2  sing N N 196 
LYS CD  HD3  sing N N 197 
LYS CE  NZ   sing N N 198 
LYS CE  HE2  sing N N 199 
LYS CE  HE3  sing N N 200 
LYS NZ  HZ1  sing N N 201 
LYS NZ  HZ2  sing N N 202 
LYS NZ  HZ3  sing N N 203 
LYS OXT HXT  sing N N 204 
MET N   CA   sing N N 205 
MET N   H    sing N N 206 
MET N   H2   sing N N 207 
MET CA  C    sing N N 208 
MET CA  CB   sing N N 209 
MET CA  HA   sing N N 210 
MET C   O    doub N N 211 
MET C   OXT  sing N N 212 
MET CB  CG   sing N N 213 
MET CB  HB2  sing N N 214 
MET CB  HB3  sing N N 215 
MET CG  SD   sing N N 216 
MET CG  HG2  sing N N 217 
MET CG  HG3  sing N N 218 
MET SD  CE   sing N N 219 
MET CE  HE1  sing N N 220 
MET CE  HE2  sing N N 221 
MET CE  HE3  sing N N 222 
MET OXT HXT  sing N N 223 
PHE N   CA   sing N N 224 
PHE N   H    sing N N 225 
PHE N   H2   sing N N 226 
PHE CA  C    sing N N 227 
PHE CA  CB   sing N N 228 
PHE CA  HA   sing N N 229 
PHE C   O    doub N N 230 
PHE C   OXT  sing N N 231 
PHE CB  CG   sing N N 232 
PHE CB  HB2  sing N N 233 
PHE CB  HB3  sing N N 234 
PHE CG  CD1  doub Y N 235 
PHE CG  CD2  sing Y N 236 
PHE CD1 CE1  sing Y N 237 
PHE CD1 HD1  sing N N 238 
PHE CD2 CE2  doub Y N 239 
PHE CD2 HD2  sing N N 240 
PHE CE1 CZ   doub Y N 241 
PHE CE1 HE1  sing N N 242 
PHE CE2 CZ   sing Y N 243 
PHE CE2 HE2  sing N N 244 
PHE CZ  HZ   sing N N 245 
PHE OXT HXT  sing N N 246 
PRO N   CA   sing N N 247 
PRO N   CD   sing N N 248 
PRO N   H    sing N N 249 
PRO CA  C    sing N N 250 
PRO CA  CB   sing N N 251 
PRO CA  HA   sing N N 252 
PRO C   O    doub N N 253 
PRO C   OXT  sing N N 254 
PRO CB  CG   sing N N 255 
PRO CB  HB2  sing N N 256 
PRO CB  HB3  sing N N 257 
PRO CG  CD   sing N N 258 
PRO CG  HG2  sing N N 259 
PRO CG  HG3  sing N N 260 
PRO CD  HD2  sing N N 261 
PRO CD  HD3  sing N N 262 
PRO OXT HXT  sing N N 263 
SER N   CA   sing N N 264 
SER N   H    sing N N 265 
SER N   H2   sing N N 266 
SER CA  C    sing N N 267 
SER CA  CB   sing N N 268 
SER CA  HA   sing N N 269 
SER C   O    doub N N 270 
SER C   OXT  sing N N 271 
SER CB  OG   sing N N 272 
SER CB  HB2  sing N N 273 
SER CB  HB3  sing N N 274 
SER OG  HG   sing N N 275 
SER OXT HXT  sing N N 276 
SO4 S   O1   doub N N 277 
SO4 S   O2   doub N N 278 
SO4 S   O3   sing N N 279 
SO4 S   O4   sing N N 280 
THR N   CA   sing N N 281 
THR N   H    sing N N 282 
THR N   H2   sing N N 283 
THR CA  C    sing N N 284 
THR CA  CB   sing N N 285 
THR CA  HA   sing N N 286 
THR C   O    doub N N 287 
THR C   OXT  sing N N 288 
THR CB  OG1  sing N N 289 
THR CB  CG2  sing N N 290 
THR CB  HB   sing N N 291 
THR OG1 HG1  sing N N 292 
THR CG2 HG21 sing N N 293 
THR CG2 HG22 sing N N 294 
THR CG2 HG23 sing N N 295 
THR OXT HXT  sing N N 296 
TRP N   CA   sing N N 297 
TRP N   H    sing N N 298 
TRP N   H2   sing N N 299 
TRP CA  C    sing N N 300 
TRP CA  CB   sing N N 301 
TRP CA  HA   sing N N 302 
TRP C   O    doub N N 303 
TRP C   OXT  sing N N 304 
TRP CB  CG   sing N N 305 
TRP CB  HB2  sing N N 306 
TRP CB  HB3  sing N N 307 
TRP CG  CD1  doub Y N 308 
TRP CG  CD2  sing Y N 309 
TRP CD1 NE1  sing Y N 310 
TRP CD1 HD1  sing N N 311 
TRP CD2 CE2  doub Y N 312 
TRP CD2 CE3  sing Y N 313 
TRP NE1 CE2  sing Y N 314 
TRP NE1 HE1  sing N N 315 
TRP CE2 CZ2  sing Y N 316 
TRP CE3 CZ3  doub Y N 317 
TRP CE3 HE3  sing N N 318 
TRP CZ2 CH2  doub Y N 319 
TRP CZ2 HZ2  sing N N 320 
TRP CZ3 CH2  sing Y N 321 
TRP CZ3 HZ3  sing N N 322 
TRP CH2 HH2  sing N N 323 
TRP OXT HXT  sing N N 324 
TYR N   CA   sing N N 325 
TYR N   H    sing N N 326 
TYR N   H2   sing N N 327 
TYR CA  C    sing N N 328 
TYR CA  CB   sing N N 329 
TYR CA  HA   sing N N 330 
TYR C   O    doub N N 331 
TYR C   OXT  sing N N 332 
TYR CB  CG   sing N N 333 
TYR CB  HB2  sing N N 334 
TYR CB  HB3  sing N N 335 
TYR CG  CD1  doub Y N 336 
TYR CG  CD2  sing Y N 337 
TYR CD1 CE1  sing Y N 338 
TYR CD1 HD1  sing N N 339 
TYR CD2 CE2  doub Y N 340 
TYR CD2 HD2  sing N N 341 
TYR CE1 CZ   doub Y N 342 
TYR CE1 HE1  sing N N 343 
TYR CE2 CZ   sing Y N 344 
TYR CE2 HE2  sing N N 345 
TYR CZ  OH   sing N N 346 
TYR OH  HH   sing N N 347 
TYR OXT HXT  sing N N 348 
VAL N   CA   sing N N 349 
VAL N   H    sing N N 350 
VAL N   H2   sing N N 351 
VAL CA  C    sing N N 352 
VAL CA  CB   sing N N 353 
VAL CA  HA   sing N N 354 
VAL C   O    doub N N 355 
VAL C   OXT  sing N N 356 
VAL CB  CG1  sing N N 357 
VAL CB  CG2  sing N N 358 
VAL CB  HB   sing N N 359 
VAL CG1 HG11 sing N N 360 
VAL CG1 HG12 sing N N 361 
VAL CG1 HG13 sing N N 362 
VAL CG2 HG21 sing N N 363 
VAL CG2 HG22 sing N N 364 
VAL CG2 HG23 sing N N 365 
VAL OXT HXT  sing N N 366 
# 
_pdbx_audit_support.funding_organization   'Defense Threat Reduction Agency (DTRA)' 
_pdbx_audit_support.country                'United States' 
_pdbx_audit_support.grant_number           CBCALL12-LS6-2-0036 
_pdbx_audit_support.ordinal                1 
# 
loop_
_pdbx_entity_nonpoly.entity_id 
_pdbx_entity_nonpoly.name 
_pdbx_entity_nonpoly.comp_id 
2 'SULFATE ION' SO4 
3 water         HOH 
# 
_pdbx_initial_refinement_model.id               1 
_pdbx_initial_refinement_model.entity_id_list   ? 
_pdbx_initial_refinement_model.type             'experimental model' 
_pdbx_initial_refinement_model.source_name      PDB 
_pdbx_initial_refinement_model.accession_code   4W70 
_pdbx_initial_refinement_model.details          ? 
# 
